data_5T0X
#
_entry.id   5T0X
#
loop_
_entity.id
_entity.type
_entity.pdbx_description
1 polymer Calmodulin
2 polymer 'Estrogen receptor peptide'
3 non-polymer 'CALCIUM ION'
#
loop_
_entity_poly.entity_id
_entity_poly.type
_entity_poly.pdbx_seq_one_letter_code
_entity_poly.pdbx_strand_id
1 'polypeptide(L)'
;ADQLTEEQIAEFKEAFSLFDKDGDGTITTKELGTVMRSLGQNPTEAELQDMINEVDADGNGTIDFPEFLTMMARKMKDTD
SEEEIREAFRVFDKDGNGYISAAELRHVMTNLGEKLTDEEVDEMIREADIDGDGQVNYEEFVQMMTAK
;
A
2 'polypeptide(L)' RAANLWPSPLMIKRSKKNS B,C
#
# COMPACT_ATOMS: atom_id res chain seq x y z
N ALA A 1 -1.48 -11.78 19.88
CA ALA A 1 -2.43 -11.79 21.01
C ALA A 1 -3.81 -12.24 20.53
N ASP A 2 -4.48 -13.06 21.34
CA ASP A 2 -5.81 -13.58 21.04
C ASP A 2 -5.78 -14.43 19.77
N GLN A 3 -6.95 -14.77 19.26
CA GLN A 3 -7.06 -15.57 18.04
C GLN A 3 -8.39 -15.30 17.36
N LEU A 4 -8.65 -16.02 16.28
CA LEU A 4 -9.88 -15.88 15.54
C LEU A 4 -10.41 -17.25 15.13
N THR A 5 -11.70 -17.45 15.31
CA THR A 5 -12.32 -18.71 14.95
C THR A 5 -12.58 -18.78 13.44
N GLU A 6 -11.80 -19.60 12.75
CA GLU A 6 -11.93 -19.75 11.31
C GLU A 6 -13.31 -20.27 10.93
N GLU A 7 -13.90 -21.06 11.82
CA GLU A 7 -15.21 -21.63 11.58
C GLU A 7 -16.28 -20.53 11.56
N GLN A 8 -16.12 -19.56 12.46
CA GLN A 8 -17.09 -18.46 12.55
C GLN A 8 -16.82 -17.42 11.47
N ILE A 9 -15.56 -17.27 11.08
CA ILE A 9 -15.19 -16.31 10.05
C ILE A 9 -15.50 -16.86 8.65
N ALA A 10 -16.04 -18.08 8.61
CA ALA A 10 -16.40 -18.73 7.34
C ALA A 10 -17.45 -17.91 6.60
N GLU A 11 -18.27 -17.19 7.37
CA GLU A 11 -19.31 -16.35 6.80
C GLU A 11 -18.68 -15.16 6.07
N PHE A 12 -17.50 -14.78 6.54
CA PHE A 12 -16.76 -13.67 5.93
C PHE A 12 -16.00 -14.15 4.71
N LYS A 13 -15.72 -15.46 4.67
CA LYS A 13 -15.02 -16.06 3.56
C LYS A 13 -15.87 -15.99 2.30
N GLU A 14 -17.17 -15.76 2.49
CA GLU A 14 -18.10 -15.63 1.38
C GLU A 14 -17.75 -14.40 0.55
N ALA A 15 -16.94 -13.52 1.14
CA ALA A 15 -16.50 -12.31 0.46
C ALA A 15 -15.31 -12.62 -0.43
N PHE A 16 -14.79 -13.84 -0.31
CA PHE A 16 -13.68 -14.28 -1.13
C PHE A 16 -14.21 -15.11 -2.29
N SER A 17 -15.53 -15.15 -2.39
CA SER A 17 -16.21 -15.88 -3.45
C SER A 17 -17.24 -14.99 -4.15
N LEU A 18 -18.26 -14.57 -3.41
CA LEU A 18 -19.32 -13.71 -3.96
C LEU A 18 -18.81 -12.31 -4.22
N PHE A 19 -18.09 -11.75 -3.25
CA PHE A 19 -17.52 -10.41 -3.37
C PHE A 19 -16.43 -10.41 -4.43
N ASP A 20 -15.67 -11.50 -4.47
CA ASP A 20 -14.59 -11.66 -5.44
C ASP A 20 -15.16 -11.71 -6.85
N LYS A 21 -16.24 -12.48 -7.00
CA LYS A 21 -16.94 -12.65 -8.28
C LYS A 21 -16.21 -13.60 -9.24
N ASP A 22 -14.92 -13.37 -9.45
CA ASP A 22 -14.16 -14.24 -10.36
C ASP A 22 -13.89 -15.58 -9.69
N GLY A 23 -13.78 -15.57 -8.36
CA GLY A 23 -13.58 -16.79 -7.62
C GLY A 23 -12.13 -17.26 -7.62
N ASP A 24 -11.21 -16.36 -7.33
CA ASP A 24 -9.80 -16.72 -7.29
C ASP A 24 -9.28 -16.58 -5.86
N GLY A 25 -10.09 -15.96 -5.01
CA GLY A 25 -9.73 -15.78 -3.61
C GLY A 25 -8.84 -14.59 -3.37
N THR A 26 -8.76 -13.70 -4.34
CA THR A 26 -7.94 -12.51 -4.19
C THR A 26 -8.64 -11.28 -4.78
N ILE A 27 -8.91 -10.30 -3.93
CA ILE A 27 -9.55 -9.07 -4.37
C ILE A 27 -8.52 -8.14 -4.98
N THR A 28 -8.69 -7.85 -6.26
CA THR A 28 -7.79 -6.97 -6.97
C THR A 28 -8.58 -5.78 -7.51
N THR A 29 -7.88 -4.83 -8.13
CA THR A 29 -8.51 -3.63 -8.66
C THR A 29 -9.49 -3.91 -9.80
N LYS A 30 -9.30 -5.03 -10.49
CA LYS A 30 -10.16 -5.38 -11.61
C LYS A 30 -11.56 -5.78 -11.17
N GLU A 31 -11.64 -6.85 -10.36
CA GLU A 31 -12.92 -7.34 -9.87
C GLU A 31 -13.59 -6.30 -8.97
N LEU A 32 -12.79 -5.62 -8.15
CA LEU A 32 -13.32 -4.59 -7.26
C LEU A 32 -13.97 -3.49 -8.08
N GLY A 33 -13.29 -3.10 -9.16
CA GLY A 33 -13.81 -2.07 -10.03
C GLY A 33 -15.09 -2.53 -10.72
N THR A 34 -15.21 -3.83 -10.91
CA THR A 34 -16.38 -4.41 -11.55
C THR A 34 -17.58 -4.34 -10.60
N VAL A 35 -17.37 -4.76 -9.36
CA VAL A 35 -18.42 -4.74 -8.35
C VAL A 35 -18.85 -3.30 -8.06
N MET A 36 -17.88 -2.41 -7.93
CA MET A 36 -18.15 -1.01 -7.65
C MET A 36 -18.78 -0.29 -8.84
N ARG A 37 -18.71 -0.91 -10.01
CA ARG A 37 -19.27 -0.31 -11.22
C ARG A 37 -20.76 -0.64 -11.32
N SER A 38 -21.14 -1.82 -10.88
CA SER A 38 -22.53 -2.26 -10.92
C SER A 38 -23.24 -1.87 -9.62
N LEU A 39 -22.53 -2.02 -8.51
CA LEU A 39 -23.08 -1.70 -7.19
C LEU A 39 -22.33 -0.53 -6.59
N GLY A 40 -22.35 0.60 -7.29
CA GLY A 40 -21.67 1.78 -6.82
C GLY A 40 -21.82 2.95 -7.76
N GLN A 41 -21.17 2.84 -8.93
CA GLN A 41 -21.21 3.88 -9.95
C GLN A 41 -20.73 5.22 -9.41
N ASN A 42 -19.72 5.17 -8.56
CA ASN A 42 -19.17 6.38 -7.97
C ASN A 42 -17.64 6.36 -7.93
N PRO A 43 -16.99 5.29 -7.41
CA PRO A 43 -15.53 5.22 -7.35
C PRO A 43 -14.87 5.25 -8.72
N THR A 44 -13.95 6.19 -8.89
CA THR A 44 -13.21 6.34 -10.14
C THR A 44 -12.05 5.34 -10.19
N GLU A 45 -11.29 5.36 -11.27
CA GLU A 45 -10.17 4.43 -11.44
C GLU A 45 -9.13 4.66 -10.35
N ALA A 46 -8.81 5.91 -10.09
CA ALA A 46 -7.83 6.24 -9.06
C ALA A 46 -8.40 5.98 -7.67
N GLU A 47 -9.72 6.03 -7.56
CA GLU A 47 -10.40 5.81 -6.29
C GLU A 47 -10.27 4.37 -5.84
N LEU A 48 -10.64 3.43 -6.72
CA LEU A 48 -10.56 2.01 -6.39
C LEU A 48 -9.12 1.60 -6.08
N GLN A 49 -8.17 2.29 -6.70
CA GLN A 49 -6.76 2.03 -6.47
C GLN A 49 -6.38 2.43 -5.04
N ASP A 50 -6.75 3.65 -4.67
CA ASP A 50 -6.47 4.15 -3.32
C ASP A 50 -7.24 3.34 -2.30
N MET A 51 -8.44 2.91 -2.69
CA MET A 51 -9.28 2.11 -1.83
C MET A 51 -8.58 0.80 -1.48
N ILE A 52 -7.99 0.14 -2.48
CA ILE A 52 -7.27 -1.11 -2.25
C ILE A 52 -6.06 -0.87 -1.34
N ASN A 53 -5.48 0.32 -1.44
CA ASN A 53 -4.34 0.68 -0.62
C ASN A 53 -4.80 0.98 0.80
N GLU A 54 -6.12 1.10 0.96
CA GLU A 54 -6.72 1.37 2.26
C GLU A 54 -7.08 0.04 2.93
N VAL A 55 -6.92 -1.04 2.18
CA VAL A 55 -7.21 -2.38 2.69
C VAL A 55 -5.92 -3.13 3.00
N ASP A 56 -4.97 -3.05 2.08
CA ASP A 56 -3.68 -3.72 2.24
C ASP A 56 -2.87 -3.06 3.36
N ALA A 57 -2.97 -3.63 4.56
CA ALA A 57 -2.29 -3.08 5.73
C ALA A 57 -0.94 -3.75 5.95
N ASP A 58 -0.63 -4.76 5.15
CA ASP A 58 0.64 -5.46 5.27
C ASP A 58 1.64 -4.98 4.23
N GLY A 59 1.12 -4.45 3.13
CA GLY A 59 1.97 -3.94 2.08
C GLY A 59 2.45 -5.02 1.12
N ASN A 60 1.76 -6.15 1.09
CA ASN A 60 2.16 -7.23 0.19
C ASN A 60 1.59 -7.00 -1.20
N GLY A 61 0.69 -6.02 -1.31
CA GLY A 61 0.08 -5.68 -2.59
C GLY A 61 -0.96 -6.70 -3.04
N THR A 62 -1.59 -7.36 -2.08
CA THR A 62 -2.62 -8.35 -2.40
C THR A 62 -3.58 -8.53 -1.24
N ILE A 63 -4.88 -8.48 -1.53
CA ILE A 63 -5.89 -8.65 -0.48
C ILE A 63 -5.90 -10.08 0.00
N ASP A 64 -5.53 -10.28 1.25
CA ASP A 64 -5.50 -11.60 1.83
C ASP A 64 -6.51 -11.70 2.96
N PHE A 65 -6.90 -12.92 3.28
CA PHE A 65 -7.89 -13.19 4.32
C PHE A 65 -7.49 -12.67 5.70
N PRO A 66 -6.25 -12.89 6.18
CA PRO A 66 -5.81 -12.41 7.49
C PRO A 66 -6.00 -10.89 7.68
N GLU A 67 -5.66 -10.11 6.67
CA GLU A 67 -5.78 -8.66 6.77
C GLU A 67 -7.24 -8.21 6.63
N PHE A 68 -8.07 -9.06 6.02
CA PHE A 68 -9.48 -8.76 5.84
C PHE A 68 -10.12 -8.44 7.20
N LEU A 69 -9.81 -9.28 8.18
CA LEU A 69 -10.34 -9.10 9.53
C LEU A 69 -9.78 -7.82 10.16
N THR A 70 -8.48 -7.60 9.97
CA THR A 70 -7.81 -6.42 10.52
C THR A 70 -8.44 -5.13 10.00
N MET A 71 -8.70 -5.08 8.69
CA MET A 71 -9.29 -3.91 8.06
C MET A 71 -10.66 -3.60 8.64
N MET A 72 -11.43 -4.63 8.88
CA MET A 72 -12.78 -4.48 9.41
C MET A 72 -12.81 -4.66 10.93
N ALA A 73 -11.73 -4.28 11.61
CA ALA A 73 -11.67 -4.40 13.07
C ALA A 73 -10.82 -3.31 13.71
N ARG A 74 -9.53 -3.30 13.42
CA ARG A 74 -8.62 -2.32 14.04
C ARG A 74 -7.74 -1.63 13.01
N LYS A 75 -8.02 -0.35 12.77
CA LYS A 75 -7.24 0.44 11.83
C LYS A 75 -6.23 1.32 12.57
N MET A 76 -5.16 0.71 13.06
CA MET A 76 -4.12 1.43 13.78
C MET A 76 -2.76 0.90 13.35
N LYS A 77 -1.79 1.81 13.21
CA LYS A 77 -0.45 1.43 12.80
C LYS A 77 0.60 2.03 13.73
N ASP A 78 1.54 1.20 14.15
CA ASP A 78 2.62 1.62 15.04
C ASP A 78 3.84 2.09 14.23
N THR A 79 4.79 2.71 14.94
CA THR A 79 6.03 3.21 14.35
C THR A 79 7.02 3.52 15.48
N ASP A 80 8.25 3.00 15.40
CA ASP A 80 9.22 3.23 16.48
C ASP A 80 10.59 2.61 16.21
N SER A 81 10.86 2.25 14.96
CA SER A 81 12.14 1.64 14.63
C SER A 81 12.90 2.46 13.59
N GLU A 82 12.17 3.26 12.86
CA GLU A 82 12.73 4.07 11.79
C GLU A 82 13.16 5.47 12.27
N GLU A 83 13.52 5.65 13.55
CA GLU A 83 13.85 7.00 14.12
C GLU A 83 14.36 8.08 13.12
N GLU A 84 15.67 8.13 12.84
CA GLU A 84 16.24 9.15 11.92
C GLU A 84 15.65 9.04 10.52
N ILE A 85 15.66 7.84 9.98
CA ILE A 85 15.14 7.59 8.65
C ILE A 85 13.65 7.89 8.59
N ARG A 86 13.00 8.03 9.76
CA ARG A 86 11.57 8.34 9.87
C ARG A 86 11.39 9.79 9.49
N GLU A 87 12.33 10.60 9.95
CA GLU A 87 12.31 12.01 9.63
C GLU A 87 12.39 12.16 8.11
N ALA A 88 13.10 11.23 7.46
CA ALA A 88 13.22 11.24 6.00
C ALA A 88 12.06 10.47 5.35
N PHE A 89 11.69 9.37 5.99
CA PHE A 89 10.63 8.47 5.54
C PHE A 89 9.28 9.13 5.45
N ARG A 90 8.92 9.94 6.42
CA ARG A 90 7.63 10.61 6.40
C ARG A 90 7.49 11.50 5.16
N VAL A 91 8.61 11.95 4.65
CA VAL A 91 8.63 12.79 3.46
C VAL A 91 8.75 11.91 2.20
N PHE A 92 9.49 10.82 2.35
CA PHE A 92 9.71 9.88 1.25
C PHE A 92 8.48 9.00 0.99
N ASP A 93 7.72 8.75 2.03
CA ASP A 93 6.52 7.91 1.92
C ASP A 93 5.36 8.67 1.32
N LYS A 94 5.17 9.92 1.77
CA LYS A 94 4.10 10.80 1.28
C LYS A 94 2.69 10.26 1.60
N ASP A 95 2.26 9.25 0.83
CA ASP A 95 0.93 8.66 0.99
C ASP A 95 0.74 8.03 2.36
N GLY A 96 1.81 7.50 2.93
CA GLY A 96 1.70 6.88 4.23
C GLY A 96 1.35 5.41 4.13
N ASN A 97 2.24 4.65 3.52
CA ASN A 97 2.04 3.21 3.35
C ASN A 97 3.36 2.47 3.47
N GLY A 98 4.39 3.19 3.89
CA GLY A 98 5.70 2.59 4.08
C GLY A 98 6.53 2.48 2.81
N TYR A 99 6.08 1.64 1.89
CA TYR A 99 6.78 1.39 0.64
C TYR A 99 6.71 2.56 -0.33
N ILE A 100 7.74 2.68 -1.16
CA ILE A 100 7.79 3.71 -2.19
C ILE A 100 7.10 3.20 -3.44
N SER A 101 6.14 3.95 -3.95
CA SER A 101 5.44 3.55 -5.15
C SER A 101 6.11 4.18 -6.38
N ALA A 102 6.15 5.51 -6.40
CA ALA A 102 6.76 6.28 -7.50
C ALA A 102 6.44 7.77 -7.37
N ALA A 103 5.16 8.05 -7.15
CA ALA A 103 4.67 9.42 -7.03
C ALA A 103 5.36 10.20 -5.91
N GLU A 104 5.81 9.49 -4.89
CA GLU A 104 6.48 10.13 -3.76
C GLU A 104 7.80 10.77 -4.17
N LEU A 105 8.62 10.02 -4.89
CA LEU A 105 9.91 10.52 -5.35
C LEU A 105 9.70 11.64 -6.35
N ARG A 106 8.55 11.61 -7.00
CA ARG A 106 8.19 12.62 -8.00
C ARG A 106 8.02 13.98 -7.32
N HIS A 107 8.06 13.98 -6.00
CA HIS A 107 7.94 15.20 -5.23
C HIS A 107 9.27 15.56 -4.58
N VAL A 108 9.89 14.60 -3.88
CA VAL A 108 11.15 14.84 -3.20
C VAL A 108 12.32 15.04 -4.17
N MET A 109 12.30 14.35 -5.31
CA MET A 109 13.38 14.48 -6.29
C MET A 109 13.22 15.77 -7.09
N THR A 110 11.99 16.18 -7.32
CA THR A 110 11.72 17.41 -8.06
C THR A 110 12.02 18.60 -7.16
N ASN A 111 11.99 18.36 -5.86
CA ASN A 111 12.28 19.40 -4.88
C ASN A 111 13.71 19.24 -4.39
N LEU A 112 14.45 18.36 -5.04
CA LEU A 112 15.83 18.10 -4.70
C LEU A 112 16.73 19.12 -5.40
N GLY A 113 16.20 19.72 -6.45
CA GLY A 113 16.92 20.71 -7.21
C GLY A 113 16.54 20.67 -8.67
N GLU A 114 16.61 19.48 -9.24
CA GLU A 114 16.26 19.28 -10.63
C GLU A 114 14.81 18.79 -10.74
N LYS A 115 14.40 18.44 -11.94
CA LYS A 115 13.05 17.94 -12.17
C LYS A 115 13.09 16.44 -12.43
N LEU A 116 12.22 15.70 -11.75
CA LEU A 116 12.17 14.25 -11.90
C LEU A 116 11.10 13.87 -12.91
N THR A 117 11.53 13.22 -13.98
CA THR A 117 10.63 12.77 -15.02
C THR A 117 10.07 11.39 -14.69
N ASP A 118 8.81 11.16 -15.06
CA ASP A 118 8.13 9.90 -14.78
C ASP A 118 8.81 8.71 -15.46
N GLU A 119 9.60 8.98 -16.49
CA GLU A 119 10.30 7.93 -17.21
C GLU A 119 11.50 7.42 -16.40
N GLU A 120 12.05 8.29 -15.57
CA GLU A 120 13.20 7.94 -14.74
C GLU A 120 12.77 7.44 -13.37
N VAL A 121 11.51 7.68 -13.02
CA VAL A 121 11.01 7.26 -11.72
C VAL A 121 10.99 5.74 -11.58
N ASP A 122 10.89 5.04 -12.70
CA ASP A 122 10.89 3.57 -12.67
C ASP A 122 12.31 3.05 -12.62
N GLU A 123 13.18 3.66 -13.42
CA GLU A 123 14.58 3.28 -13.50
C GLU A 123 15.28 3.46 -12.15
N MET A 124 14.91 4.53 -11.45
CA MET A 124 15.53 4.85 -10.16
C MET A 124 15.18 3.82 -9.09
N ILE A 125 13.92 3.44 -9.00
CA ILE A 125 13.50 2.47 -7.99
C ILE A 125 13.98 1.08 -8.37
N ARG A 126 14.13 0.82 -9.67
CA ARG A 126 14.61 -0.47 -10.13
C ARG A 126 16.08 -0.66 -9.76
N GLU A 127 16.71 0.47 -9.42
CA GLU A 127 18.10 0.47 -8.98
C GLU A 127 18.13 0.44 -7.45
N ALA A 128 17.05 0.94 -6.87
CA ALA A 128 16.88 1.00 -5.43
C ALA A 128 16.49 -0.35 -4.86
N ASP A 129 15.54 -0.98 -5.53
CA ASP A 129 15.04 -2.27 -5.13
C ASP A 129 16.07 -3.35 -5.35
N ILE A 130 16.68 -3.79 -4.26
CA ILE A 130 17.71 -4.82 -4.33
C ILE A 130 17.08 -6.20 -4.44
N ASP A 131 15.90 -6.36 -3.86
CA ASP A 131 15.19 -7.64 -3.88
C ASP A 131 14.57 -7.87 -5.24
N GLY A 132 14.01 -6.81 -5.82
CA GLY A 132 13.39 -6.92 -7.12
C GLY A 132 11.92 -7.30 -6.99
N ASP A 133 11.30 -6.84 -5.91
CA ASP A 133 9.90 -7.12 -5.63
C ASP A 133 9.01 -6.02 -6.20
N GLY A 134 9.62 -4.89 -6.52
CA GLY A 134 8.89 -3.78 -7.09
C GLY A 134 8.55 -2.71 -6.06
N GLN A 135 9.04 -2.88 -4.84
CA GLN A 135 8.76 -1.92 -3.78
C GLN A 135 10.02 -1.57 -2.99
N VAL A 136 10.00 -0.39 -2.37
CA VAL A 136 11.12 0.08 -1.56
C VAL A 136 10.74 0.02 -0.09
N ASN A 137 11.33 -0.93 0.63
CA ASN A 137 11.05 -1.08 2.04
C ASN A 137 12.17 -0.43 2.85
N TYR A 138 11.89 -0.20 4.13
CA TYR A 138 12.85 0.41 5.05
C TYR A 138 14.13 -0.42 5.13
N GLU A 139 13.97 -1.72 4.97
CA GLU A 139 15.10 -2.66 5.04
C GLU A 139 16.18 -2.32 4.02
N GLU A 140 15.81 -2.35 2.74
CA GLU A 140 16.76 -2.07 1.66
C GLU A 140 17.15 -0.59 1.64
N PHE A 141 16.32 0.25 2.24
CA PHE A 141 16.59 1.69 2.29
C PHE A 141 17.83 1.97 3.11
N VAL A 142 17.92 1.35 4.29
CA VAL A 142 19.07 1.56 5.16
C VAL A 142 20.24 0.65 4.78
N GLN A 143 19.92 -0.51 4.24
CA GLN A 143 20.95 -1.48 3.83
C GLN A 143 21.49 -1.18 2.44
N MET A 144 21.47 0.09 2.07
CA MET A 144 21.96 0.51 0.77
C MET A 144 22.96 1.66 0.89
N MET A 145 22.60 2.69 1.66
CA MET A 145 23.47 3.84 1.82
C MET A 145 24.17 3.84 3.17
N THR A 146 23.39 3.72 4.24
CA THR A 146 23.93 3.72 5.60
C THR A 146 24.81 2.50 5.86
N ALA A 147 24.43 1.37 5.27
CA ALA A 147 25.17 0.14 5.42
C ALA A 147 26.19 0.01 4.30
N LYS A 148 27.46 0.20 4.65
CA LYS A 148 28.54 0.12 3.69
C LYS A 148 28.93 -1.33 3.44
N ARG B 1 -12.79 5.51 1.07
CA ARG B 1 -11.98 4.58 1.86
C ARG B 1 -12.41 3.14 1.61
N ALA B 2 -11.76 2.20 2.28
CA ALA B 2 -12.06 0.79 2.09
C ALA B 2 -13.05 0.26 3.12
N ALA B 3 -12.84 0.58 4.40
CA ALA B 3 -13.70 0.07 5.47
C ALA B 3 -15.17 0.45 5.32
N ASN B 4 -15.49 1.47 4.55
CA ASN B 4 -16.89 1.84 4.34
C ASN B 4 -17.42 1.12 3.08
N LEU B 5 -16.59 1.12 2.06
CA LEU B 5 -16.94 0.51 0.80
C LEU B 5 -17.00 -1.00 0.93
N TRP B 6 -15.98 -1.62 1.52
CA TRP B 6 -15.94 -3.08 1.68
C TRP B 6 -17.25 -3.64 2.27
N PRO B 7 -17.76 -3.10 3.41
CA PRO B 7 -19.03 -3.57 3.98
C PRO B 7 -20.23 -3.35 3.07
N SER B 8 -20.18 -2.32 2.20
CA SER B 8 -21.29 -2.07 1.27
C SER B 8 -21.55 -3.32 0.38
N PRO B 9 -20.68 -3.71 -0.60
CA PRO B 9 -20.91 -4.94 -1.38
C PRO B 9 -21.03 -6.16 -0.48
N LEU B 10 -20.43 -6.09 0.72
CA LEU B 10 -20.50 -7.17 1.69
C LEU B 10 -21.95 -7.33 2.17
N MET B 11 -22.63 -6.20 2.29
CA MET B 11 -24.02 -6.16 2.69
C MET B 11 -24.87 -6.77 1.58
N ILE B 12 -24.53 -6.42 0.34
CA ILE B 12 -25.22 -6.95 -0.82
C ILE B 12 -24.97 -8.45 -0.88
N LYS B 13 -23.78 -8.85 -0.44
CA LYS B 13 -23.38 -10.24 -0.41
C LYS B 13 -24.30 -11.00 0.54
N ARG B 14 -24.64 -10.35 1.65
CA ARG B 14 -25.53 -10.94 2.64
C ARG B 14 -26.89 -11.17 2.01
N SER B 15 -27.32 -10.19 1.24
CA SER B 15 -28.59 -10.25 0.55
C SER B 15 -28.56 -11.36 -0.51
N LYS B 16 -27.41 -11.53 -1.14
CA LYS B 16 -27.22 -12.57 -2.15
C LYS B 16 -27.24 -13.95 -1.50
N LYS B 17 -26.69 -14.03 -0.30
CA LYS B 17 -26.67 -15.29 0.46
C LYS B 17 -28.06 -15.61 0.97
N ASN B 18 -28.86 -14.57 1.15
CA ASN B 18 -30.24 -14.71 1.64
C ASN B 18 -31.18 -15.00 0.48
N SER B 19 -30.73 -14.71 -0.73
CA SER B 19 -31.54 -14.92 -1.93
C SER B 19 -31.48 -16.38 -2.36
N ARG C 1 20.23 8.62 -14.42
CA ARG C 1 19.44 7.84 -13.45
C ARG C 1 19.30 8.57 -12.12
N ALA C 2 18.05 8.69 -11.66
CA ALA C 2 17.73 9.36 -10.40
C ALA C 2 18.24 8.58 -9.19
N ALA C 3 18.81 7.40 -9.45
CA ALA C 3 19.36 6.56 -8.39
C ALA C 3 20.28 7.36 -7.47
N ASN C 4 21.16 8.17 -8.06
CA ASN C 4 22.07 9.01 -7.26
C ASN C 4 21.28 10.03 -6.45
N LEU C 5 20.09 10.32 -6.92
CA LEU C 5 19.22 11.25 -6.23
C LEU C 5 18.60 10.55 -5.01
N TRP C 6 18.52 9.22 -5.05
CA TRP C 6 18.01 8.43 -3.90
C TRP C 6 18.85 8.80 -2.66
N PRO C 7 20.20 8.61 -2.72
CA PRO C 7 21.07 8.91 -1.59
C PRO C 7 21.14 10.39 -1.28
N SER C 8 20.90 11.26 -2.25
CA SER C 8 20.96 12.68 -1.98
C SER C 8 19.99 13.08 -0.82
N PRO C 9 18.63 13.10 -0.98
CA PRO C 9 17.74 13.40 0.15
C PRO C 9 18.06 12.61 1.41
N LEU C 10 18.41 11.32 1.28
CA LEU C 10 18.72 10.54 2.47
C LEU C 10 20.03 11.01 3.12
N MET C 11 21.02 11.37 2.30
CA MET C 11 22.30 11.85 2.79
C MET C 11 22.13 13.24 3.40
N ILE C 12 21.36 14.08 2.71
CA ILE C 12 21.09 15.42 3.17
C ILE C 12 20.37 15.36 4.52
N LYS C 13 19.47 14.39 4.66
CA LYS C 13 18.75 14.19 5.91
C LYS C 13 19.72 13.83 7.01
N ARG C 14 20.61 12.89 6.71
CA ARG C 14 21.62 12.43 7.65
C ARG C 14 22.51 13.60 8.07
N SER C 15 22.88 14.42 7.10
CA SER C 15 23.72 15.58 7.36
C SER C 15 22.97 16.60 8.23
N LYS C 16 21.73 16.87 7.87
CA LYS C 16 20.89 17.81 8.61
C LYS C 16 20.63 17.31 10.02
N LYS C 17 20.42 16.00 10.15
CA LYS C 17 20.16 15.39 11.44
C LYS C 17 21.43 15.32 12.28
N ASN C 18 22.57 15.33 11.60
CA ASN C 18 23.87 15.27 12.26
C ASN C 18 24.30 16.68 12.66
N SER C 19 23.73 17.66 12.00
CA SER C 19 24.03 19.06 12.27
C SER C 19 23.14 19.59 13.39
N ALA A 1 -0.97 -11.12 19.24
CA ALA A 1 -1.62 -12.07 20.18
C ALA A 1 -3.05 -12.35 19.72
N ASP A 2 -3.89 -12.77 20.66
CA ASP A 2 -5.30 -13.07 20.38
C ASP A 2 -5.43 -14.32 19.53
N GLN A 3 -6.67 -14.67 19.19
CA GLN A 3 -6.94 -15.83 18.35
C GLN A 3 -8.14 -15.56 17.47
N LEU A 4 -8.09 -16.03 16.24
CA LEU A 4 -9.17 -15.84 15.30
C LEU A 4 -10.02 -17.09 15.20
N THR A 5 -11.32 -16.91 15.06
CA THR A 5 -12.24 -18.03 14.96
C THR A 5 -12.35 -18.51 13.51
N GLU A 6 -11.72 -19.64 13.23
CA GLU A 6 -11.74 -20.22 11.88
C GLU A 6 -13.15 -20.60 11.46
N GLU A 7 -14.01 -20.86 12.44
CA GLU A 7 -15.40 -21.22 12.16
C GLU A 7 -16.24 -19.98 11.83
N GLN A 8 -16.00 -18.90 12.55
CA GLN A 8 -16.76 -17.67 12.33
C GLN A 8 -16.29 -16.97 11.05
N ILE A 9 -15.01 -17.14 10.72
CA ILE A 9 -14.44 -16.52 9.52
C ILE A 9 -14.97 -17.20 8.24
N ALA A 10 -15.71 -18.30 8.41
CA ALA A 10 -16.26 -19.03 7.28
C ALA A 10 -17.23 -18.14 6.50
N GLU A 11 -18.02 -17.35 7.22
CA GLU A 11 -18.98 -16.46 6.59
C GLU A 11 -18.24 -15.24 6.05
N PHE A 12 -17.11 -14.92 6.66
CA PHE A 12 -16.29 -13.80 6.21
C PHE A 12 -15.72 -14.12 4.84
N LYS A 13 -15.56 -15.42 4.59
CA LYS A 13 -15.05 -15.90 3.31
C LYS A 13 -16.06 -15.61 2.21
N GLU A 14 -17.33 -15.53 2.58
CA GLU A 14 -18.37 -15.23 1.60
C GLU A 14 -18.18 -13.80 1.11
N ALA A 15 -17.73 -12.95 2.04
CA ALA A 15 -17.48 -11.55 1.73
C ALA A 15 -16.18 -11.41 0.95
N PHE A 16 -15.56 -12.54 0.67
CA PHE A 16 -14.33 -12.56 -0.09
C PHE A 16 -14.57 -13.22 -1.45
N SER A 17 -15.18 -14.40 -1.42
CA SER A 17 -15.48 -15.14 -2.64
C SER A 17 -16.53 -14.42 -3.50
N LEU A 18 -17.65 -14.04 -2.89
CA LEU A 18 -18.72 -13.36 -3.62
C LEU A 18 -18.29 -11.94 -4.00
N PHE A 19 -17.39 -11.38 -3.22
CA PHE A 19 -16.87 -10.04 -3.47
C PHE A 19 -15.86 -10.08 -4.60
N ASP A 20 -15.08 -11.17 -4.61
CA ASP A 20 -14.04 -11.39 -5.62
C ASP A 20 -14.65 -11.40 -7.02
N LYS A 21 -15.86 -11.94 -7.13
CA LYS A 21 -16.62 -12.01 -8.38
C LYS A 21 -16.02 -13.03 -9.37
N ASP A 22 -14.70 -13.12 -9.40
CA ASP A 22 -14.02 -14.07 -10.28
C ASP A 22 -13.75 -15.37 -9.53
N GLY A 23 -13.75 -15.28 -8.21
CA GLY A 23 -13.52 -16.43 -7.37
C GLY A 23 -12.13 -17.01 -7.55
N ASP A 24 -11.15 -16.14 -7.66
CA ASP A 24 -9.76 -16.58 -7.84
C ASP A 24 -9.07 -16.67 -6.48
N GLY A 25 -9.52 -15.86 -5.53
CA GLY A 25 -8.96 -15.89 -4.20
C GLY A 25 -8.23 -14.61 -3.81
N THR A 26 -8.11 -13.67 -4.73
CA THR A 26 -7.42 -12.42 -4.44
C THR A 26 -8.17 -11.21 -5.00
N ILE A 27 -8.42 -10.23 -4.15
CA ILE A 27 -9.12 -9.01 -4.56
C ILE A 27 -8.11 -7.97 -5.03
N THR A 28 -8.31 -7.48 -6.24
CA THR A 28 -7.45 -6.47 -6.82
C THR A 28 -8.27 -5.34 -7.42
N THR A 29 -7.58 -4.41 -8.08
CA THR A 29 -8.22 -3.25 -8.69
C THR A 29 -9.18 -3.67 -9.82
N LYS A 30 -8.93 -4.84 -10.39
CA LYS A 30 -9.74 -5.37 -11.47
C LYS A 30 -11.17 -5.64 -11.02
N GLU A 31 -11.33 -6.59 -10.12
CA GLU A 31 -12.64 -6.98 -9.62
C GLU A 31 -13.26 -5.87 -8.75
N LEU A 32 -12.43 -5.22 -7.93
CA LEU A 32 -12.92 -4.15 -7.09
C LEU A 32 -13.48 -3.02 -7.95
N GLY A 33 -12.81 -2.76 -9.06
CA GLY A 33 -13.23 -1.72 -9.96
C GLY A 33 -14.57 -2.04 -10.62
N THR A 34 -14.94 -3.31 -10.59
CA THR A 34 -16.20 -3.74 -11.17
C THR A 34 -17.34 -3.57 -10.16
N VAL A 35 -17.15 -4.13 -8.96
CA VAL A 35 -18.17 -4.05 -7.91
C VAL A 35 -18.36 -2.60 -7.47
N MET A 36 -17.26 -1.87 -7.34
CA MET A 36 -17.32 -0.48 -6.91
C MET A 36 -17.84 0.42 -8.03
N ARG A 37 -18.02 -0.15 -9.20
CA ARG A 37 -18.54 0.59 -10.34
C ARG A 37 -20.04 0.37 -10.45
N SER A 38 -20.45 -0.89 -10.38
CA SER A 38 -21.86 -1.24 -10.46
C SER A 38 -22.60 -0.88 -9.18
N LEU A 39 -22.09 -1.34 -8.04
CA LEU A 39 -22.72 -1.07 -6.76
C LEU A 39 -22.26 0.28 -6.20
N GLY A 40 -20.97 0.55 -6.32
CA GLY A 40 -20.43 1.81 -5.82
C GLY A 40 -20.89 2.99 -6.65
N GLN A 41 -20.77 2.86 -7.98
CA GLN A 41 -21.16 3.89 -8.94
C GLN A 41 -20.75 5.30 -8.50
N ASN A 42 -19.52 5.42 -8.03
CA ASN A 42 -19.00 6.71 -7.55
C ASN A 42 -17.47 6.74 -7.56
N PRO A 43 -16.77 5.73 -6.98
CA PRO A 43 -15.30 5.70 -6.94
C PRO A 43 -14.66 5.75 -8.33
N THR A 44 -13.69 6.63 -8.50
CA THR A 44 -12.99 6.79 -9.76
C THR A 44 -11.75 5.90 -9.78
N GLU A 45 -11.01 5.94 -10.89
CA GLU A 45 -9.79 5.16 -11.04
C GLU A 45 -8.78 5.50 -9.95
N ALA A 46 -8.62 6.80 -9.68
CA ALA A 46 -7.70 7.26 -8.66
C ALA A 46 -8.11 6.76 -7.28
N GLU A 47 -9.42 6.63 -7.08
CA GLU A 47 -9.95 6.18 -5.81
C GLU A 47 -9.66 4.70 -5.61
N LEU A 48 -10.15 3.86 -6.52
CA LEU A 48 -9.96 2.40 -6.41
C LEU A 48 -8.49 2.00 -6.34
N GLN A 49 -7.62 2.73 -7.01
CA GLN A 49 -6.19 2.43 -6.99
C GLN A 49 -5.61 2.65 -5.60
N ASP A 50 -5.87 3.83 -5.04
CA ASP A 50 -5.39 4.18 -3.71
C ASP A 50 -6.11 3.34 -2.66
N MET A 51 -7.39 3.13 -2.91
CA MET A 51 -8.27 2.36 -2.04
C MET A 51 -7.81 0.91 -1.91
N ILE A 52 -7.29 0.32 -2.99
CA ILE A 52 -6.81 -1.05 -2.94
C ILE A 52 -5.61 -1.18 -2.01
N ASN A 53 -4.83 -0.11 -1.89
CA ASN A 53 -3.66 -0.14 -1.02
C ASN A 53 -4.13 0.01 0.43
N GLU A 54 -5.30 0.61 0.62
CA GLU A 54 -5.85 0.78 1.96
C GLU A 54 -6.15 -0.60 2.55
N VAL A 55 -6.70 -1.46 1.72
CA VAL A 55 -7.04 -2.82 2.14
C VAL A 55 -5.80 -3.70 2.24
N ASP A 56 -4.86 -3.52 1.31
CA ASP A 56 -3.62 -4.30 1.32
C ASP A 56 -2.74 -3.87 2.50
N ALA A 57 -2.72 -4.68 3.54
CA ALA A 57 -1.96 -4.37 4.74
C ALA A 57 -0.52 -4.84 4.63
N ASP A 58 -0.29 -5.91 3.89
CA ASP A 58 1.07 -6.43 3.73
C ASP A 58 1.77 -5.73 2.56
N GLY A 59 1.00 -5.32 1.57
CA GLY A 59 1.56 -4.62 0.43
C GLY A 59 2.14 -5.53 -0.63
N ASN A 60 1.58 -6.73 -0.77
CA ASN A 60 2.08 -7.68 -1.77
C ASN A 60 1.50 -7.38 -3.15
N GLY A 61 0.53 -6.47 -3.21
CA GLY A 61 -0.07 -6.10 -4.48
C GLY A 61 -1.44 -6.72 -4.70
N THR A 62 -2.09 -7.11 -3.62
CA THR A 62 -3.41 -7.71 -3.69
C THR A 62 -3.93 -8.03 -2.29
N ILE A 63 -5.23 -8.21 -2.17
CA ILE A 63 -5.82 -8.52 -0.88
C ILE A 63 -5.90 -10.02 -0.69
N ASP A 64 -5.30 -10.47 0.38
CA ASP A 64 -5.26 -11.88 0.72
C ASP A 64 -6.21 -12.17 1.89
N PHE A 65 -6.52 -13.44 2.08
CA PHE A 65 -7.42 -13.87 3.14
C PHE A 65 -6.91 -13.48 4.55
N PRO A 66 -5.64 -13.78 4.91
CA PRO A 66 -5.09 -13.45 6.23
C PRO A 66 -5.20 -11.96 6.60
N GLU A 67 -4.83 -11.06 5.69
CA GLU A 67 -4.88 -9.63 5.99
C GLU A 67 -6.31 -9.08 6.00
N PHE A 68 -7.26 -9.86 5.48
CA PHE A 68 -8.66 -9.44 5.46
C PHE A 68 -9.15 -9.17 6.88
N LEU A 69 -8.63 -9.95 7.82
CA LEU A 69 -8.99 -9.81 9.22
C LEU A 69 -8.47 -8.49 9.78
N THR A 70 -7.22 -8.18 9.47
CA THR A 70 -6.58 -6.95 9.93
C THR A 70 -7.07 -5.73 9.13
N MET A 71 -8.20 -5.89 8.47
CA MET A 71 -8.76 -4.81 7.68
C MET A 71 -10.21 -4.52 8.10
N MET A 72 -11.03 -5.55 8.15
CA MET A 72 -12.44 -5.39 8.51
C MET A 72 -12.65 -5.39 10.03
N ALA A 73 -11.75 -6.04 10.77
CA ALA A 73 -11.88 -6.10 12.23
C ALA A 73 -11.35 -4.83 12.89
N ARG A 74 -10.08 -4.55 12.67
CA ARG A 74 -9.45 -3.36 13.24
C ARG A 74 -8.30 -2.90 12.36
N LYS A 75 -8.18 -1.60 12.17
CA LYS A 75 -7.11 -1.05 11.35
C LYS A 75 -6.29 -0.04 12.12
N MET A 76 -5.26 -0.53 12.80
CA MET A 76 -4.37 0.33 13.58
C MET A 76 -2.96 -0.25 13.56
N LYS A 77 -1.98 0.59 13.26
CA LYS A 77 -0.60 0.15 13.20
C LYS A 77 0.33 1.31 13.55
N ASP A 78 1.34 1.01 14.35
CA ASP A 78 2.32 2.02 14.75
C ASP A 78 3.72 1.47 14.58
N THR A 79 4.71 2.35 14.70
CA THR A 79 6.11 1.96 14.56
C THR A 79 7.00 2.92 15.34
N ASP A 80 8.26 2.55 15.54
CA ASP A 80 9.19 3.38 16.30
C ASP A 80 10.65 3.00 16.10
N SER A 81 11.00 2.51 14.93
CA SER A 81 12.37 2.10 14.67
C SER A 81 13.02 2.96 13.58
N GLU A 82 12.21 3.78 12.96
CA GLU A 82 12.66 4.65 11.90
C GLU A 82 13.10 6.02 12.39
N GLU A 83 13.65 6.16 13.60
CA GLU A 83 14.04 7.48 14.14
C GLU A 83 14.46 8.53 13.05
N GLU A 84 15.72 8.51 12.65
CA GLU A 84 16.24 9.46 11.65
C GLU A 84 15.54 9.32 10.31
N ILE A 85 15.39 8.07 9.87
CA ILE A 85 14.76 7.79 8.60
C ILE A 85 13.25 8.14 8.64
N ARG A 86 12.75 8.52 9.82
CA ARG A 86 11.35 8.91 9.99
C ARG A 86 11.24 10.36 9.62
N GLU A 87 12.25 11.12 10.03
CA GLU A 87 12.33 12.53 9.68
C GLU A 87 12.33 12.62 8.15
N ALA A 88 12.96 11.61 7.54
CA ALA A 88 13.03 11.51 6.08
C ALA A 88 11.75 10.86 5.54
N PHE A 89 11.26 9.86 6.28
CA PHE A 89 10.05 9.09 5.92
C PHE A 89 8.86 9.99 5.67
N ARG A 90 8.74 11.05 6.46
CA ARG A 90 7.63 11.99 6.35
C ARG A 90 7.57 12.59 4.93
N VAL A 91 8.71 12.60 4.26
CA VAL A 91 8.78 13.13 2.90
C VAL A 91 8.83 12.00 1.87
N PHE A 92 9.61 10.97 2.18
CA PHE A 92 9.78 9.82 1.29
C PHE A 92 8.49 9.02 1.10
N ASP A 93 7.66 8.94 2.13
CA ASP A 93 6.41 8.18 2.00
C ASP A 93 5.36 8.97 1.25
N LYS A 94 5.31 10.28 1.46
CA LYS A 94 4.36 11.18 0.79
C LYS A 94 2.90 10.87 1.17
N ASP A 95 2.39 9.76 0.67
CA ASP A 95 1.02 9.33 0.92
C ASP A 95 0.86 8.84 2.36
N GLY A 96 1.45 7.70 2.65
CA GLY A 96 1.36 7.12 3.96
C GLY A 96 1.02 5.65 3.89
N ASN A 97 1.98 4.87 3.40
CA ASN A 97 1.78 3.43 3.29
C ASN A 97 3.06 2.68 3.67
N GLY A 98 4.08 3.43 4.09
CA GLY A 98 5.32 2.83 4.53
C GLY A 98 6.33 2.58 3.41
N TYR A 99 5.86 2.17 2.24
CA TYR A 99 6.77 1.85 1.14
C TYR A 99 6.75 2.91 0.03
N ILE A 100 7.60 2.70 -0.97
CA ILE A 100 7.69 3.59 -2.12
C ILE A 100 7.02 2.95 -3.32
N SER A 101 6.07 3.65 -3.92
CA SER A 101 5.37 3.15 -5.08
C SER A 101 5.95 3.77 -6.36
N ALA A 102 5.93 5.11 -6.42
CA ALA A 102 6.45 5.87 -7.55
C ALA A 102 6.11 7.34 -7.43
N ALA A 103 4.83 7.61 -7.13
CA ALA A 103 4.34 8.97 -6.99
C ALA A 103 5.04 9.75 -5.87
N GLU A 104 5.59 9.01 -4.92
CA GLU A 104 6.27 9.60 -3.78
C GLU A 104 7.51 10.40 -4.21
N LEU A 105 8.46 9.70 -4.83
CA LEU A 105 9.69 10.37 -5.26
C LEU A 105 9.44 11.20 -6.50
N ARG A 106 8.31 10.96 -7.15
CA ARG A 106 7.94 11.72 -8.35
C ARG A 106 7.55 13.14 -7.94
N HIS A 107 7.66 13.41 -6.64
CA HIS A 107 7.36 14.71 -6.10
C HIS A 107 8.59 15.26 -5.37
N VAL A 108 9.24 14.42 -4.57
CA VAL A 108 10.42 14.84 -3.81
C VAL A 108 11.64 15.03 -4.72
N MET A 109 11.74 14.23 -5.77
CA MET A 109 12.87 14.34 -6.70
C MET A 109 12.68 15.52 -7.63
N THR A 110 11.42 15.81 -7.96
CA THR A 110 11.10 16.93 -8.83
C THR A 110 11.44 18.25 -8.14
N ASN A 111 11.26 18.28 -6.83
CA ASN A 111 11.55 19.47 -6.04
C ASN A 111 12.96 19.37 -5.46
N LEU A 112 13.66 18.29 -5.81
CA LEU A 112 15.02 18.05 -5.34
C LEU A 112 16.00 18.90 -6.14
N GLY A 113 15.78 19.00 -7.44
CA GLY A 113 16.65 19.79 -8.28
C GLY A 113 16.15 19.89 -9.70
N GLU A 114 16.13 18.76 -10.40
CA GLU A 114 15.68 18.73 -11.78
C GLU A 114 14.39 17.94 -11.89
N LYS A 115 13.81 17.92 -13.09
CA LYS A 115 12.56 17.21 -13.32
C LYS A 115 12.81 15.85 -13.98
N LEU A 116 12.44 14.80 -13.26
CA LEU A 116 12.59 13.45 -13.78
C LEU A 116 11.28 13.01 -14.43
N THR A 117 11.39 12.23 -15.49
CA THR A 117 10.21 11.75 -16.20
C THR A 117 9.59 10.53 -15.51
N ASP A 118 8.43 10.11 -16.00
CA ASP A 118 7.72 8.96 -15.44
C ASP A 118 8.55 7.69 -15.59
N GLU A 119 9.36 7.64 -16.65
CA GLU A 119 10.20 6.49 -16.89
C GLU A 119 11.41 6.53 -15.97
N GLU A 120 11.90 7.73 -15.69
CA GLU A 120 13.04 7.92 -14.80
C GLU A 120 12.66 7.54 -13.37
N VAL A 121 11.41 7.83 -13.01
CA VAL A 121 10.92 7.52 -11.66
C VAL A 121 10.75 6.01 -11.50
N ASP A 122 10.71 5.29 -12.61
CA ASP A 122 10.58 3.84 -12.58
C ASP A 122 11.96 3.21 -12.45
N GLU A 123 12.90 3.72 -13.25
CA GLU A 123 14.28 3.24 -13.26
C GLU A 123 14.94 3.45 -11.90
N MET A 124 14.61 4.56 -11.24
CA MET A 124 15.20 4.90 -9.96
C MET A 124 14.77 3.93 -8.85
N ILE A 125 13.49 3.59 -8.80
CA ILE A 125 12.98 2.69 -7.77
C ILE A 125 13.57 1.30 -7.95
N ARG A 126 13.66 0.86 -9.19
CA ARG A 126 14.21 -0.46 -9.51
C ARG A 126 15.67 -0.56 -9.08
N GLU A 127 16.34 0.58 -9.02
CA GLU A 127 17.73 0.62 -8.60
C GLU A 127 17.80 0.55 -7.07
N ALA A 128 16.71 0.96 -6.43
CA ALA A 128 16.60 0.95 -4.98
C ALA A 128 16.09 -0.39 -4.49
N ASP A 129 15.32 -1.05 -5.35
CA ASP A 129 14.75 -2.34 -5.04
C ASP A 129 15.85 -3.40 -4.98
N ILE A 130 16.22 -3.79 -3.78
CA ILE A 130 17.29 -4.76 -3.59
C ILE A 130 16.76 -6.19 -3.69
N ASP A 131 15.56 -6.42 -3.19
CA ASP A 131 14.96 -7.75 -3.22
C ASP A 131 14.18 -7.99 -4.51
N GLY A 132 13.83 -6.90 -5.20
CA GLY A 132 13.09 -7.02 -6.44
C GLY A 132 11.66 -7.48 -6.22
N ASP A 133 10.81 -6.56 -5.84
CA ASP A 133 9.39 -6.85 -5.59
C ASP A 133 8.50 -5.76 -6.19
N GLY A 134 9.09 -4.61 -6.49
CA GLY A 134 8.34 -3.51 -7.06
C GLY A 134 7.99 -2.44 -6.04
N GLN A 135 8.41 -2.63 -4.80
CA GLN A 135 8.13 -1.68 -3.73
C GLN A 135 9.33 -1.52 -2.81
N VAL A 136 9.75 -0.28 -2.59
CA VAL A 136 10.88 0.01 -1.72
C VAL A 136 10.41 -0.04 -0.27
N ASN A 137 10.77 -1.12 0.41
CA ASN A 137 10.39 -1.33 1.80
C ASN A 137 11.45 -0.72 2.73
N TYR A 138 11.02 -0.29 3.90
CA TYR A 138 11.91 0.30 4.89
C TYR A 138 13.04 -0.65 5.23
N GLU A 139 12.74 -1.94 5.23
CA GLU A 139 13.71 -2.98 5.55
C GLU A 139 14.92 -2.91 4.63
N GLU A 140 14.68 -2.83 3.32
CA GLU A 140 15.78 -2.77 2.36
C GLU A 140 16.31 -1.34 2.26
N PHE A 141 15.50 -0.38 2.68
CA PHE A 141 15.87 1.02 2.65
C PHE A 141 17.01 1.30 3.62
N VAL A 142 16.87 0.83 4.85
CA VAL A 142 17.90 1.02 5.86
C VAL A 142 19.13 0.17 5.54
N GLN A 143 18.91 -0.98 4.92
CA GLN A 143 20.00 -1.87 4.56
C GLN A 143 20.74 -1.36 3.32
N MET A 144 20.24 -0.27 2.76
CA MET A 144 20.83 0.31 1.57
C MET A 144 21.82 1.42 1.89
N MET A 145 21.42 2.37 2.75
CA MET A 145 22.30 3.50 3.08
C MET A 145 22.58 3.61 4.58
N THR A 146 21.84 2.87 5.40
CA THR A 146 22.04 2.92 6.84
C THR A 146 22.99 1.81 7.29
N ALA A 147 23.05 0.74 6.51
CA ALA A 147 23.92 -0.38 6.81
C ALA A 147 25.01 -0.50 5.76
N LYS A 148 26.01 -1.32 6.04
CA LYS A 148 27.12 -1.53 5.12
C LYS A 148 26.99 -2.91 4.49
N ARG B 1 -11.47 5.61 0.51
CA ARG B 1 -10.99 4.49 1.33
C ARG B 1 -11.57 3.18 0.84
N ALA B 2 -11.23 2.08 1.52
CA ALA B 2 -11.71 0.76 1.14
C ALA B 2 -12.50 0.10 2.27
N ALA B 3 -12.06 0.30 3.51
CA ALA B 3 -12.72 -0.35 4.64
C ALA B 3 -14.16 0.11 4.86
N ASN B 4 -14.56 1.22 4.25
CA ASN B 4 -15.95 1.67 4.34
C ASN B 4 -16.71 1.12 3.14
N LEU B 5 -16.10 1.29 1.99
CA LEU B 5 -16.66 0.83 0.74
C LEU B 5 -16.82 -0.68 0.72
N TRP B 6 -15.78 -1.44 1.09
CA TRP B 6 -15.87 -2.90 1.10
C TRP B 6 -17.12 -3.37 1.87
N PRO B 7 -17.34 -2.91 3.14
CA PRO B 7 -18.56 -3.22 3.89
C PRO B 7 -19.84 -2.98 3.09
N SER B 8 -19.81 -1.98 2.20
CA SER B 8 -20.97 -1.71 1.36
C SER B 8 -21.33 -2.96 0.51
N PRO B 9 -20.52 -3.41 -0.51
CA PRO B 9 -20.81 -4.65 -1.23
C PRO B 9 -21.01 -5.84 -0.29
N LEU B 10 -20.34 -5.79 0.87
CA LEU B 10 -20.46 -6.83 1.89
C LEU B 10 -21.91 -6.87 2.38
N MET B 11 -22.49 -5.69 2.56
CA MET B 11 -23.88 -5.57 2.98
C MET B 11 -24.77 -6.16 1.90
N ILE B 12 -24.39 -5.92 0.65
CA ILE B 12 -25.11 -6.44 -0.50
C ILE B 12 -24.96 -7.96 -0.52
N LYS B 13 -23.78 -8.44 -0.17
CA LYS B 13 -23.50 -9.87 -0.10
C LYS B 13 -24.40 -10.52 0.93
N ARG B 14 -24.58 -9.82 2.05
CA ARG B 14 -25.43 -10.30 3.12
C ARG B 14 -26.86 -10.41 2.63
N SER B 15 -27.26 -9.47 1.79
CA SER B 15 -28.60 -9.48 1.21
C SER B 15 -28.71 -10.61 0.19
N LYS B 16 -27.66 -10.79 -0.61
CA LYS B 16 -27.62 -11.84 -1.62
C LYS B 16 -27.60 -13.20 -0.95
N LYS B 17 -26.88 -13.30 0.16
CA LYS B 17 -26.79 -14.54 0.92
C LYS B 17 -28.13 -14.85 1.60
N ASN B 18 -28.89 -13.79 1.86
CA ASN B 18 -30.20 -13.92 2.49
C ASN B 18 -31.25 -14.22 1.43
N SER B 19 -30.90 -13.96 0.18
CA SER B 19 -31.78 -14.19 -0.95
C SER B 19 -31.76 -15.67 -1.33
N ARG C 1 19.02 8.21 -14.80
CA ARG C 1 18.41 7.59 -13.61
C ARG C 1 18.47 8.52 -12.41
N ALA C 2 17.55 8.34 -11.47
CA ALA C 2 17.48 9.16 -10.26
C ALA C 2 18.13 8.50 -9.06
N ALA C 3 18.65 7.28 -9.25
CA ALA C 3 19.32 6.52 -8.18
C ALA C 3 20.15 7.38 -7.23
N ASN C 4 21.08 8.18 -7.76
CA ASN C 4 21.93 9.05 -6.93
C ASN C 4 21.06 10.10 -6.22
N LEU C 5 19.94 10.42 -6.82
CA LEU C 5 19.03 11.38 -6.23
C LEU C 5 18.33 10.74 -5.04
N TRP C 6 18.28 9.41 -5.00
CA TRP C 6 17.68 8.66 -3.86
C TRP C 6 18.46 9.04 -2.59
N PRO C 7 19.80 8.75 -2.54
CA PRO C 7 20.61 9.12 -1.38
C PRO C 7 20.55 10.61 -1.12
N SER C 8 20.29 11.43 -2.15
CA SER C 8 20.23 12.87 -1.96
C SER C 8 19.27 13.29 -0.83
N PRO C 9 17.90 13.17 -0.93
CA PRO C 9 17.03 13.53 0.19
C PRO C 9 17.41 12.81 1.48
N LEU C 10 17.85 11.55 1.38
CA LEU C 10 18.22 10.82 2.60
C LEU C 10 19.50 11.41 3.23
N MET C 11 20.44 11.80 2.38
CA MET C 11 21.70 12.38 2.81
C MET C 11 21.45 13.78 3.38
N ILE C 12 20.61 14.54 2.69
CA ILE C 12 20.26 15.88 3.13
C ILE C 12 19.65 15.83 4.53
N LYS C 13 18.86 14.78 4.77
CA LYS C 13 18.23 14.59 6.06
C LYS C 13 19.30 14.29 7.13
N ARG C 14 20.26 13.45 6.77
CA ARG C 14 21.34 13.10 7.67
C ARG C 14 22.20 14.33 7.97
N SER C 15 22.44 15.14 6.93
CA SER C 15 23.21 16.36 7.08
C SER C 15 22.45 17.35 7.96
N LYS C 16 21.14 17.43 7.76
CA LYS C 16 20.29 18.32 8.54
C LYS C 16 20.26 17.84 9.99
N LYS C 17 20.19 16.53 10.17
CA LYS C 17 20.17 15.94 11.51
C LYS C 17 21.53 16.14 12.18
N ASN C 18 22.55 16.31 11.35
CA ASN C 18 23.91 16.52 11.82
C ASN C 18 24.11 18.00 12.18
N SER C 19 23.36 18.84 11.49
CA SER C 19 23.42 20.29 11.68
C SER C 19 22.41 20.73 12.76
N ALA A 1 -1.03 -11.06 19.44
CA ALA A 1 -1.81 -11.90 20.37
C ALA A 1 -3.26 -11.96 19.95
N ASP A 2 -4.04 -12.79 20.64
CA ASP A 2 -5.47 -12.96 20.37
C ASP A 2 -5.72 -13.57 19.00
N GLN A 3 -5.72 -14.89 18.92
CA GLN A 3 -5.97 -15.58 17.66
C GLN A 3 -7.45 -15.56 17.34
N LEU A 4 -7.77 -15.51 16.06
CA LEU A 4 -9.15 -15.48 15.62
C LEU A 4 -9.73 -16.89 15.53
N THR A 5 -11.06 -16.99 15.60
CA THR A 5 -11.74 -18.26 15.51
C THR A 5 -11.93 -18.67 14.05
N GLU A 6 -11.25 -19.73 13.65
CA GLU A 6 -11.33 -20.25 12.28
C GLU A 6 -12.76 -20.57 11.86
N GLU A 7 -13.57 -21.01 12.83
CA GLU A 7 -14.96 -21.36 12.56
C GLU A 7 -15.78 -20.13 12.17
N GLN A 8 -15.47 -19.00 12.77
CA GLN A 8 -16.19 -17.76 12.49
C GLN A 8 -15.65 -17.08 11.25
N ILE A 9 -14.33 -17.02 11.13
CA ILE A 9 -13.69 -16.38 9.98
C ILE A 9 -14.07 -17.10 8.68
N ALA A 10 -14.53 -18.35 8.82
CA ALA A 10 -14.94 -19.14 7.68
C ALA A 10 -16.13 -18.50 6.96
N GLU A 11 -16.92 -17.74 7.71
CA GLU A 11 -18.08 -17.06 7.12
C GLU A 11 -17.63 -15.83 6.34
N PHE A 12 -16.43 -15.34 6.67
CA PHE A 12 -15.88 -14.18 5.98
C PHE A 12 -15.37 -14.59 4.61
N LYS A 13 -15.25 -15.91 4.42
CA LYS A 13 -14.79 -16.46 3.15
C LYS A 13 -15.75 -16.10 2.03
N GLU A 14 -17.04 -16.01 2.35
CA GLU A 14 -18.04 -15.64 1.36
C GLU A 14 -17.79 -14.21 0.90
N ALA A 15 -17.39 -13.37 1.86
CA ALA A 15 -17.11 -11.97 1.58
C ALA A 15 -15.76 -11.82 0.90
N PHE A 16 -15.10 -12.94 0.67
CA PHE A 16 -13.81 -12.95 0.01
C PHE A 16 -13.98 -13.49 -1.42
N SER A 17 -14.65 -14.64 -1.53
CA SER A 17 -14.89 -15.27 -2.83
C SER A 17 -15.96 -14.53 -3.65
N LEU A 18 -17.08 -14.19 -3.01
CA LEU A 18 -18.16 -13.49 -3.71
C LEU A 18 -17.76 -12.06 -4.05
N PHE A 19 -16.85 -11.52 -3.26
CA PHE A 19 -16.35 -10.17 -3.46
C PHE A 19 -15.36 -10.19 -4.62
N ASP A 20 -14.57 -11.26 -4.65
CA ASP A 20 -13.57 -11.48 -5.68
C ASP A 20 -14.20 -11.57 -7.05
N LYS A 21 -15.26 -12.39 -7.15
CA LYS A 21 -16.03 -12.59 -8.38
C LYS A 21 -15.26 -13.41 -9.44
N ASP A 22 -13.93 -13.25 -9.51
CA ASP A 22 -13.14 -13.99 -10.50
C ASP A 22 -12.84 -15.41 -10.01
N GLY A 23 -12.79 -15.61 -8.71
CA GLY A 23 -12.56 -16.94 -8.15
C GLY A 23 -11.11 -17.27 -7.87
N ASP A 24 -10.26 -16.27 -7.70
CA ASP A 24 -8.86 -16.54 -7.40
C ASP A 24 -8.61 -16.34 -5.91
N GLY A 25 -9.48 -15.58 -5.27
CA GLY A 25 -9.36 -15.33 -3.85
C GLY A 25 -8.80 -13.96 -3.55
N THR A 26 -7.58 -13.71 -4.02
CA THR A 26 -6.92 -12.44 -3.79
C THR A 26 -7.66 -11.30 -4.49
N ILE A 27 -8.17 -10.37 -3.69
CA ILE A 27 -8.89 -9.22 -4.21
C ILE A 27 -7.91 -8.20 -4.78
N THR A 28 -7.87 -8.11 -6.10
CA THR A 28 -6.99 -7.19 -6.78
C THR A 28 -7.77 -5.95 -7.23
N THR A 29 -7.04 -4.93 -7.67
CA THR A 29 -7.65 -3.67 -8.12
C THR A 29 -8.63 -3.88 -9.27
N LYS A 30 -8.36 -4.88 -10.11
CA LYS A 30 -9.21 -5.17 -11.26
C LYS A 30 -10.64 -5.54 -10.83
N GLU A 31 -10.76 -6.66 -10.13
CA GLU A 31 -12.05 -7.15 -9.66
C GLU A 31 -12.70 -6.15 -8.71
N LEU A 32 -11.92 -5.60 -7.79
CA LEU A 32 -12.44 -4.62 -6.83
C LEU A 32 -12.99 -3.41 -7.57
N GLY A 33 -12.21 -2.93 -8.54
CA GLY A 33 -12.63 -1.79 -9.33
C GLY A 33 -13.89 -2.06 -10.10
N THR A 34 -14.04 -3.30 -10.57
CA THR A 34 -15.21 -3.69 -11.34
C THR A 34 -16.46 -3.67 -10.44
N VAL A 35 -16.35 -4.26 -9.25
CA VAL A 35 -17.46 -4.28 -8.31
C VAL A 35 -17.79 -2.87 -7.84
N MET A 36 -16.76 -2.11 -7.51
CA MET A 36 -16.92 -0.74 -7.04
C MET A 36 -17.52 0.16 -8.10
N ARG A 37 -17.18 -0.08 -9.36
CA ARG A 37 -17.68 0.73 -10.45
C ARG A 37 -19.13 0.37 -10.78
N SER A 38 -19.54 -0.84 -10.42
CA SER A 38 -20.89 -1.29 -10.70
C SER A 38 -21.84 -1.01 -9.53
N LEU A 39 -21.48 -1.49 -8.35
CA LEU A 39 -22.31 -1.29 -7.17
C LEU A 39 -22.17 0.13 -6.64
N GLY A 40 -20.93 0.58 -6.48
CA GLY A 40 -20.69 1.91 -5.98
C GLY A 40 -20.93 2.97 -7.04
N GLN A 41 -20.54 2.66 -8.29
CA GLN A 41 -20.69 3.56 -9.44
C GLN A 41 -20.38 5.01 -9.06
N ASN A 42 -19.16 5.22 -8.59
CA ASN A 42 -18.71 6.54 -8.16
C ASN A 42 -17.17 6.59 -8.04
N PRO A 43 -16.52 5.59 -7.40
CA PRO A 43 -15.05 5.57 -7.26
C PRO A 43 -14.31 5.74 -8.57
N THR A 44 -13.42 6.72 -8.62
CA THR A 44 -12.62 6.99 -9.81
C THR A 44 -11.38 6.08 -9.81
N GLU A 45 -10.54 6.23 -10.83
CA GLU A 45 -9.32 5.42 -10.93
C GLU A 45 -8.41 5.66 -9.73
N ALA A 46 -8.33 6.90 -9.28
CA ALA A 46 -7.50 7.23 -8.14
C ALA A 46 -8.13 6.69 -6.86
N GLU A 47 -9.45 6.66 -6.81
CA GLU A 47 -10.17 6.18 -5.64
C GLU A 47 -10.00 4.67 -5.46
N LEU A 48 -10.23 3.89 -6.53
CA LEU A 48 -10.09 2.45 -6.44
C LEU A 48 -8.65 2.05 -6.11
N GLN A 49 -7.71 2.88 -6.52
CA GLN A 49 -6.31 2.63 -6.24
C GLN A 49 -6.03 2.91 -4.76
N ASP A 50 -6.45 4.09 -4.33
CA ASP A 50 -6.28 4.51 -2.94
C ASP A 50 -7.05 3.57 -2.02
N MET A 51 -8.18 3.07 -2.50
CA MET A 51 -9.02 2.15 -1.76
C MET A 51 -8.21 0.93 -1.33
N ILE A 52 -7.51 0.33 -2.29
CA ILE A 52 -6.69 -0.85 -2.02
C ILE A 52 -5.53 -0.50 -1.09
N ASN A 53 -5.05 0.73 -1.18
CA ASN A 53 -3.96 1.20 -0.34
C ASN A 53 -4.44 1.50 1.09
N GLU A 54 -5.74 1.36 1.29
CA GLU A 54 -6.35 1.59 2.60
C GLU A 54 -6.76 0.26 3.24
N VAL A 55 -6.64 -0.82 2.47
CA VAL A 55 -7.00 -2.14 2.96
C VAL A 55 -5.77 -2.94 3.36
N ASP A 56 -4.80 -3.01 2.45
CA ASP A 56 -3.56 -3.76 2.67
C ASP A 56 -2.73 -3.08 3.76
N ALA A 57 -2.96 -3.48 5.00
CA ALA A 57 -2.25 -2.92 6.14
C ALA A 57 -0.93 -3.64 6.39
N ASP A 58 -0.84 -4.87 5.89
CA ASP A 58 0.37 -5.66 6.03
C ASP A 58 1.38 -5.26 4.96
N GLY A 59 0.86 -4.93 3.78
CA GLY A 59 1.71 -4.52 2.69
C GLY A 59 2.30 -5.68 1.94
N ASN A 60 1.45 -6.57 1.46
CA ASN A 60 1.91 -7.73 0.71
C ASN A 60 1.65 -7.51 -0.78
N GLY A 61 0.82 -6.52 -1.09
CA GLY A 61 0.53 -6.21 -2.47
C GLY A 61 -0.90 -6.56 -2.86
N THR A 62 -1.60 -7.27 -2.00
CA THR A 62 -2.97 -7.67 -2.28
C THR A 62 -3.78 -7.87 -1.00
N ILE A 63 -5.01 -8.34 -1.17
CA ILE A 63 -5.91 -8.60 -0.05
C ILE A 63 -5.82 -10.05 0.37
N ASP A 64 -5.79 -10.26 1.67
CA ASP A 64 -5.69 -11.61 2.22
C ASP A 64 -6.80 -11.85 3.23
N PHE A 65 -6.71 -12.96 3.95
CA PHE A 65 -7.73 -13.33 4.92
C PHE A 65 -7.55 -12.60 6.27
N PRO A 66 -6.37 -12.70 6.92
CA PRO A 66 -6.14 -12.03 8.22
C PRO A 66 -6.30 -10.52 8.16
N GLU A 67 -5.75 -9.89 7.12
CA GLU A 67 -5.84 -8.43 6.99
C GLU A 67 -7.28 -7.99 6.76
N PHE A 68 -8.01 -8.71 5.91
CA PHE A 68 -9.41 -8.38 5.62
C PHE A 68 -10.21 -8.39 6.92
N LEU A 69 -9.94 -9.36 7.78
CA LEU A 69 -10.63 -9.45 9.06
C LEU A 69 -10.22 -8.30 9.96
N THR A 70 -8.93 -7.98 9.96
CA THR A 70 -8.40 -6.90 10.78
C THR A 70 -9.00 -5.55 10.37
N MET A 71 -9.15 -5.34 9.07
CA MET A 71 -9.71 -4.10 8.54
C MET A 71 -11.09 -3.82 9.12
N MET A 72 -11.94 -4.84 9.13
CA MET A 72 -13.30 -4.71 9.63
C MET A 72 -13.36 -4.83 11.15
N ALA A 73 -12.24 -5.17 11.76
CA ALA A 73 -12.18 -5.32 13.21
C ALA A 73 -11.72 -4.02 13.88
N ARG A 74 -10.52 -3.57 13.55
CA ARG A 74 -9.96 -2.36 14.13
C ARG A 74 -8.86 -1.79 13.25
N LYS A 75 -8.77 -0.46 13.22
CA LYS A 75 -7.75 0.21 12.42
C LYS A 75 -6.64 0.74 13.31
N MET A 76 -5.54 0.00 13.39
CA MET A 76 -4.41 0.39 14.22
C MET A 76 -3.08 0.08 13.53
N LYS A 77 -2.05 0.83 13.87
CA LYS A 77 -0.72 0.63 13.30
C LYS A 77 0.35 1.09 14.30
N ASP A 78 1.49 0.41 14.30
CA ASP A 78 2.58 0.75 15.19
C ASP A 78 3.73 1.42 14.43
N THR A 79 4.49 2.23 15.15
CA THR A 79 5.63 2.96 14.59
C THR A 79 6.48 3.52 15.73
N ASP A 80 7.72 3.03 15.85
CA ASP A 80 8.60 3.48 16.92
C ASP A 80 10.02 2.94 16.78
N SER A 81 10.43 2.58 15.58
CA SER A 81 11.78 2.04 15.38
C SER A 81 12.53 2.74 14.24
N GLU A 82 11.79 3.40 13.38
CA GLU A 82 12.36 4.09 12.23
C GLU A 82 12.71 5.56 12.56
N GLU A 83 13.48 5.80 13.62
CA GLU A 83 13.84 7.18 14.06
C GLU A 83 13.95 8.25 12.93
N GLU A 84 15.18 8.54 12.52
CA GLU A 84 15.45 9.56 11.49
C GLU A 84 14.80 9.20 10.15
N ILE A 85 14.80 7.93 9.82
CA ILE A 85 14.22 7.50 8.56
C ILE A 85 12.69 7.69 8.56
N ARG A 86 12.11 7.91 9.75
CA ARG A 86 10.67 8.17 9.87
C ARG A 86 10.46 9.61 9.50
N GLU A 87 11.40 10.44 9.93
CA GLU A 87 11.38 11.86 9.61
C GLU A 87 11.43 12.01 8.07
N ALA A 88 12.13 11.08 7.43
CA ALA A 88 12.25 11.06 5.98
C ALA A 88 11.03 10.35 5.37
N PHE A 89 10.60 9.30 6.06
CA PHE A 89 9.45 8.46 5.68
C PHE A 89 8.20 9.30 5.45
N ARG A 90 7.99 10.28 6.32
CA ARG A 90 6.83 11.16 6.23
C ARG A 90 6.70 11.79 4.84
N VAL A 91 7.84 12.03 4.21
CA VAL A 91 7.85 12.64 2.88
C VAL A 91 8.05 11.57 1.80
N PHE A 92 8.90 10.59 2.11
CA PHE A 92 9.22 9.51 1.17
C PHE A 92 8.00 8.67 0.81
N ASP A 93 7.12 8.42 1.77
CA ASP A 93 5.94 7.61 1.51
C ASP A 93 4.92 8.40 0.69
N LYS A 94 4.85 9.70 0.96
CA LYS A 94 3.95 10.63 0.25
C LYS A 94 2.47 10.41 0.58
N ASP A 95 2.13 9.31 1.22
CA ASP A 95 0.74 9.03 1.55
C ASP A 95 0.63 8.29 2.89
N GLY A 96 0.50 6.97 2.84
CA GLY A 96 0.37 6.20 4.05
C GLY A 96 0.25 4.72 3.79
N ASN A 97 1.39 4.07 3.58
CA ASN A 97 1.43 2.63 3.31
C ASN A 97 2.83 2.09 3.54
N GLY A 98 3.82 2.98 3.56
CA GLY A 98 5.19 2.57 3.78
C GLY A 98 5.76 1.85 2.58
N TYR A 99 5.30 2.21 1.39
CA TYR A 99 5.78 1.58 0.18
C TYR A 99 6.04 2.61 -0.91
N ILE A 100 7.06 2.34 -1.70
CA ILE A 100 7.45 3.20 -2.81
C ILE A 100 7.10 2.51 -4.13
N SER A 101 6.26 3.14 -4.94
CA SER A 101 5.87 2.57 -6.21
C SER A 101 6.25 3.48 -7.37
N ALA A 102 5.95 4.78 -7.23
CA ALA A 102 6.27 5.74 -8.29
C ALA A 102 5.98 7.17 -7.85
N ALA A 103 4.73 7.43 -7.49
CA ALA A 103 4.30 8.76 -7.08
C ALA A 103 5.01 9.26 -5.83
N GLU A 104 5.47 8.31 -5.01
CA GLU A 104 6.17 8.61 -3.76
C GLU A 104 7.27 9.66 -3.89
N LEU A 105 8.45 9.21 -4.26
CA LEU A 105 9.59 10.09 -4.40
C LEU A 105 9.54 10.91 -5.67
N ARG A 106 8.47 10.76 -6.45
CA ARG A 106 8.32 11.54 -7.66
C ARG A 106 8.16 13.00 -7.27
N HIS A 107 7.85 13.20 -5.99
CA HIS A 107 7.68 14.53 -5.42
C HIS A 107 8.98 14.98 -4.75
N VAL A 108 9.64 14.07 -4.03
CA VAL A 108 10.87 14.41 -3.32
C VAL A 108 12.05 14.62 -4.27
N MET A 109 12.11 13.86 -5.36
CA MET A 109 13.20 13.99 -6.31
C MET A 109 13.02 15.24 -7.15
N THR A 110 11.78 15.53 -7.53
CA THR A 110 11.46 16.71 -8.32
C THR A 110 11.67 17.98 -7.49
N ASN A 111 11.53 17.84 -6.17
CA ASN A 111 11.72 18.95 -5.25
C ASN A 111 13.12 18.93 -4.67
N LEU A 112 13.94 18.02 -5.19
CA LEU A 112 15.32 17.89 -4.75
C LEU A 112 16.22 18.83 -5.53
N GLY A 113 15.97 18.92 -6.82
CA GLY A 113 16.75 19.79 -7.67
C GLY A 113 16.09 19.99 -9.02
N GLU A 114 16.21 18.98 -9.86
CA GLU A 114 15.62 19.01 -11.18
C GLU A 114 14.30 18.25 -11.20
N LYS A 115 13.58 18.34 -12.31
CA LYS A 115 12.30 17.68 -12.45
C LYS A 115 12.49 16.26 -12.97
N LEU A 116 12.06 15.27 -12.20
CA LEU A 116 12.18 13.88 -12.59
C LEU A 116 10.97 13.48 -13.42
N THR A 117 11.23 12.99 -14.63
CA THR A 117 10.17 12.57 -15.53
C THR A 117 9.63 11.20 -15.13
N ASP A 118 8.48 10.84 -15.67
CA ASP A 118 7.85 9.56 -15.37
C ASP A 118 8.76 8.41 -15.80
N GLU A 119 9.48 8.63 -16.88
CA GLU A 119 10.41 7.64 -17.42
C GLU A 119 11.56 7.41 -16.45
N GLU A 120 12.20 8.50 -16.05
CA GLU A 120 13.33 8.44 -15.14
C GLU A 120 12.90 7.97 -13.75
N VAL A 121 11.77 8.46 -13.27
CA VAL A 121 11.30 8.08 -11.94
C VAL A 121 11.02 6.57 -11.86
N ASP A 122 10.54 5.99 -12.94
CA ASP A 122 10.27 4.56 -12.96
C ASP A 122 11.58 3.78 -13.02
N GLU A 123 12.49 4.25 -13.87
CA GLU A 123 13.80 3.64 -14.03
C GLU A 123 14.60 3.67 -12.75
N MET A 124 14.44 4.75 -11.97
CA MET A 124 15.18 4.91 -10.73
C MET A 124 14.56 4.11 -9.59
N ILE A 125 13.24 3.99 -9.54
CA ILE A 125 12.60 3.24 -8.47
C ILE A 125 12.96 1.77 -8.63
N ARG A 126 12.98 1.31 -9.88
CA ARG A 126 13.35 -0.07 -10.18
C ARG A 126 14.86 -0.24 -10.00
N GLU A 127 15.54 0.89 -9.95
CA GLU A 127 16.99 0.94 -9.77
C GLU A 127 17.28 0.84 -8.27
N ALA A 128 16.36 1.36 -7.47
CA ALA A 128 16.49 1.34 -6.02
C ALA A 128 16.05 -0.01 -5.45
N ASP A 129 14.94 -0.52 -5.95
CA ASP A 129 14.41 -1.81 -5.51
C ASP A 129 15.45 -2.91 -5.68
N ILE A 130 15.76 -3.58 -4.58
CA ILE A 130 16.76 -4.64 -4.59
C ILE A 130 16.09 -6.00 -4.81
N ASP A 131 14.83 -6.11 -4.44
CA ASP A 131 14.10 -7.36 -4.60
C ASP A 131 13.84 -7.65 -6.07
N GLY A 132 13.38 -6.64 -6.79
CA GLY A 132 13.09 -6.80 -8.20
C GLY A 132 11.61 -7.03 -8.43
N ASP A 133 10.81 -6.49 -7.51
CA ASP A 133 9.36 -6.62 -7.58
C ASP A 133 8.75 -5.36 -8.19
N GLY A 134 9.50 -4.28 -8.13
CA GLY A 134 9.03 -3.02 -8.67
C GLY A 134 8.85 -1.96 -7.60
N GLN A 135 8.58 -2.39 -6.38
CA GLN A 135 8.38 -1.46 -5.29
C GLN A 135 9.58 -1.43 -4.35
N VAL A 136 9.99 -0.23 -3.96
CA VAL A 136 11.11 -0.07 -3.06
C VAL A 136 10.59 -0.16 -1.63
N ASN A 137 10.90 -1.26 -0.96
CA ASN A 137 10.42 -1.49 0.40
C ASN A 137 11.26 -0.71 1.41
N TYR A 138 10.77 -0.64 2.64
CA TYR A 138 11.43 0.08 3.70
C TYR A 138 12.65 -0.70 4.23
N GLU A 139 12.51 -2.01 4.31
CA GLU A 139 13.59 -2.87 4.79
C GLU A 139 14.85 -2.72 3.92
N GLU A 140 14.67 -2.73 2.61
CA GLU A 140 15.79 -2.59 1.70
C GLU A 140 16.24 -1.14 1.61
N PHE A 141 15.39 -0.23 2.06
CA PHE A 141 15.69 1.19 2.04
C PHE A 141 16.79 1.53 3.04
N VAL A 142 16.62 1.07 4.27
CA VAL A 142 17.60 1.33 5.32
C VAL A 142 18.89 0.53 5.07
N GLN A 143 18.75 -0.67 4.51
CA GLN A 143 19.90 -1.52 4.23
C GLN A 143 20.56 -1.14 2.90
N MET A 144 20.13 -0.02 2.33
CA MET A 144 20.68 0.43 1.07
C MET A 144 21.80 1.44 1.27
N MET A 145 21.62 2.35 2.22
CA MET A 145 22.62 3.39 2.47
C MET A 145 23.18 3.31 3.89
N THR A 146 22.31 3.08 4.86
CA THR A 146 22.74 2.99 6.26
C THR A 146 23.65 1.77 6.46
N ALA A 147 23.35 0.70 5.75
CA ALA A 147 24.14 -0.51 5.83
C ALA A 147 24.99 -0.65 4.58
N LYS A 148 26.28 -0.84 4.76
CA LYS A 148 27.20 -0.97 3.64
C LYS A 148 27.54 -2.44 3.41
N ARG B 1 -10.69 5.46 -0.34
CA ARG B 1 -10.72 4.83 1.00
C ARG B 1 -11.39 3.46 0.90
N ALA B 2 -11.24 2.63 1.91
CA ALA B 2 -11.81 1.30 1.87
C ALA B 2 -12.79 1.04 3.02
N ALA B 3 -12.57 1.72 4.15
CA ALA B 3 -13.35 1.57 5.38
C ALA B 3 -14.82 1.17 5.19
N ASN B 4 -15.67 2.08 4.71
CA ASN B 4 -17.10 1.77 4.52
C ASN B 4 -17.37 1.22 3.13
N LEU B 5 -16.38 1.31 2.27
CA LEU B 5 -16.53 0.83 0.91
C LEU B 5 -16.64 -0.69 0.88
N TRP B 6 -15.69 -1.41 1.49
CA TRP B 6 -15.77 -2.88 1.51
C TRP B 6 -17.11 -3.31 2.12
N PRO B 7 -17.50 -2.77 3.30
CA PRO B 7 -18.81 -3.03 3.91
C PRO B 7 -19.98 -2.92 2.92
N SER B 8 -19.84 -2.02 1.94
CA SER B 8 -20.88 -1.87 0.92
C SER B 8 -21.07 -3.17 0.11
N PRO B 9 -20.10 -3.62 -0.76
CA PRO B 9 -20.26 -4.91 -1.47
C PRO B 9 -20.48 -6.07 -0.49
N LEU B 10 -19.99 -5.90 0.73
CA LEU B 10 -20.17 -6.91 1.78
C LEU B 10 -21.66 -7.01 2.12
N MET B 11 -22.31 -5.86 2.17
CA MET B 11 -23.75 -5.78 2.44
C MET B 11 -24.51 -6.41 1.30
N ILE B 12 -24.02 -6.18 0.08
CA ILE B 12 -24.62 -6.76 -1.11
C ILE B 12 -24.47 -8.27 -1.07
N LYS B 13 -23.34 -8.73 -0.53
CA LYS B 13 -23.06 -10.15 -0.39
C LYS B 13 -24.09 -10.78 0.54
N ARG B 14 -24.47 -10.03 1.57
CA ARG B 14 -25.46 -10.50 2.53
C ARG B 14 -26.79 -10.66 1.82
N SER B 15 -27.15 -9.68 1.00
CA SER B 15 -28.38 -9.72 0.24
C SER B 15 -28.32 -10.86 -0.76
N LYS B 16 -27.13 -11.09 -1.34
CA LYS B 16 -26.94 -12.16 -2.30
C LYS B 16 -27.06 -13.51 -1.60
N LYS B 17 -26.56 -13.56 -0.37
CA LYS B 17 -26.61 -14.78 0.43
C LYS B 17 -28.06 -15.11 0.80
N ASN B 18 -28.88 -14.06 0.88
CA ASN B 18 -30.29 -14.21 1.20
C ASN B 18 -31.10 -14.49 -0.07
N SER B 19 -30.53 -14.11 -1.20
CA SER B 19 -31.16 -14.30 -2.50
C SER B 19 -30.72 -15.65 -3.08
N ARG C 1 18.97 7.56 -15.00
CA ARG C 1 19.55 7.01 -13.75
C ARG C 1 19.35 8.01 -12.62
N ALA C 2 19.12 7.51 -11.42
CA ALA C 2 18.86 8.39 -10.28
C ALA C 2 19.15 7.73 -8.94
N ALA C 3 19.62 6.48 -8.93
CA ALA C 3 19.93 5.77 -7.68
C ALA C 3 20.59 6.70 -6.66
N ASN C 4 21.68 7.37 -7.03
CA ASN C 4 22.39 8.30 -6.12
C ASN C 4 21.48 9.43 -5.66
N LEU C 5 20.44 9.71 -6.44
CA LEU C 5 19.47 10.73 -6.08
C LEU C 5 18.71 10.23 -4.87
N TRP C 6 18.52 8.91 -4.77
CA TRP C 6 17.87 8.29 -3.60
C TRP C 6 18.73 8.68 -2.36
N PRO C 7 20.03 8.24 -2.28
CA PRO C 7 20.93 8.70 -1.22
C PRO C 7 20.92 10.20 -1.01
N SER C 8 20.61 10.98 -2.04
CA SER C 8 20.63 12.43 -1.89
C SER C 8 19.69 12.90 -0.75
N PRO C 9 18.33 12.82 -0.85
CA PRO C 9 17.47 13.24 0.25
C PRO C 9 17.80 12.52 1.57
N LEU C 10 18.18 11.24 1.49
CA LEU C 10 18.49 10.51 2.72
C LEU C 10 19.83 10.98 3.33
N MET C 11 20.79 11.30 2.47
CA MET C 11 22.09 11.80 2.93
C MET C 11 21.93 13.18 3.53
N ILE C 12 21.10 13.99 2.88
CA ILE C 12 20.82 15.34 3.36
C ILE C 12 20.18 15.24 4.73
N LYS C 13 19.33 14.23 4.90
CA LYS C 13 18.66 13.99 6.17
C LYS C 13 19.71 13.65 7.24
N ARG C 14 20.58 12.70 6.91
CA ARG C 14 21.63 12.28 7.83
C ARG C 14 22.55 13.44 8.17
N SER C 15 22.87 14.24 7.17
CA SER C 15 23.74 15.40 7.36
C SER C 15 23.02 16.46 8.20
N LYS C 16 21.73 16.62 7.95
CA LYS C 16 20.91 17.58 8.68
C LYS C 16 20.75 17.14 10.13
N LYS C 17 20.57 15.84 10.33
CA LYS C 17 20.42 15.27 11.66
C LYS C 17 21.74 15.39 12.42
N ASN C 18 22.83 15.08 11.71
CA ASN C 18 24.16 15.15 12.29
C ASN C 18 24.50 16.59 12.68
N SER C 19 23.90 17.53 11.97
CA SER C 19 24.11 18.95 12.24
C SER C 19 23.33 19.35 13.49
N ALA A 1 -1.27 -11.81 20.22
CA ALA A 1 -2.28 -11.41 21.22
C ALA A 1 -3.66 -11.88 20.80
N ASP A 2 -4.26 -12.73 21.63
CA ASP A 2 -5.59 -13.28 21.38
C ASP A 2 -5.56 -14.24 20.18
N GLN A 3 -6.71 -14.83 19.86
CA GLN A 3 -6.80 -15.76 18.74
C GLN A 3 -8.20 -15.74 18.17
N LEU A 4 -8.30 -15.81 16.85
CA LEU A 4 -9.58 -15.80 16.18
C LEU A 4 -10.03 -17.22 15.85
N THR A 5 -11.34 -17.43 15.79
CA THR A 5 -11.88 -18.73 15.47
C THR A 5 -12.31 -18.78 14.00
N GLU A 6 -11.74 -19.73 13.27
CA GLU A 6 -12.04 -19.90 11.85
C GLU A 6 -13.51 -20.21 11.61
N GLU A 7 -14.13 -20.87 12.57
CA GLU A 7 -15.54 -21.22 12.47
C GLU A 7 -16.44 -19.98 12.42
N GLN A 8 -15.97 -18.89 13.02
CA GLN A 8 -16.73 -17.64 13.03
C GLN A 8 -16.40 -16.80 11.82
N ILE A 9 -15.24 -17.06 11.22
CA ILE A 9 -14.80 -16.31 10.05
C ILE A 9 -15.33 -16.97 8.76
N ALA A 10 -16.13 -18.03 8.95
CA ALA A 10 -16.71 -18.77 7.84
C ALA A 10 -17.54 -17.86 6.93
N GLU A 11 -18.33 -16.98 7.51
CA GLU A 11 -19.17 -16.07 6.72
C GLU A 11 -18.33 -14.98 6.09
N PHE A 12 -17.15 -14.73 6.66
CA PHE A 12 -16.25 -13.72 6.14
C PHE A 12 -15.66 -14.22 4.83
N LYS A 13 -15.66 -15.55 4.68
CA LYS A 13 -15.16 -16.18 3.47
C LYS A 13 -16.09 -15.84 2.31
N GLU A 14 -17.37 -15.69 2.62
CA GLU A 14 -18.35 -15.33 1.61
C GLU A 14 -18.11 -13.89 1.16
N ALA A 15 -17.72 -13.06 2.11
CA ALA A 15 -17.44 -11.65 1.84
C ALA A 15 -16.19 -11.51 0.99
N PHE A 16 -15.48 -12.61 0.83
CA PHE A 16 -14.28 -12.64 0.04
C PHE A 16 -14.57 -13.27 -1.32
N SER A 17 -15.24 -14.42 -1.30
CA SER A 17 -15.58 -15.16 -2.51
C SER A 17 -16.63 -14.44 -3.36
N LEU A 18 -17.69 -13.96 -2.74
CA LEU A 18 -18.75 -13.27 -3.47
C LEU A 18 -18.28 -11.88 -3.92
N PHE A 19 -17.28 -11.35 -3.22
CA PHE A 19 -16.73 -10.05 -3.56
C PHE A 19 -15.78 -10.20 -4.74
N ASP A 20 -15.01 -11.28 -4.72
CA ASP A 20 -14.04 -11.58 -5.77
C ASP A 20 -14.75 -11.89 -7.09
N LYS A 21 -15.99 -12.36 -6.96
CA LYS A 21 -16.87 -12.71 -8.08
C LYS A 21 -16.18 -13.51 -9.19
N ASP A 22 -15.20 -14.33 -8.82
CA ASP A 22 -14.51 -15.16 -9.80
C ASP A 22 -14.13 -16.52 -9.21
N GLY A 23 -14.10 -16.60 -7.88
CA GLY A 23 -13.77 -17.85 -7.21
C GLY A 23 -12.29 -18.13 -7.20
N ASP A 24 -11.48 -17.10 -7.39
CA ASP A 24 -10.04 -17.26 -7.40
C ASP A 24 -9.46 -17.10 -5.99
N GLY A 25 -9.92 -16.09 -5.26
CA GLY A 25 -9.43 -15.87 -3.91
C GLY A 25 -8.37 -14.79 -3.86
N THR A 26 -8.50 -13.81 -4.73
CA THR A 26 -7.56 -12.71 -4.82
C THR A 26 -8.28 -11.42 -5.19
N ILE A 27 -8.50 -10.55 -4.21
CA ILE A 27 -9.17 -9.28 -4.45
C ILE A 27 -8.15 -8.21 -4.84
N THR A 28 -8.29 -7.70 -6.06
CA THR A 28 -7.41 -6.67 -6.57
C THR A 28 -8.19 -5.58 -7.29
N THR A 29 -7.50 -4.79 -8.10
CA THR A 29 -8.12 -3.68 -8.82
C THR A 29 -9.02 -4.12 -9.97
N LYS A 30 -8.97 -5.40 -10.33
CA LYS A 30 -9.79 -5.89 -11.44
C LYS A 30 -11.20 -6.22 -10.96
N GLU A 31 -11.31 -7.16 -10.06
CA GLU A 31 -12.60 -7.59 -9.53
C GLU A 31 -13.27 -6.45 -8.77
N LEU A 32 -12.49 -5.73 -7.99
CA LEU A 32 -13.00 -4.60 -7.22
C LEU A 32 -13.51 -3.52 -8.16
N GLY A 33 -12.83 -3.37 -9.29
CA GLY A 33 -13.22 -2.37 -10.27
C GLY A 33 -14.58 -2.66 -10.87
N THR A 34 -15.05 -3.89 -10.70
CA THR A 34 -16.34 -4.28 -11.21
C THR A 34 -17.44 -3.97 -10.18
N VAL A 35 -17.22 -4.38 -8.94
CA VAL A 35 -18.19 -4.15 -7.88
C VAL A 35 -18.34 -2.64 -7.63
N MET A 36 -17.21 -1.95 -7.65
CA MET A 36 -17.19 -0.50 -7.41
C MET A 36 -17.84 0.25 -8.57
N ARG A 37 -17.97 -0.42 -9.70
CA ARG A 37 -18.59 0.18 -10.87
C ARG A 37 -20.09 -0.09 -10.90
N SER A 38 -20.47 -1.36 -10.80
CA SER A 38 -21.87 -1.76 -10.83
C SER A 38 -22.62 -1.40 -9.54
N LEU A 39 -22.00 -1.67 -8.40
CA LEU A 39 -22.62 -1.39 -7.11
C LEU A 39 -22.26 0.02 -6.65
N GLY A 40 -20.98 0.35 -6.76
CA GLY A 40 -20.51 1.67 -6.35
C GLY A 40 -21.10 2.79 -7.18
N GLN A 41 -20.91 2.70 -8.50
CA GLN A 41 -21.43 3.72 -9.43
C GLN A 41 -20.90 5.11 -9.08
N ASN A 42 -19.64 5.17 -8.68
CA ASN A 42 -19.03 6.45 -8.30
C ASN A 42 -17.50 6.35 -8.16
N PRO A 43 -16.97 5.33 -7.44
CA PRO A 43 -15.51 5.18 -7.27
C PRO A 43 -14.74 5.11 -8.58
N THR A 44 -13.89 6.10 -8.81
CA THR A 44 -13.07 6.16 -10.01
C THR A 44 -11.80 5.34 -9.83
N GLU A 45 -10.97 5.27 -10.87
CA GLU A 45 -9.72 4.51 -10.81
C GLU A 45 -8.86 4.94 -9.63
N ALA A 46 -8.77 6.25 -9.41
CA ALA A 46 -7.98 6.78 -8.30
C ALA A 46 -8.54 6.31 -6.95
N GLU A 47 -9.86 6.26 -6.85
CA GLU A 47 -10.52 5.85 -5.62
C GLU A 47 -10.27 4.38 -5.34
N LEU A 48 -10.53 3.51 -6.32
CA LEU A 48 -10.34 2.08 -6.13
C LEU A 48 -8.86 1.76 -5.91
N GLN A 49 -7.98 2.55 -6.49
CA GLN A 49 -6.55 2.35 -6.32
C GLN A 49 -6.15 2.65 -4.89
N ASP A 50 -6.68 3.75 -4.36
CA ASP A 50 -6.41 4.15 -2.97
C ASP A 50 -7.05 3.15 -2.04
N MET A 51 -8.24 2.71 -2.43
CA MET A 51 -9.01 1.74 -1.66
C MET A 51 -8.21 0.46 -1.46
N ILE A 52 -7.61 -0.04 -2.55
CA ILE A 52 -6.81 -1.25 -2.49
C ILE A 52 -5.68 -1.12 -1.47
N ASN A 53 -5.10 0.07 -1.40
CA ASN A 53 -4.00 0.32 -0.47
C ASN A 53 -4.54 0.49 0.94
N GLU A 54 -5.83 0.76 1.06
CA GLU A 54 -6.46 0.93 2.35
C GLU A 54 -6.79 -0.43 2.96
N VAL A 55 -6.77 -1.47 2.12
CA VAL A 55 -7.03 -2.82 2.58
C VAL A 55 -5.71 -3.56 2.78
N ASP A 56 -4.82 -3.43 1.80
CA ASP A 56 -3.51 -4.08 1.86
C ASP A 56 -2.66 -3.48 2.97
N ALA A 57 -2.67 -4.13 4.13
CA ALA A 57 -1.94 -3.66 5.29
C ALA A 57 -0.57 -4.33 5.38
N ASP A 58 -0.41 -5.43 4.68
CA ASP A 58 0.85 -6.16 4.68
C ASP A 58 1.79 -5.61 3.62
N GLY A 59 1.22 -5.13 2.53
CA GLY A 59 2.01 -4.58 1.46
C GLY A 59 2.52 -5.63 0.51
N ASN A 60 1.61 -6.45 0.01
CA ASN A 60 1.97 -7.51 -0.92
C ASN A 60 1.25 -7.32 -2.26
N GLY A 61 0.39 -6.31 -2.30
CA GLY A 61 -0.34 -6.00 -3.52
C GLY A 61 -1.47 -6.97 -3.80
N THR A 62 -2.04 -7.53 -2.76
CA THR A 62 -3.13 -8.48 -2.89
C THR A 62 -3.91 -8.63 -1.59
N ILE A 63 -5.21 -8.37 -1.62
CA ILE A 63 -6.02 -8.51 -0.43
C ILE A 63 -6.11 -9.97 -0.05
N ASP A 64 -5.60 -10.28 1.13
CA ASP A 64 -5.59 -11.64 1.63
C ASP A 64 -6.58 -11.78 2.79
N PHE A 65 -7.00 -13.02 3.02
CA PHE A 65 -7.97 -13.33 4.06
C PHE A 65 -7.55 -12.83 5.46
N PRO A 66 -6.32 -13.14 5.94
CA PRO A 66 -5.86 -12.69 7.26
C PRO A 66 -5.93 -11.18 7.44
N GLU A 67 -5.46 -10.43 6.45
CA GLU A 67 -5.45 -8.97 6.54
C GLU A 67 -6.88 -8.41 6.40
N PHE A 68 -7.71 -9.09 5.61
CA PHE A 68 -9.09 -8.67 5.41
C PHE A 68 -9.81 -8.63 6.76
N LEU A 69 -9.50 -9.61 7.60
CA LEU A 69 -10.07 -9.70 8.92
C LEU A 69 -9.68 -8.48 9.76
N THR A 70 -8.44 -8.05 9.62
CA THR A 70 -7.94 -6.92 10.38
C THR A 70 -8.55 -5.61 9.90
N MET A 71 -8.73 -5.49 8.57
CA MET A 71 -9.31 -4.29 7.97
C MET A 71 -10.69 -3.97 8.54
N MET A 72 -11.52 -4.99 8.66
CA MET A 72 -12.88 -4.82 9.18
C MET A 72 -12.90 -4.85 10.70
N ALA A 73 -11.77 -5.20 11.30
CA ALA A 73 -11.66 -5.29 12.75
C ALA A 73 -11.30 -3.95 13.38
N ARG A 74 -10.11 -3.45 13.05
CA ARG A 74 -9.64 -2.19 13.62
C ARG A 74 -8.65 -1.51 12.67
N LYS A 75 -8.58 -0.19 12.75
CA LYS A 75 -7.68 0.58 11.91
C LYS A 75 -6.51 1.11 12.73
N MET A 76 -5.73 0.20 13.27
CA MET A 76 -4.59 0.56 14.09
C MET A 76 -3.30 0.02 13.49
N LYS A 77 -2.30 0.88 13.39
CA LYS A 77 -1.00 0.49 12.84
C LYS A 77 0.12 1.02 13.71
N ASP A 78 0.88 0.11 14.29
CA ASP A 78 1.98 0.46 15.17
C ASP A 78 3.23 0.86 14.38
N THR A 79 3.99 1.80 14.95
CA THR A 79 5.22 2.31 14.36
C THR A 79 6.27 2.37 15.48
N ASP A 80 7.55 2.16 15.16
CA ASP A 80 8.57 2.16 16.21
C ASP A 80 10.01 2.25 15.71
N SER A 81 10.45 1.20 15.00
CA SER A 81 11.85 1.08 14.57
C SER A 81 12.23 1.91 13.34
N GLU A 82 11.35 2.79 12.89
CA GLU A 82 11.67 3.60 11.72
C GLU A 82 12.27 4.95 12.13
N GLU A 83 12.97 5.02 13.26
CA GLU A 83 13.52 6.30 13.82
C GLU A 83 13.84 7.44 12.79
N GLU A 84 15.10 7.57 12.40
CA GLU A 84 15.51 8.66 11.49
C GLU A 84 14.98 8.46 10.08
N ILE A 85 14.83 7.23 9.66
CA ILE A 85 14.31 6.96 8.34
C ILE A 85 12.83 7.37 8.28
N ARG A 86 12.20 7.49 9.46
CA ARG A 86 10.80 7.95 9.59
C ARG A 86 10.76 9.40 9.24
N GLU A 87 11.79 10.10 9.71
CA GLU A 87 11.97 11.51 9.43
C GLU A 87 11.85 11.73 7.92
N ALA A 88 12.57 10.90 7.16
CA ALA A 88 12.55 10.97 5.70
C ALA A 88 11.30 10.27 5.13
N PHE A 89 10.87 9.22 5.82
CA PHE A 89 9.71 8.40 5.45
C PHE A 89 8.46 9.25 5.24
N ARG A 90 8.24 10.21 6.13
CA ARG A 90 7.08 11.08 6.04
C ARG A 90 7.03 11.84 4.72
N VAL A 91 8.17 11.96 4.07
CA VAL A 91 8.26 12.65 2.79
C VAL A 91 8.39 11.65 1.65
N PHE A 92 9.18 10.62 1.88
CA PHE A 92 9.42 9.57 0.87
C PHE A 92 8.18 8.75 0.58
N ASP A 93 7.33 8.54 1.58
CA ASP A 93 6.12 7.74 1.38
C ASP A 93 5.08 8.51 0.57
N LYS A 94 4.93 9.80 0.87
CA LYS A 94 4.00 10.69 0.17
C LYS A 94 2.54 10.28 0.38
N ASP A 95 2.12 9.19 -0.24
CA ASP A 95 0.75 8.71 -0.15
C ASP A 95 0.45 8.15 1.24
N GLY A 96 0.99 6.98 1.54
CA GLY A 96 0.75 6.39 2.84
C GLY A 96 0.66 4.88 2.75
N ASN A 97 1.76 4.26 2.37
CA ASN A 97 1.81 2.80 2.25
C ASN A 97 3.20 2.28 2.58
N GLY A 98 4.09 3.19 2.98
CA GLY A 98 5.44 2.80 3.33
C GLY A 98 6.34 2.58 2.12
N TYR A 99 5.90 1.72 1.23
CA TYR A 99 6.68 1.39 0.03
C TYR A 99 6.73 2.56 -0.95
N ILE A 100 7.70 2.50 -1.85
CA ILE A 100 7.86 3.52 -2.88
C ILE A 100 7.26 3.00 -4.19
N SER A 101 6.52 3.85 -4.87
CA SER A 101 5.89 3.46 -6.12
C SER A 101 6.49 4.20 -7.31
N ALA A 102 6.33 5.53 -7.30
CA ALA A 102 6.85 6.38 -8.37
C ALA A 102 6.44 7.84 -8.14
N ALA A 103 5.15 8.02 -7.84
CA ALA A 103 4.60 9.35 -7.60
C ALA A 103 5.30 10.07 -6.46
N GLU A 104 5.81 9.30 -5.51
CA GLU A 104 6.51 9.84 -4.36
C GLU A 104 7.74 10.65 -4.78
N LEU A 105 8.53 10.09 -5.68
CA LEU A 105 9.73 10.76 -6.13
C LEU A 105 9.40 11.96 -7.00
N ARG A 106 8.20 11.97 -7.54
CA ARG A 106 7.73 13.08 -8.37
C ARG A 106 7.45 14.30 -7.50
N HIS A 107 7.64 14.13 -6.19
CA HIS A 107 7.45 15.21 -5.24
C HIS A 107 8.76 15.50 -4.49
N VAL A 108 9.41 14.45 -3.99
CA VAL A 108 10.67 14.62 -3.26
C VAL A 108 11.84 14.91 -4.20
N MET A 109 11.99 14.11 -5.26
CA MET A 109 13.08 14.30 -6.20
C MET A 109 12.85 15.53 -7.08
N THR A 110 11.59 15.88 -7.28
CA THR A 110 11.25 17.05 -8.09
C THR A 110 11.59 18.33 -7.32
N ASN A 111 11.70 18.21 -6.00
CA ASN A 111 12.02 19.35 -5.15
C ASN A 111 13.39 19.13 -4.52
N LEU A 112 14.14 18.21 -5.10
CA LEU A 112 15.47 17.86 -4.62
C LEU A 112 16.52 18.72 -5.32
N GLY A 113 16.14 19.26 -6.47
CA GLY A 113 17.03 20.10 -7.23
C GLY A 113 16.49 20.38 -8.62
N GLU A 114 16.63 19.40 -9.51
CA GLU A 114 16.15 19.52 -10.87
C GLU A 114 14.86 18.74 -11.05
N LYS A 115 14.23 18.93 -12.20
CA LYS A 115 12.99 18.24 -12.52
C LYS A 115 13.29 16.87 -13.11
N LEU A 116 12.77 15.83 -12.49
CA LEU A 116 12.98 14.47 -12.95
C LEU A 116 11.78 13.99 -13.76
N THR A 117 12.04 13.47 -14.95
CA THR A 117 10.99 12.96 -15.82
C THR A 117 10.43 11.65 -15.26
N ASP A 118 9.19 11.34 -15.60
CA ASP A 118 8.54 10.12 -15.12
C ASP A 118 9.34 8.88 -15.49
N GLU A 119 9.91 8.87 -16.70
CA GLU A 119 10.73 7.76 -17.17
C GLU A 119 11.96 7.58 -16.28
N GLU A 120 12.65 8.69 -15.99
CA GLU A 120 13.83 8.64 -15.14
C GLU A 120 13.44 8.18 -13.74
N VAL A 121 12.25 8.58 -13.31
CA VAL A 121 11.73 8.20 -12.01
C VAL A 121 11.57 6.67 -11.93
N ASP A 122 11.06 6.08 -13.00
CA ASP A 122 10.86 4.64 -13.05
C ASP A 122 12.22 3.94 -12.98
N GLU A 123 13.16 4.43 -13.79
CA GLU A 123 14.51 3.89 -13.85
C GLU A 123 15.22 3.97 -12.52
N MET A 124 15.14 5.13 -11.87
CA MET A 124 15.82 5.34 -10.59
C MET A 124 15.26 4.46 -9.48
N ILE A 125 13.94 4.28 -9.42
CA ILE A 125 13.33 3.44 -8.39
C ILE A 125 13.78 2.00 -8.57
N ARG A 126 13.85 1.57 -9.82
CA ARG A 126 14.25 0.21 -10.13
C ARG A 126 15.72 -0.03 -9.81
N GLU A 127 16.55 0.99 -9.97
CA GLU A 127 17.97 0.87 -9.66
C GLU A 127 18.20 1.05 -8.15
N ALA A 128 17.15 1.47 -7.46
CA ALA A 128 17.19 1.67 -6.02
C ALA A 128 16.69 0.43 -5.31
N ASP A 129 16.26 -0.55 -6.09
CA ASP A 129 15.75 -1.79 -5.55
C ASP A 129 16.84 -2.84 -5.50
N ILE A 130 16.93 -3.54 -4.38
CA ILE A 130 17.95 -4.55 -4.18
C ILE A 130 17.34 -5.95 -4.11
N ASP A 131 16.21 -6.07 -3.42
CA ASP A 131 15.55 -7.37 -3.29
C ASP A 131 14.93 -7.83 -4.61
N GLY A 132 14.48 -6.87 -5.41
CA GLY A 132 13.88 -7.18 -6.68
C GLY A 132 12.44 -7.62 -6.57
N ASP A 133 11.74 -7.10 -5.56
CA ASP A 133 10.34 -7.44 -5.35
C ASP A 133 9.44 -6.60 -6.24
N GLY A 134 9.89 -5.40 -6.58
CA GLY A 134 9.10 -4.55 -7.44
C GLY A 134 8.96 -3.13 -6.90
N GLN A 135 9.03 -2.98 -5.58
CA GLN A 135 8.89 -1.67 -4.96
C GLN A 135 9.99 -1.45 -3.93
N VAL A 136 10.46 -0.21 -3.83
CA VAL A 136 11.51 0.12 -2.87
C VAL A 136 10.96 0.01 -1.45
N ASN A 137 11.54 -0.93 -0.69
CA ASN A 137 11.12 -1.19 0.68
C ASN A 137 12.16 -0.66 1.67
N TYR A 138 11.79 -0.64 2.94
CA TYR A 138 12.65 -0.17 4.01
C TYR A 138 13.88 -1.07 4.14
N GLU A 139 13.68 -2.36 3.89
CA GLU A 139 14.72 -3.37 3.97
C GLU A 139 15.98 -2.96 3.19
N GLU A 140 15.82 -2.72 1.90
CA GLU A 140 16.95 -2.35 1.05
C GLU A 140 17.33 -0.89 1.23
N PHE A 141 16.39 -0.07 1.69
CA PHE A 141 16.64 1.34 1.91
C PHE A 141 17.78 1.55 2.90
N VAL A 142 17.72 0.84 4.01
CA VAL A 142 18.76 0.95 5.04
C VAL A 142 20.02 0.18 4.68
N GLN A 143 19.97 -0.60 3.61
CA GLN A 143 21.13 -1.37 3.20
C GLN A 143 21.96 -0.61 2.17
N MET A 144 21.30 0.31 1.47
CA MET A 144 21.95 1.09 0.42
C MET A 144 22.88 2.17 0.98
N MET A 145 22.47 2.83 2.06
CA MET A 145 23.28 3.91 2.62
C MET A 145 23.47 3.80 4.13
N THR A 146 22.58 3.09 4.81
CA THR A 146 22.69 2.92 6.25
C THR A 146 23.52 1.70 6.60
N ALA A 147 24.05 1.05 5.58
CA ALA A 147 24.88 -0.13 5.75
C ALA A 147 26.04 -0.09 4.77
N LYS A 148 26.92 -1.08 4.85
CA LYS A 148 28.08 -1.14 3.98
C LYS A 148 28.19 -2.53 3.35
N ARG B 1 -10.77 5.20 0.04
CA ARG B 1 -10.72 4.35 1.26
C ARG B 1 -11.34 2.99 1.00
N ALA B 2 -11.13 2.05 1.92
CA ALA B 2 -11.64 0.70 1.76
C ALA B 2 -12.65 0.31 2.84
N ALA B 3 -12.36 0.64 4.08
CA ALA B 3 -13.24 0.25 5.21
C ALA B 3 -14.69 0.68 5.04
N ASN B 4 -14.97 1.64 4.19
CA ASN B 4 -16.37 2.05 3.96
C ASN B 4 -16.93 1.27 2.77
N LEU B 5 -16.10 1.18 1.75
CA LEU B 5 -16.45 0.52 0.51
C LEU B 5 -16.42 -1.01 0.61
N TRP B 6 -15.90 -1.55 1.70
CA TRP B 6 -15.88 -3.00 1.88
C TRP B 6 -17.18 -3.48 2.55
N PRO B 7 -17.62 -2.86 3.67
CA PRO B 7 -18.87 -3.24 4.32
C PRO B 7 -20.10 -3.00 3.44
N SER B 8 -20.03 -2.00 2.55
CA SER B 8 -21.15 -1.71 1.66
C SER B 8 -21.47 -2.96 0.80
N PRO B 9 -20.54 -3.46 -0.05
CA PRO B 9 -20.78 -4.68 -0.84
C PRO B 9 -21.02 -5.89 0.06
N LEU B 10 -20.48 -5.82 1.28
CA LEU B 10 -20.68 -6.88 2.26
C LEU B 10 -22.13 -6.90 2.69
N MET B 11 -22.72 -5.72 2.80
CA MET B 11 -24.12 -5.57 3.15
C MET B 11 -24.97 -6.15 2.04
N ILE B 12 -24.52 -5.93 0.81
CA ILE B 12 -25.19 -6.47 -0.37
C ILE B 12 -25.02 -7.99 -0.37
N LYS B 13 -23.81 -8.42 0.02
CA LYS B 13 -23.51 -9.85 0.08
C LYS B 13 -24.40 -10.52 1.12
N ARG B 14 -24.59 -9.85 2.25
CA ARG B 14 -25.44 -10.35 3.31
C ARG B 14 -26.85 -10.53 2.79
N SER B 15 -27.28 -9.56 1.99
CA SER B 15 -28.60 -9.59 1.39
C SER B 15 -28.69 -10.73 0.38
N LYS B 16 -27.65 -10.88 -0.43
CA LYS B 16 -27.59 -11.96 -1.42
C LYS B 16 -27.53 -13.32 -0.73
N LYS B 17 -26.78 -13.39 0.36
CA LYS B 17 -26.66 -14.63 1.12
C LYS B 17 -27.99 -14.98 1.76
N ASN B 18 -28.77 -13.94 2.06
CA ASN B 18 -30.09 -14.11 2.66
C ASN B 18 -31.13 -14.42 1.60
N SER B 19 -30.78 -14.17 0.35
CA SER B 19 -31.68 -14.42 -0.76
C SER B 19 -31.59 -15.88 -1.21
N ARG C 1 20.11 8.99 -14.72
CA ARG C 1 20.19 8.27 -13.44
C ARG C 1 19.75 9.17 -12.30
N ALA C 2 19.40 8.56 -11.17
CA ALA C 2 18.94 9.32 -10.02
C ALA C 2 19.22 8.59 -8.70
N ALA C 3 19.76 7.37 -8.79
CA ALA C 3 20.09 6.60 -7.60
C ALA C 3 20.84 7.44 -6.56
N ASN C 4 21.80 8.26 -7.01
CA ASN C 4 22.56 9.14 -6.09
C ASN C 4 21.64 10.19 -5.48
N LEU C 5 20.55 10.46 -6.14
CA LEU C 5 19.58 11.41 -5.64
C LEU C 5 18.84 10.78 -4.47
N TRP C 6 18.71 9.44 -4.47
CA TRP C 6 18.07 8.72 -3.36
C TRP C 6 18.80 9.08 -2.04
N PRO C 7 20.13 8.86 -1.97
CA PRO C 7 20.91 9.22 -0.78
C PRO C 7 20.84 10.70 -0.48
N SER C 8 20.62 11.52 -1.50
CA SER C 8 20.52 12.96 -1.27
C SER C 8 19.52 13.30 -0.14
N PRO C 9 18.17 13.12 -0.29
CA PRO C 9 17.25 13.40 0.82
C PRO C 9 17.60 12.64 2.10
N LEU C 10 18.05 11.39 1.99
CA LEU C 10 18.38 10.64 3.20
C LEU C 10 19.64 11.21 3.87
N MET C 11 20.62 11.60 3.07
CA MET C 11 21.86 12.18 3.56
C MET C 11 21.58 13.53 4.19
N ILE C 12 20.68 14.29 3.56
CA ILE C 12 20.31 15.59 4.07
C ILE C 12 19.68 15.45 5.46
N LYS C 13 18.91 14.39 5.64
CA LYS C 13 18.28 14.12 6.94
C LYS C 13 19.37 13.80 7.96
N ARG C 14 20.27 12.89 7.60
CA ARG C 14 21.36 12.51 8.48
C ARG C 14 22.25 13.70 8.81
N SER C 15 22.46 14.57 7.83
CA SER C 15 23.27 15.76 8.02
C SER C 15 22.52 16.79 8.86
N LYS C 16 21.23 16.95 8.57
CA LYS C 16 20.39 17.88 9.31
C LYS C 16 20.23 17.41 10.75
N LYS C 17 20.23 16.09 10.92
CA LYS C 17 20.11 15.48 12.23
C LYS C 17 21.40 15.70 13.01
N ASN C 18 22.49 15.81 12.28
CA ASN C 18 23.81 16.05 12.86
C ASN C 18 23.97 17.53 13.18
N SER C 19 23.14 18.34 12.52
CA SER C 19 23.15 19.79 12.72
C SER C 19 22.18 20.18 13.82
N ALA A 1 -1.96 -11.60 18.65
CA ALA A 1 -3.07 -11.12 19.51
C ALA A 1 -4.17 -12.16 19.56
N ASP A 2 -3.93 -13.22 20.34
CA ASP A 2 -4.88 -14.31 20.49
C ASP A 2 -5.07 -15.02 19.14
N GLN A 3 -6.31 -15.40 18.82
CA GLN A 3 -6.58 -16.07 17.56
C GLN A 3 -8.02 -15.82 17.13
N LEU A 4 -8.33 -16.19 15.89
CA LEU A 4 -9.67 -16.01 15.36
C LEU A 4 -10.37 -17.37 15.25
N THR A 5 -11.68 -17.35 15.37
CA THR A 5 -12.46 -18.57 15.31
C THR A 5 -12.89 -18.85 13.87
N GLU A 6 -12.30 -19.88 13.27
CA GLU A 6 -12.59 -20.24 11.88
C GLU A 6 -14.05 -20.66 11.73
N GLU A 7 -14.63 -21.22 12.79
CA GLU A 7 -16.01 -21.68 12.76
C GLU A 7 -16.98 -20.49 12.63
N GLN A 8 -16.60 -19.37 13.24
CA GLN A 8 -17.44 -18.16 13.19
C GLN A 8 -17.08 -17.32 11.97
N ILE A 9 -15.86 -17.49 11.48
CA ILE A 9 -15.39 -16.74 10.32
C ILE A 9 -15.94 -17.35 9.02
N ALA A 10 -16.76 -18.39 9.16
CA ALA A 10 -17.37 -19.07 8.03
C ALA A 10 -18.18 -18.11 7.14
N GLU A 11 -18.92 -17.21 7.75
CA GLU A 11 -19.72 -16.26 6.99
C GLU A 11 -18.82 -15.25 6.28
N PHE A 12 -17.62 -15.07 6.80
CA PHE A 12 -16.65 -14.15 6.20
C PHE A 12 -16.06 -14.81 4.96
N LYS A 13 -16.14 -16.14 4.92
CA LYS A 13 -15.65 -16.89 3.78
C LYS A 13 -16.50 -16.57 2.56
N GLU A 14 -17.81 -16.43 2.79
CA GLU A 14 -18.74 -16.09 1.73
C GLU A 14 -18.47 -14.65 1.29
N ALA A 15 -18.06 -13.83 2.24
CA ALA A 15 -17.76 -12.44 1.97
C ALA A 15 -16.52 -12.33 1.08
N PHE A 16 -15.64 -13.32 1.21
CA PHE A 16 -14.42 -13.36 0.42
C PHE A 16 -14.62 -14.24 -0.82
N SER A 17 -15.86 -14.65 -1.05
CA SER A 17 -16.19 -15.48 -2.19
C SER A 17 -17.19 -14.77 -3.11
N LEU A 18 -18.29 -14.30 -2.54
CA LEU A 18 -19.33 -13.60 -3.29
C LEU A 18 -18.82 -12.26 -3.80
N PHE A 19 -17.94 -11.64 -3.02
CA PHE A 19 -17.37 -10.35 -3.38
C PHE A 19 -16.18 -10.55 -4.31
N ASP A 20 -15.55 -11.71 -4.22
CA ASP A 20 -14.41 -12.04 -5.05
C ASP A 20 -14.84 -12.33 -6.48
N LYS A 21 -16.15 -12.57 -6.64
CA LYS A 21 -16.77 -12.86 -7.94
C LYS A 21 -16.35 -14.23 -8.49
N ASP A 22 -15.07 -14.35 -8.83
CA ASP A 22 -14.55 -15.61 -9.36
C ASP A 22 -14.51 -16.68 -8.29
N GLY A 23 -14.27 -16.27 -7.06
CA GLY A 23 -14.20 -17.21 -5.97
C GLY A 23 -12.87 -17.92 -5.92
N ASP A 24 -11.82 -17.26 -6.41
CA ASP A 24 -10.49 -17.83 -6.41
C ASP A 24 -9.85 -17.68 -5.04
N GLY A 25 -10.21 -16.62 -4.34
CA GLY A 25 -9.67 -16.37 -3.01
C GLY A 25 -8.72 -15.20 -2.98
N THR A 26 -8.76 -14.36 -4.02
CA THR A 26 -7.89 -13.19 -4.08
C THR A 26 -8.62 -12.01 -4.71
N ILE A 27 -8.76 -10.93 -3.96
CA ILE A 27 -9.43 -9.73 -4.46
C ILE A 27 -8.40 -8.82 -5.12
N THR A 28 -8.59 -8.58 -6.40
CA THR A 28 -7.70 -7.70 -7.16
C THR A 28 -8.53 -6.60 -7.80
N THR A 29 -7.87 -5.67 -8.49
CA THR A 29 -8.56 -4.57 -9.14
C THR A 29 -9.45 -5.04 -10.29
N LYS A 30 -9.27 -6.28 -10.70
CA LYS A 30 -10.05 -6.86 -11.79
C LYS A 30 -11.49 -7.13 -11.35
N GLU A 31 -11.63 -8.03 -10.38
CA GLU A 31 -12.95 -8.39 -9.87
C GLU A 31 -13.53 -7.28 -9.01
N LEU A 32 -12.70 -6.69 -8.16
CA LEU A 32 -13.13 -5.61 -7.28
C LEU A 32 -13.60 -4.42 -8.12
N GLY A 33 -12.84 -4.12 -9.16
CA GLY A 33 -13.19 -3.02 -10.03
C GLY A 33 -14.51 -3.27 -10.74
N THR A 34 -14.82 -4.53 -10.97
CA THR A 34 -16.07 -4.90 -11.63
C THR A 34 -17.25 -4.66 -10.68
N VAL A 35 -17.13 -5.16 -9.46
CA VAL A 35 -18.18 -5.02 -8.46
C VAL A 35 -18.37 -3.56 -8.07
N MET A 36 -17.25 -2.87 -7.82
CA MET A 36 -17.28 -1.46 -7.42
C MET A 36 -17.81 -0.59 -8.55
N ARG A 37 -17.79 -1.12 -9.77
CA ARG A 37 -18.29 -0.38 -10.92
C ARG A 37 -19.79 -0.57 -11.08
N SER A 38 -20.22 -1.82 -11.02
CA SER A 38 -21.64 -2.15 -11.17
C SER A 38 -22.46 -1.77 -9.94
N LEU A 39 -22.02 -2.21 -8.77
CA LEU A 39 -22.74 -1.93 -7.54
C LEU A 39 -22.34 -0.57 -6.96
N GLY A 40 -21.04 -0.29 -7.00
CA GLY A 40 -20.55 0.97 -6.46
C GLY A 40 -20.97 2.17 -7.28
N GLN A 41 -20.83 2.03 -8.62
CA GLN A 41 -21.18 3.10 -9.59
C GLN A 41 -20.77 4.49 -9.07
N ASN A 42 -19.51 4.60 -8.70
CA ASN A 42 -18.96 5.85 -8.16
C ASN A 42 -17.43 5.85 -8.21
N PRO A 43 -16.75 4.76 -7.76
CA PRO A 43 -15.28 4.70 -7.78
C PRO A 43 -14.69 4.80 -9.18
N THR A 44 -13.70 5.67 -9.32
CA THR A 44 -13.01 5.88 -10.58
C THR A 44 -11.81 4.96 -10.70
N GLU A 45 -11.07 5.07 -11.80
CA GLU A 45 -9.89 4.24 -12.04
C GLU A 45 -8.89 4.41 -10.91
N ALA A 46 -8.69 5.66 -10.50
CA ALA A 46 -7.76 5.98 -9.42
C ALA A 46 -8.31 5.55 -8.07
N GLU A 47 -9.63 5.63 -7.92
CA GLU A 47 -10.28 5.26 -6.67
C GLU A 47 -10.10 3.77 -6.38
N LEU A 48 -10.45 2.93 -7.35
CA LEU A 48 -10.33 1.47 -7.17
C LEU A 48 -8.87 1.06 -6.94
N GLN A 49 -7.95 1.80 -7.53
CA GLN A 49 -6.52 1.50 -7.37
C GLN A 49 -6.05 1.88 -5.97
N ASP A 50 -6.38 3.11 -5.56
CA ASP A 50 -6.00 3.61 -4.24
C ASP A 50 -6.74 2.85 -3.15
N MET A 51 -7.96 2.42 -3.46
CA MET A 51 -8.78 1.69 -2.50
C MET A 51 -8.09 0.40 -2.09
N ILE A 52 -7.35 -0.22 -2.99
CA ILE A 52 -6.64 -1.46 -2.68
C ILE A 52 -5.59 -1.22 -1.61
N ASN A 53 -4.98 -0.04 -1.65
CA ASN A 53 -3.96 0.33 -0.68
C ASN A 53 -4.60 0.59 0.68
N GLU A 54 -5.92 0.72 0.67
CA GLU A 54 -6.68 0.97 1.90
C GLU A 54 -7.13 -0.36 2.51
N VAL A 55 -7.02 -1.44 1.75
CA VAL A 55 -7.42 -2.75 2.22
C VAL A 55 -6.20 -3.58 2.62
N ASP A 56 -5.17 -3.54 1.77
CA ASP A 56 -3.94 -4.28 2.05
C ASP A 56 -3.12 -3.55 3.10
N ALA A 57 -2.68 -4.27 4.12
CA ALA A 57 -1.90 -3.66 5.19
C ALA A 57 -0.61 -4.45 5.44
N ASP A 58 -0.22 -5.26 4.47
CA ASP A 58 0.99 -6.06 4.61
C ASP A 58 2.01 -5.70 3.53
N GLY A 59 1.51 -5.33 2.35
CA GLY A 59 2.37 -4.94 1.27
C GLY A 59 2.86 -6.10 0.41
N ASN A 60 2.13 -7.21 0.40
CA ASN A 60 2.52 -8.35 -0.41
C ASN A 60 2.12 -8.13 -1.87
N GLY A 61 1.10 -7.29 -2.07
CA GLY A 61 0.65 -6.99 -3.42
C GLY A 61 -0.77 -7.43 -3.71
N THR A 62 -1.31 -8.34 -2.90
CA THR A 62 -2.66 -8.82 -3.14
C THR A 62 -3.47 -8.91 -1.84
N ILE A 63 -4.79 -8.90 -1.95
CA ILE A 63 -5.65 -8.99 -0.78
C ILE A 63 -5.74 -10.43 -0.30
N ASP A 64 -5.25 -10.65 0.90
CA ASP A 64 -5.27 -11.97 1.50
C ASP A 64 -6.33 -12.03 2.59
N PHE A 65 -6.83 -13.23 2.84
CA PHE A 65 -7.87 -13.47 3.85
C PHE A 65 -7.50 -12.91 5.23
N PRO A 66 -6.29 -13.19 5.77
CA PRO A 66 -5.88 -12.68 7.09
C PRO A 66 -6.05 -11.15 7.23
N GLU A 67 -5.50 -10.39 6.29
CA GLU A 67 -5.59 -8.93 6.36
C GLU A 67 -7.02 -8.43 6.10
N PHE A 68 -7.80 -9.25 5.40
CA PHE A 68 -9.19 -8.90 5.09
C PHE A 68 -9.96 -8.62 6.38
N LEU A 69 -9.73 -9.46 7.39
CA LEU A 69 -10.40 -9.31 8.67
C LEU A 69 -9.87 -8.09 9.40
N THR A 70 -8.56 -7.88 9.35
CA THR A 70 -7.92 -6.76 10.01
C THR A 70 -8.44 -5.42 9.47
N MET A 71 -8.73 -5.37 8.18
CA MET A 71 -9.24 -4.16 7.54
C MET A 71 -10.52 -3.70 8.22
N MET A 72 -11.39 -4.64 8.53
CA MET A 72 -12.67 -4.33 9.16
C MET A 72 -12.59 -4.58 10.67
N ALA A 73 -11.38 -4.53 11.20
CA ALA A 73 -11.15 -4.72 12.63
C ALA A 73 -10.59 -3.46 13.27
N ARG A 74 -9.49 -2.96 12.72
CA ARG A 74 -8.88 -1.75 13.26
C ARG A 74 -7.97 -1.10 12.21
N LYS A 75 -7.88 0.22 12.26
CA LYS A 75 -7.05 0.98 11.33
C LYS A 75 -5.98 1.73 12.10
N MET A 76 -5.13 0.97 12.81
CA MET A 76 -4.06 1.57 13.61
C MET A 76 -2.76 0.77 13.46
N LYS A 77 -1.65 1.48 13.31
CA LYS A 77 -0.34 0.86 13.15
C LYS A 77 0.73 1.64 13.93
N ASP A 78 1.72 0.92 14.44
CA ASP A 78 2.81 1.53 15.20
C ASP A 78 4.02 1.79 14.31
N THR A 79 4.91 2.67 14.76
CA THR A 79 6.12 3.01 14.02
C THR A 79 7.00 3.94 14.85
N ASP A 80 8.15 3.44 15.30
CA ASP A 80 9.08 4.22 16.12
C ASP A 80 10.41 3.50 16.29
N SER A 81 10.92 2.92 15.22
CA SER A 81 12.18 2.19 15.28
C SER A 81 13.18 2.71 14.26
N GLU A 82 12.67 3.50 13.31
CA GLU A 82 13.49 4.06 12.25
C GLU A 82 14.02 5.46 12.62
N GLU A 83 14.86 5.55 13.65
CA GLU A 83 15.41 6.84 14.16
C GLU A 83 15.54 7.97 13.11
N GLU A 84 16.73 8.11 12.54
CA GLU A 84 17.01 9.18 11.56
C GLU A 84 16.17 9.03 10.30
N ILE A 85 16.09 7.82 9.79
CA ILE A 85 15.34 7.57 8.58
C ILE A 85 13.85 7.87 8.73
N ARG A 86 13.33 7.90 9.97
CA ARG A 86 11.93 8.24 10.20
C ARG A 86 11.78 9.72 9.98
N GLU A 87 12.77 10.47 10.45
CA GLU A 87 12.77 11.92 10.26
C GLU A 87 12.69 12.23 8.77
N ALA A 88 13.32 11.36 7.98
CA ALA A 88 13.33 11.49 6.52
C ALA A 88 12.07 10.83 5.93
N PHE A 89 11.66 9.72 6.53
CA PHE A 89 10.49 8.96 6.09
C PHE A 89 9.22 9.79 6.12
N ARG A 90 9.12 10.67 7.11
CA ARG A 90 7.93 11.51 7.23
C ARG A 90 7.82 12.46 6.03
N VAL A 91 8.92 12.58 5.28
CA VAL A 91 8.96 13.42 4.10
C VAL A 91 8.95 12.55 2.84
N PHE A 92 9.71 11.47 2.88
CA PHE A 92 9.83 10.54 1.76
C PHE A 92 8.52 9.77 1.51
N ASP A 93 7.76 9.53 2.58
CA ASP A 93 6.52 8.78 2.45
C ASP A 93 5.38 9.66 1.93
N LYS A 94 5.29 10.88 2.48
CA LYS A 94 4.27 11.85 2.09
C LYS A 94 2.83 11.44 2.45
N ASP A 95 2.29 10.47 1.72
CA ASP A 95 0.91 10.01 1.93
C ASP A 95 0.73 9.34 3.28
N GLY A 96 1.68 8.50 3.66
CA GLY A 96 1.59 7.81 4.94
C GLY A 96 1.18 6.35 4.76
N ASN A 97 2.12 5.55 4.31
CA ASN A 97 1.89 4.12 4.09
C ASN A 97 3.19 3.33 4.24
N GLY A 98 4.30 4.04 4.45
CA GLY A 98 5.58 3.40 4.62
C GLY A 98 6.12 2.77 3.35
N TYR A 99 5.59 3.20 2.21
CA TYR A 99 6.03 2.67 0.92
C TYR A 99 6.23 3.78 -0.09
N ILE A 100 7.09 3.53 -1.07
CA ILE A 100 7.36 4.48 -2.13
C ILE A 100 6.51 4.15 -3.35
N SER A 101 5.76 5.13 -3.85
CA SER A 101 4.91 4.90 -5.02
C SER A 101 5.51 5.61 -6.23
N ALA A 102 5.55 6.94 -6.18
CA ALA A 102 6.09 7.75 -7.28
C ALA A 102 5.93 9.24 -6.98
N ALA A 103 4.70 9.64 -6.67
CA ALA A 103 4.37 11.03 -6.40
C ALA A 103 5.15 11.62 -5.23
N GLU A 104 5.42 10.79 -4.22
CA GLU A 104 6.15 11.24 -3.03
C GLU A 104 7.60 11.55 -3.38
N LEU A 105 8.25 10.59 -4.03
CA LEU A 105 9.64 10.75 -4.40
C LEU A 105 9.81 11.87 -5.41
N ARG A 106 8.82 12.01 -6.29
CA ARG A 106 8.83 13.06 -7.30
C ARG A 106 8.90 14.43 -6.64
N HIS A 107 8.41 14.51 -5.41
CA HIS A 107 8.41 15.75 -4.66
C HIS A 107 9.78 16.02 -4.02
N VAL A 108 10.38 15.00 -3.40
CA VAL A 108 11.68 15.18 -2.75
C VAL A 108 12.80 15.27 -3.80
N MET A 109 12.62 14.61 -4.93
CA MET A 109 13.61 14.62 -5.98
C MET A 109 13.60 15.93 -6.75
N THR A 110 12.42 16.53 -6.91
CA THR A 110 12.33 17.81 -7.60
C THR A 110 12.85 18.92 -6.70
N ASN A 111 12.93 18.64 -5.40
CA ASN A 111 13.43 19.59 -4.43
C ASN A 111 14.90 19.32 -4.14
N LEU A 112 15.39 18.20 -4.69
CA LEU A 112 16.78 17.80 -4.52
C LEU A 112 17.68 18.83 -5.21
N GLY A 113 17.19 19.36 -6.32
CA GLY A 113 17.92 20.35 -7.07
C GLY A 113 17.29 20.58 -8.43
N GLU A 114 17.47 19.61 -9.30
CA GLU A 114 16.93 19.67 -10.65
C GLU A 114 15.51 19.11 -10.69
N LYS A 115 14.75 19.48 -11.71
CA LYS A 115 13.39 18.99 -11.86
C LYS A 115 13.41 17.61 -12.49
N LEU A 116 13.34 16.59 -11.65
CA LEU A 116 13.36 15.20 -12.10
C LEU A 116 12.19 14.90 -13.04
N THR A 117 12.52 14.42 -14.23
CA THR A 117 11.52 14.06 -15.21
C THR A 117 10.83 12.77 -14.78
N ASP A 118 9.50 12.74 -14.90
CA ASP A 118 8.71 11.57 -14.51
C ASP A 118 9.21 10.29 -15.18
N GLU A 119 9.74 10.45 -16.39
CA GLU A 119 10.26 9.33 -17.17
C GLU A 119 11.37 8.60 -16.41
N GLU A 120 12.18 9.35 -15.68
CA GLU A 120 13.29 8.77 -14.92
C GLU A 120 12.87 8.46 -13.50
N VAL A 121 11.80 9.10 -13.04
CA VAL A 121 11.29 8.90 -11.68
C VAL A 121 10.91 7.43 -11.49
N ASP A 122 10.22 6.87 -12.48
CA ASP A 122 9.82 5.47 -12.39
C ASP A 122 11.05 4.55 -12.43
N GLU A 123 11.99 4.89 -13.29
CA GLU A 123 13.21 4.11 -13.45
C GLU A 123 14.01 4.05 -12.14
N MET A 124 14.21 5.20 -11.51
CA MET A 124 14.97 5.28 -10.27
C MET A 124 14.30 4.51 -9.13
N ILE A 125 12.98 4.63 -9.02
CA ILE A 125 12.24 3.95 -7.97
C ILE A 125 12.26 2.43 -8.20
N ARG A 126 12.15 2.02 -9.46
CA ARG A 126 12.17 0.61 -9.81
C ARG A 126 13.58 0.04 -9.57
N GLU A 127 14.58 0.89 -9.74
CA GLU A 127 15.97 0.50 -9.53
C GLU A 127 16.28 0.46 -8.03
N ALA A 128 15.45 1.17 -7.27
CA ALA A 128 15.59 1.25 -5.83
C ALA A 128 15.12 -0.04 -5.17
N ASP A 129 14.36 -0.83 -5.91
CA ASP A 129 13.85 -2.09 -5.41
C ASP A 129 14.94 -3.15 -5.47
N ILE A 130 15.41 -3.55 -4.31
CA ILE A 130 16.47 -4.53 -4.21
C ILE A 130 15.90 -5.92 -3.90
N ASP A 131 14.75 -5.95 -3.24
CA ASP A 131 14.12 -7.23 -2.90
C ASP A 131 13.44 -7.86 -4.12
N GLY A 132 12.57 -7.10 -4.76
CA GLY A 132 11.87 -7.60 -5.92
C GLY A 132 10.37 -7.69 -5.71
N ASP A 133 9.83 -6.80 -4.88
CA ASP A 133 8.39 -6.80 -4.60
C ASP A 133 7.66 -5.80 -5.50
N GLY A 134 8.39 -4.79 -5.97
CA GLY A 134 7.78 -3.81 -6.85
C GLY A 134 7.65 -2.42 -6.22
N GLN A 135 7.91 -2.32 -4.92
CA GLN A 135 7.80 -1.05 -4.22
C GLN A 135 8.97 -0.86 -3.25
N VAL A 136 9.55 0.33 -3.25
CA VAL A 136 10.66 0.61 -2.36
C VAL A 136 10.20 0.60 -0.91
N ASN A 137 10.72 -0.36 -0.16
CA ASN A 137 10.39 -0.53 1.24
C ASN A 137 11.51 0.01 2.11
N TYR A 138 11.21 0.24 3.38
CA TYR A 138 12.18 0.76 4.33
C TYR A 138 13.38 -0.17 4.46
N GLU A 139 13.11 -1.48 4.33
CA GLU A 139 14.14 -2.50 4.42
C GLU A 139 15.33 -2.22 3.50
N GLU A 140 15.06 -2.12 2.21
CA GLU A 140 16.10 -1.88 1.23
C GLU A 140 16.52 -0.42 1.19
N PHE A 141 15.68 0.45 1.74
CA PHE A 141 15.97 1.88 1.77
C PHE A 141 17.22 2.17 2.60
N VAL A 142 17.27 1.61 3.79
CA VAL A 142 18.41 1.81 4.68
C VAL A 142 19.55 0.86 4.36
N GLN A 143 19.23 -0.25 3.72
CA GLN A 143 20.23 -1.26 3.39
C GLN A 143 21.08 -0.83 2.19
N MET A 144 20.70 0.26 1.55
CA MET A 144 21.44 0.74 0.37
C MET A 144 22.46 1.82 0.73
N MET A 145 22.16 2.64 1.75
CA MET A 145 23.07 3.72 2.11
C MET A 145 23.43 3.71 3.60
N THR A 146 22.46 3.48 4.45
CA THR A 146 22.69 3.46 5.88
C THR A 146 23.46 2.22 6.33
N ALA A 147 23.56 1.24 5.45
CA ALA A 147 24.28 0.02 5.75
C ALA A 147 25.73 0.12 5.31
N LYS A 148 26.46 -0.97 5.44
CA LYS A 148 27.86 -1.02 5.07
C LYS A 148 28.20 -2.39 4.50
N ARG B 1 -10.79 4.97 -0.83
CA ARG B 1 -10.85 4.15 0.39
C ARG B 1 -11.60 2.85 0.15
N ALA B 2 -11.51 1.93 1.10
CA ALA B 2 -12.17 0.64 1.00
C ALA B 2 -12.94 0.31 2.28
N ALA B 3 -12.72 1.13 3.32
CA ALA B 3 -13.33 0.96 4.63
C ALA B 3 -14.81 0.57 4.60
N ASN B 4 -15.68 1.48 4.16
CA ASN B 4 -17.12 1.21 4.09
C ASN B 4 -17.51 0.67 2.71
N LEU B 5 -16.66 0.92 1.73
CA LEU B 5 -16.93 0.46 0.38
C LEU B 5 -16.98 -1.06 0.32
N TRP B 6 -15.94 -1.75 0.78
CA TRP B 6 -15.93 -3.22 0.77
C TRP B 6 -17.18 -3.75 1.49
N PRO B 7 -17.48 -3.26 2.73
CA PRO B 7 -18.71 -3.63 3.45
C PRO B 7 -19.98 -3.47 2.62
N SER B 8 -19.98 -2.54 1.65
CA SER B 8 -21.13 -2.33 0.80
C SER B 8 -21.42 -3.60 -0.04
N PRO B 9 -20.54 -4.04 -0.99
CA PRO B 9 -20.77 -5.31 -1.70
C PRO B 9 -20.98 -6.47 -0.74
N LEU B 10 -20.36 -6.39 0.43
CA LEU B 10 -20.51 -7.42 1.46
C LEU B 10 -21.96 -7.50 1.89
N MET B 11 -22.59 -6.33 2.00
CA MET B 11 -24.00 -6.24 2.37
C MET B 11 -24.83 -6.92 1.27
N ILE B 12 -24.39 -6.74 0.03
CA ILE B 12 -25.06 -7.37 -1.11
C ILE B 12 -24.92 -8.89 -1.02
N LYS B 13 -23.75 -9.35 -0.60
CA LYS B 13 -23.50 -10.78 -0.44
C LYS B 13 -24.44 -11.34 0.62
N ARG B 14 -24.76 -10.53 1.62
CA ARG B 14 -25.68 -10.95 2.67
C ARG B 14 -27.09 -11.03 2.10
N SER B 15 -27.47 -9.98 1.37
CA SER B 15 -28.80 -9.92 0.76
C SER B 15 -28.98 -11.07 -0.22
N LYS B 16 -27.96 -11.33 -1.03
CA LYS B 16 -28.01 -12.41 -2.00
C LYS B 16 -28.03 -13.76 -1.30
N LYS B 17 -27.29 -13.87 -0.20
CA LYS B 17 -27.25 -15.10 0.57
C LYS B 17 -28.59 -15.35 1.23
N ASN B 18 -29.33 -14.28 1.49
CA ASN B 18 -30.64 -14.36 2.10
C ASN B 18 -31.71 -14.65 1.05
N SER B 19 -31.54 -14.09 -0.13
CA SER B 19 -32.47 -14.28 -1.23
C SER B 19 -32.20 -15.62 -1.93
N ARG C 1 19.62 7.50 -14.91
CA ARG C 1 19.31 6.76 -13.66
C ARG C 1 19.57 7.64 -12.45
N ALA C 2 18.49 7.99 -11.76
CA ALA C 2 18.52 8.83 -10.56
C ALA C 2 18.95 8.10 -9.30
N ALA C 3 19.26 6.80 -9.42
CA ALA C 3 19.68 5.99 -8.27
C ALA C 3 20.62 6.75 -7.31
N ASN C 4 21.67 7.39 -7.85
CA ASN C 4 22.62 8.14 -7.02
C ASN C 4 21.92 9.34 -6.36
N LEU C 5 20.83 9.78 -6.98
CA LEU C 5 20.06 10.88 -6.45
C LEU C 5 19.21 10.39 -5.28
N TRP C 6 19.00 9.06 -5.19
CA TRP C 6 18.27 8.44 -4.07
C TRP C 6 19.04 8.73 -2.77
N PRO C 7 20.36 8.35 -2.70
CA PRO C 7 21.17 8.62 -1.53
C PRO C 7 21.35 10.10 -1.30
N SER C 8 21.23 10.89 -2.36
CA SER C 8 21.39 12.33 -2.22
C SER C 8 20.48 12.92 -1.10
N PRO C 9 19.11 12.87 -1.17
CA PRO C 9 18.30 13.42 -0.08
C PRO C 9 18.53 12.66 1.22
N LEU C 10 18.73 11.34 1.16
CA LEU C 10 18.94 10.59 2.40
C LEU C 10 20.30 10.96 3.04
N MET C 11 21.29 11.23 2.20
CA MET C 11 22.62 11.63 2.67
C MET C 11 22.56 13.03 3.26
N ILE C 12 21.78 13.89 2.61
CA ILE C 12 21.60 15.26 3.09
C ILE C 12 21.00 15.20 4.50
N LYS C 13 20.14 14.21 4.71
CA LYS C 13 19.51 14.01 6.01
C LYS C 13 20.59 13.64 7.02
N ARG C 14 21.43 12.68 6.65
CA ARG C 14 22.50 12.22 7.52
C ARG C 14 23.47 13.36 7.82
N SER C 15 23.72 14.19 6.82
CA SER C 15 24.60 15.33 6.98
C SER C 15 23.93 16.38 7.88
N LYS C 16 22.64 16.58 7.68
CA LYS C 16 21.86 17.54 8.45
C LYS C 16 21.76 17.07 9.91
N LYS C 17 21.59 15.76 10.10
CA LYS C 17 21.50 15.20 11.44
C LYS C 17 22.84 15.33 12.14
N ASN C 18 23.90 15.20 11.35
CA ASN C 18 25.26 15.31 11.88
C ASN C 18 25.56 16.77 12.21
N SER C 19 24.93 17.68 11.47
CA SER C 19 25.12 19.11 11.68
C SER C 19 24.60 19.53 13.06
N ALA A 1 -0.78 -11.64 19.40
CA ALA A 1 -1.62 -11.77 20.62
C ALA A 1 -3.08 -12.00 20.23
N ASP A 2 -3.86 -12.45 21.19
CA ASP A 2 -5.29 -12.74 21.00
C ASP A 2 -5.49 -13.90 20.04
N GLN A 3 -6.74 -14.26 19.81
CA GLN A 3 -7.06 -15.36 18.92
C GLN A 3 -8.40 -15.12 18.24
N LEU A 4 -8.53 -15.57 17.01
CA LEU A 4 -9.76 -15.40 16.25
C LEU A 4 -10.43 -16.75 15.99
N THR A 5 -11.75 -16.76 16.05
CA THR A 5 -12.50 -17.98 15.81
C THR A 5 -12.48 -18.36 14.34
N GLU A 6 -11.86 -19.50 14.05
CA GLU A 6 -11.75 -20.00 12.68
C GLU A 6 -13.11 -20.16 12.03
N GLU A 7 -14.08 -20.67 12.78
CA GLU A 7 -15.43 -20.87 12.26
C GLU A 7 -16.09 -19.56 11.88
N GLN A 8 -16.05 -18.59 12.78
CA GLN A 8 -16.68 -17.29 12.54
C GLN A 8 -16.04 -16.58 11.33
N ILE A 9 -14.72 -16.67 11.21
CA ILE A 9 -14.03 -16.03 10.10
C ILE A 9 -14.33 -16.77 8.80
N ALA A 10 -14.59 -18.07 8.90
CA ALA A 10 -14.90 -18.89 7.74
C ALA A 10 -16.26 -18.49 7.18
N GLU A 11 -17.14 -18.01 8.06
CA GLU A 11 -18.47 -17.58 7.66
C GLU A 11 -18.39 -16.25 6.93
N PHE A 12 -17.25 -15.57 7.08
CA PHE A 12 -17.03 -14.30 6.43
C PHE A 12 -16.42 -14.50 5.05
N LYS A 13 -16.23 -15.75 4.67
CA LYS A 13 -15.66 -16.10 3.36
C LYS A 13 -16.51 -15.52 2.23
N GLU A 14 -17.81 -15.41 2.49
CA GLU A 14 -18.73 -14.86 1.52
C GLU A 14 -18.37 -13.44 1.15
N ALA A 15 -17.78 -12.73 2.12
CA ALA A 15 -17.37 -11.34 1.92
C ALA A 15 -16.10 -11.27 1.08
N PHE A 16 -15.57 -12.43 0.75
CA PHE A 16 -14.36 -12.52 -0.04
C PHE A 16 -14.67 -13.18 -1.39
N SER A 17 -15.33 -14.33 -1.34
CA SER A 17 -15.68 -15.07 -2.55
C SER A 17 -16.64 -14.30 -3.47
N LEU A 18 -17.72 -13.77 -2.90
CA LEU A 18 -18.70 -13.02 -3.69
C LEU A 18 -18.16 -11.64 -4.08
N PHE A 19 -17.21 -11.16 -3.29
CA PHE A 19 -16.59 -9.87 -3.56
C PHE A 19 -15.53 -10.04 -4.64
N ASP A 20 -14.88 -11.19 -4.62
CA ASP A 20 -13.83 -11.51 -5.57
C ASP A 20 -14.38 -11.70 -6.97
N LYS A 21 -15.61 -12.22 -7.06
CA LYS A 21 -16.31 -12.47 -8.33
C LYS A 21 -15.67 -13.62 -9.12
N ASP A 22 -14.34 -13.69 -9.14
CA ASP A 22 -13.64 -14.76 -9.84
C ASP A 22 -13.52 -15.98 -8.95
N GLY A 23 -13.62 -15.74 -7.64
CA GLY A 23 -13.56 -16.80 -6.67
C GLY A 23 -12.18 -17.42 -6.58
N ASP A 24 -11.14 -16.62 -6.73
CA ASP A 24 -9.78 -17.12 -6.64
C ASP A 24 -9.28 -17.04 -5.20
N GLY A 25 -9.78 -16.06 -4.46
CA GLY A 25 -9.38 -15.90 -3.07
C GLY A 25 -8.42 -14.75 -2.87
N THR A 26 -8.42 -13.82 -3.81
CA THR A 26 -7.55 -12.66 -3.74
C THR A 26 -8.22 -11.45 -4.40
N ILE A 27 -8.59 -10.47 -3.58
CA ILE A 27 -9.23 -9.25 -4.08
C ILE A 27 -8.21 -8.34 -4.77
N THR A 28 -8.28 -8.29 -6.10
CA THR A 28 -7.39 -7.46 -6.88
C THR A 28 -8.13 -6.21 -7.36
N THR A 29 -7.40 -5.28 -7.97
CA THR A 29 -7.99 -4.04 -8.45
C THR A 29 -9.05 -4.25 -9.54
N LYS A 30 -8.90 -5.30 -10.33
CA LYS A 30 -9.85 -5.59 -11.40
C LYS A 30 -11.24 -5.91 -10.85
N GLU A 31 -11.33 -6.99 -10.08
CA GLU A 31 -12.59 -7.42 -9.49
C GLU A 31 -13.17 -6.35 -8.57
N LEU A 32 -12.32 -5.74 -7.75
CA LEU A 32 -12.76 -4.70 -6.84
C LEU A 32 -13.32 -3.53 -7.64
N GLY A 33 -12.60 -3.17 -8.71
CA GLY A 33 -13.03 -2.09 -9.57
C GLY A 33 -14.36 -2.39 -10.23
N THR A 34 -14.57 -3.65 -10.55
CA THR A 34 -15.81 -4.08 -11.19
C THR A 34 -16.99 -3.83 -10.25
N VAL A 35 -16.84 -4.27 -9.00
CA VAL A 35 -17.88 -4.10 -8.01
C VAL A 35 -18.07 -2.62 -7.65
N MET A 36 -16.97 -1.92 -7.44
CA MET A 36 -17.03 -0.50 -7.08
C MET A 36 -17.52 0.35 -8.25
N ARG A 37 -17.59 -0.24 -9.44
CA ARG A 37 -18.05 0.46 -10.62
C ARG A 37 -19.55 0.23 -10.84
N SER A 38 -19.92 -1.02 -11.03
CA SER A 38 -21.32 -1.38 -11.29
C SER A 38 -22.20 -1.18 -10.05
N LEU A 39 -21.65 -1.41 -8.87
CA LEU A 39 -22.40 -1.26 -7.63
C LEU A 39 -22.08 0.06 -6.96
N GLY A 40 -20.79 0.31 -6.73
CA GLY A 40 -20.37 1.53 -6.08
C GLY A 40 -20.75 2.78 -6.86
N GLN A 41 -20.49 2.73 -8.18
CA GLN A 41 -20.78 3.83 -9.11
C GLN A 41 -20.44 5.20 -8.51
N ASN A 42 -19.23 5.31 -8.00
CA ASN A 42 -18.77 6.55 -7.37
C ASN A 42 -17.24 6.64 -7.36
N PRO A 43 -16.52 5.58 -6.92
CA PRO A 43 -15.06 5.60 -6.87
C PRO A 43 -14.44 5.41 -8.25
N THR A 44 -13.52 6.29 -8.62
CA THR A 44 -12.85 6.20 -9.90
C THR A 44 -11.63 5.29 -9.81
N GLU A 45 -10.95 5.13 -10.94
CA GLU A 45 -9.76 4.28 -11.01
C GLU A 45 -8.63 4.81 -10.12
N ALA A 46 -8.65 6.11 -9.85
CA ALA A 46 -7.63 6.73 -9.01
C ALA A 46 -7.86 6.37 -7.55
N GLU A 47 -9.13 6.25 -7.18
CA GLU A 47 -9.50 5.91 -5.81
C GLU A 47 -9.13 4.47 -5.49
N LEU A 48 -9.69 3.52 -6.23
CA LEU A 48 -9.44 2.10 -5.99
C LEU A 48 -7.95 1.75 -5.97
N GLN A 49 -7.13 2.53 -6.67
CA GLN A 49 -5.69 2.28 -6.69
C GLN A 49 -5.06 2.57 -5.33
N ASP A 50 -5.31 3.77 -4.82
CA ASP A 50 -4.78 4.18 -3.52
C ASP A 50 -5.54 3.47 -2.40
N MET A 51 -6.81 3.24 -2.68
CA MET A 51 -7.71 2.57 -1.74
C MET A 51 -7.31 1.12 -1.50
N ILE A 52 -6.73 0.45 -2.50
CA ILE A 52 -6.31 -0.93 -2.33
C ILE A 52 -5.18 -1.02 -1.30
N ASN A 53 -4.44 0.08 -1.14
CA ASN A 53 -3.36 0.12 -0.16
C ASN A 53 -3.95 0.35 1.23
N GLU A 54 -5.22 0.75 1.27
CA GLU A 54 -5.93 0.99 2.52
C GLU A 54 -6.42 -0.34 3.08
N VAL A 55 -6.50 -1.34 2.21
CA VAL A 55 -6.93 -2.66 2.61
C VAL A 55 -5.72 -3.58 2.81
N ASP A 56 -4.71 -3.44 1.94
CA ASP A 56 -3.49 -4.25 2.05
C ASP A 56 -2.61 -3.68 3.15
N ALA A 57 -2.71 -4.26 4.33
CA ALA A 57 -1.96 -3.82 5.48
C ALA A 57 -0.56 -4.41 5.53
N ASP A 58 -0.41 -5.64 5.00
CA ASP A 58 0.90 -6.29 5.00
C ASP A 58 1.73 -5.79 3.82
N GLY A 59 1.05 -5.25 2.81
CA GLY A 59 1.74 -4.73 1.65
C GLY A 59 2.40 -5.81 0.81
N ASN A 60 1.74 -6.96 0.70
CA ASN A 60 2.30 -8.05 -0.11
C ASN A 60 1.86 -7.92 -1.56
N GLY A 61 1.04 -6.90 -1.83
CA GLY A 61 0.61 -6.65 -3.19
C GLY A 61 -0.82 -7.05 -3.47
N THR A 62 -1.46 -7.73 -2.52
CA THR A 62 -2.84 -8.16 -2.71
C THR A 62 -3.55 -8.38 -1.40
N ILE A 63 -4.87 -8.56 -1.47
CA ILE A 63 -5.66 -8.79 -0.28
C ILE A 63 -5.83 -10.27 -0.03
N ASP A 64 -5.45 -10.68 1.17
CA ASP A 64 -5.54 -12.07 1.57
C ASP A 64 -6.59 -12.23 2.66
N PHE A 65 -7.05 -13.46 2.84
CA PHE A 65 -8.09 -13.79 3.82
C PHE A 65 -7.76 -13.31 5.25
N PRO A 66 -6.57 -13.66 5.81
CA PRO A 66 -6.21 -13.23 7.17
C PRO A 66 -6.18 -11.71 7.31
N GLU A 67 -5.89 -11.05 6.21
CA GLU A 67 -5.81 -9.59 6.16
C GLU A 67 -7.19 -8.96 6.31
N PHE A 68 -8.21 -9.63 5.79
CA PHE A 68 -9.58 -9.15 5.86
C PHE A 68 -9.97 -8.90 7.32
N LEU A 69 -9.43 -9.74 8.20
CA LEU A 69 -9.67 -9.65 9.62
C LEU A 69 -9.09 -8.34 10.17
N THR A 70 -7.83 -8.08 9.83
CA THR A 70 -7.14 -6.88 10.28
C THR A 70 -7.50 -5.68 9.39
N MET A 71 -8.73 -5.66 8.92
CA MET A 71 -9.20 -4.59 8.07
C MET A 71 -10.62 -4.21 8.45
N MET A 72 -11.51 -5.18 8.43
CA MET A 72 -12.91 -4.96 8.76
C MET A 72 -13.18 -5.02 10.25
N ALA A 73 -12.36 -5.79 10.98
CA ALA A 73 -12.54 -5.94 12.42
C ALA A 73 -11.80 -4.86 13.20
N ARG A 74 -10.57 -4.55 12.78
CA ARG A 74 -9.77 -3.55 13.46
C ARG A 74 -8.71 -2.98 12.53
N LYS A 75 -8.26 -1.77 12.83
CA LYS A 75 -7.24 -1.10 12.02
C LYS A 75 -6.25 -0.38 12.91
N MET A 76 -5.02 -0.85 12.93
CA MET A 76 -3.97 -0.25 13.75
C MET A 76 -2.60 -0.55 13.14
N LYS A 77 -1.66 0.37 13.32
CA LYS A 77 -0.32 0.21 12.77
C LYS A 77 0.73 0.78 13.72
N ASP A 78 1.87 0.11 13.78
CA ASP A 78 2.98 0.54 14.62
C ASP A 78 4.05 1.22 13.77
N THR A 79 4.89 2.01 14.42
CA THR A 79 5.98 2.72 13.76
C THR A 79 6.88 3.37 14.81
N ASP A 80 7.89 2.65 15.24
CA ASP A 80 8.80 3.15 16.26
C ASP A 80 10.14 2.42 16.21
N SER A 81 10.66 2.22 15.02
CA SER A 81 11.95 1.53 14.87
C SER A 81 12.82 2.19 13.81
N GLU A 82 12.19 2.90 12.90
CA GLU A 82 12.88 3.58 11.81
C GLU A 82 13.25 5.02 12.20
N GLU A 83 13.70 5.23 13.44
CA GLU A 83 14.00 6.60 13.97
C GLU A 83 14.40 7.67 12.90
N GLU A 84 15.67 7.71 12.51
CA GLU A 84 16.16 8.69 11.54
C GLU A 84 15.38 8.67 10.23
N ILE A 85 15.37 7.51 9.62
CA ILE A 85 14.70 7.32 8.35
C ILE A 85 13.20 7.55 8.47
N ARG A 86 12.69 7.57 9.70
CA ARG A 86 11.26 7.82 9.95
C ARG A 86 10.97 9.27 9.65
N GLU A 87 11.90 10.12 10.11
CA GLU A 87 11.80 11.55 9.88
C GLU A 87 11.79 11.80 8.38
N ALA A 88 12.51 10.95 7.65
CA ALA A 88 12.54 11.04 6.19
C ALA A 88 11.31 10.34 5.58
N PHE A 89 11.00 9.17 6.15
CA PHE A 89 9.89 8.30 5.74
C PHE A 89 8.56 9.02 5.68
N ARG A 90 8.31 9.87 6.67
CA ARG A 90 7.04 10.60 6.74
C ARG A 90 6.77 11.38 5.47
N VAL A 91 7.81 11.79 4.78
CA VAL A 91 7.67 12.55 3.55
C VAL A 91 8.24 11.76 2.37
N PHE A 92 8.44 10.47 2.55
CA PHE A 92 9.00 9.64 1.50
C PHE A 92 8.01 8.60 0.99
N ASP A 93 7.02 8.24 1.79
CA ASP A 93 6.06 7.23 1.36
C ASP A 93 4.73 7.85 0.90
N LYS A 94 4.47 9.09 1.32
CA LYS A 94 3.24 9.82 0.96
C LYS A 94 1.97 9.19 1.56
N ASP A 95 1.58 8.02 1.04
CA ASP A 95 0.37 7.34 1.49
C ASP A 95 0.47 6.94 2.96
N GLY A 96 1.50 6.17 3.31
CA GLY A 96 1.66 5.75 4.68
C GLY A 96 1.50 4.25 4.85
N ASN A 97 2.36 3.51 4.17
CA ASN A 97 2.35 2.05 4.23
C ASN A 97 3.77 1.52 4.43
N GLY A 98 4.74 2.22 3.82
CA GLY A 98 6.12 1.81 3.95
C GLY A 98 6.64 1.10 2.73
N TYR A 99 6.00 1.34 1.59
CA TYR A 99 6.41 0.71 0.35
C TYR A 99 6.42 1.74 -0.77
N ILE A 100 7.60 2.01 -1.31
CA ILE A 100 7.74 2.96 -2.42
C ILE A 100 7.17 2.37 -3.70
N SER A 101 6.26 3.09 -4.33
CA SER A 101 5.66 2.64 -5.58
C SER A 101 6.27 3.39 -6.75
N ALA A 102 5.99 4.70 -6.83
CA ALA A 102 6.50 5.55 -7.91
C ALA A 102 6.03 7.00 -7.75
N ALA A 103 4.72 7.17 -7.65
CA ALA A 103 4.12 8.50 -7.52
C ALA A 103 4.61 9.26 -6.29
N GLU A 104 4.92 8.54 -5.22
CA GLU A 104 5.38 9.17 -3.98
C GLU A 104 6.75 9.82 -4.17
N LEU A 105 7.71 9.04 -4.67
CA LEU A 105 9.06 9.54 -4.88
C LEU A 105 9.10 10.59 -5.97
N ARG A 106 8.16 10.51 -6.90
CA ARG A 106 8.08 11.48 -7.99
C ARG A 106 7.89 12.88 -7.42
N HIS A 107 7.28 12.95 -6.25
CA HIS A 107 7.03 14.22 -5.57
C HIS A 107 8.30 14.73 -4.87
N VAL A 108 9.03 13.82 -4.21
CA VAL A 108 10.24 14.23 -3.50
C VAL A 108 11.37 14.55 -4.49
N MET A 109 11.35 13.88 -5.64
CA MET A 109 12.37 14.11 -6.65
C MET A 109 12.10 15.40 -7.41
N THR A 110 10.84 15.68 -7.68
CA THR A 110 10.48 16.91 -8.39
C THR A 110 10.64 18.11 -7.46
N ASN A 111 10.73 17.85 -6.17
CA ASN A 111 10.91 18.92 -5.18
C ASN A 111 12.34 18.90 -4.67
N LEU A 112 13.14 17.98 -5.19
CA LEU A 112 14.53 17.83 -4.79
C LEU A 112 15.34 18.99 -5.37
N GLY A 113 14.99 19.38 -6.58
CA GLY A 113 15.67 20.47 -7.25
C GLY A 113 15.43 20.44 -8.73
N GLU A 114 15.83 19.36 -9.37
CA GLU A 114 15.65 19.20 -10.79
C GLU A 114 14.26 18.65 -11.10
N LYS A 115 13.96 18.50 -12.38
CA LYS A 115 12.67 17.98 -12.80
C LYS A 115 12.80 16.51 -13.17
N LEU A 116 12.05 15.66 -12.49
CA LEU A 116 12.07 14.23 -12.76
C LEU A 116 10.86 13.84 -13.59
N THR A 117 11.09 13.00 -14.59
CA THR A 117 10.02 12.54 -15.45
C THR A 117 9.43 11.25 -14.92
N ASP A 118 8.28 10.87 -15.46
CA ASP A 118 7.62 9.63 -15.05
C ASP A 118 8.34 8.45 -15.68
N GLU A 119 9.26 8.76 -16.58
CA GLU A 119 10.04 7.74 -17.27
C GLU A 119 11.23 7.34 -16.40
N GLU A 120 11.99 8.33 -15.98
CA GLU A 120 13.17 8.10 -15.16
C GLU A 120 12.79 7.72 -13.73
N VAL A 121 11.58 8.08 -13.31
CA VAL A 121 11.12 7.76 -11.96
C VAL A 121 11.04 6.25 -11.75
N ASP A 122 10.79 5.51 -12.83
CA ASP A 122 10.71 4.06 -12.75
C ASP A 122 12.11 3.48 -12.60
N GLU A 123 13.04 4.01 -13.38
CA GLU A 123 14.43 3.56 -13.38
C GLU A 123 15.07 3.71 -12.00
N MET A 124 14.82 4.84 -11.34
CA MET A 124 15.41 5.10 -10.02
C MET A 124 14.84 4.18 -8.94
N ILE A 125 13.52 4.05 -8.89
CA ILE A 125 12.87 3.20 -7.90
C ILE A 125 13.23 1.73 -8.13
N ARG A 126 13.38 1.36 -9.40
CA ARG A 126 13.74 -0.01 -9.75
C ARG A 126 15.19 -0.27 -9.32
N GLU A 127 16.02 0.76 -9.46
CA GLU A 127 17.42 0.68 -9.05
C GLU A 127 17.49 0.61 -7.53
N ALA A 128 16.54 1.28 -6.90
CA ALA A 128 16.45 1.32 -5.46
C ALA A 128 16.13 -0.06 -4.90
N ASP A 129 15.31 -0.80 -5.64
CA ASP A 129 14.93 -2.15 -5.23
C ASP A 129 16.10 -3.10 -5.42
N ILE A 130 16.74 -3.45 -4.31
CA ILE A 130 17.86 -4.35 -4.34
C ILE A 130 17.40 -5.79 -4.61
N ASP A 131 16.21 -6.12 -4.10
CA ASP A 131 15.66 -7.45 -4.29
C ASP A 131 15.10 -7.60 -5.70
N GLY A 132 14.40 -6.57 -6.14
CA GLY A 132 13.81 -6.58 -7.46
C GLY A 132 12.37 -7.02 -7.43
N ASP A 133 11.72 -6.86 -6.27
CA ASP A 133 10.33 -7.25 -6.12
C ASP A 133 9.40 -6.23 -6.76
N GLY A 134 9.73 -4.94 -6.64
CA GLY A 134 8.92 -3.90 -7.22
C GLY A 134 8.59 -2.81 -6.24
N GLN A 135 8.96 -3.01 -4.98
CA GLN A 135 8.71 -2.03 -3.94
C GLN A 135 9.97 -1.77 -3.12
N VAL A 136 10.26 -0.50 -2.90
CA VAL A 136 11.41 -0.12 -2.09
C VAL A 136 11.00 -0.12 -0.63
N ASN A 137 11.27 -1.21 0.05
CA ASN A 137 10.92 -1.37 1.45
C ASN A 137 11.95 -0.68 2.34
N TYR A 138 11.56 -0.42 3.59
CA TYR A 138 12.43 0.25 4.55
C TYR A 138 13.73 -0.54 4.78
N GLU A 139 13.61 -1.85 4.86
CA GLU A 139 14.77 -2.72 5.10
C GLU A 139 15.86 -2.55 4.04
N GLU A 140 15.47 -2.55 2.77
CA GLU A 140 16.45 -2.40 1.68
C GLU A 140 16.89 -0.94 1.57
N PHE A 141 16.08 -0.05 2.11
CA PHE A 141 16.36 1.38 2.08
C PHE A 141 17.53 1.71 3.00
N VAL A 142 17.50 1.17 4.22
CA VAL A 142 18.56 1.43 5.18
C VAL A 142 19.82 0.64 4.82
N GLN A 143 19.63 -0.54 4.22
CA GLN A 143 20.73 -1.38 3.82
C GLN A 143 21.30 -0.96 2.47
N MET A 144 21.18 0.33 2.18
CA MET A 144 21.67 0.88 0.92
C MET A 144 22.66 2.01 1.17
N MET A 145 22.25 2.99 1.98
CA MET A 145 23.11 4.14 2.26
C MET A 145 23.66 4.11 3.68
N THR A 146 22.79 3.86 4.66
CA THR A 146 23.20 3.81 6.05
C THR A 146 24.03 2.57 6.35
N ALA A 147 23.90 1.55 5.51
CA ALA A 147 24.64 0.32 5.69
C ALA A 147 25.82 0.25 4.74
N LYS A 148 26.89 -0.37 5.20
CA LYS A 148 28.09 -0.51 4.38
C LYS A 148 28.21 -1.93 3.88
N ARG B 1 -10.90 5.83 0.69
CA ARG B 1 -10.58 4.71 1.60
C ARG B 1 -11.19 3.40 1.11
N ALA B 2 -10.86 2.31 1.79
CA ALA B 2 -11.36 0.99 1.41
C ALA B 2 -12.22 0.39 2.50
N ALA B 3 -11.84 0.63 3.75
CA ALA B 3 -12.55 0.05 4.90
C ALA B 3 -14.01 0.51 5.01
N ASN B 4 -14.37 1.62 4.38
CA ASN B 4 -15.76 2.08 4.40
C ASN B 4 -16.47 1.53 3.17
N LEU B 5 -15.74 1.57 2.07
CA LEU B 5 -16.23 1.09 0.81
C LEU B 5 -16.50 -0.40 0.88
N TRP B 6 -15.48 -1.18 1.23
CA TRP B 6 -15.62 -2.64 1.32
C TRP B 6 -16.92 -3.07 2.03
N PRO B 7 -17.25 -2.53 3.23
CA PRO B 7 -18.52 -2.83 3.90
C PRO B 7 -19.73 -2.57 3.01
N SER B 8 -19.65 -1.55 2.16
CA SER B 8 -20.74 -1.26 1.23
C SER B 8 -21.05 -2.50 0.35
N PRO B 9 -20.14 -2.96 -0.57
CA PRO B 9 -20.38 -4.21 -1.32
C PRO B 9 -20.74 -5.38 -0.41
N LEU B 10 -20.19 -5.36 0.82
CA LEU B 10 -20.48 -6.40 1.79
C LEU B 10 -21.98 -6.40 2.11
N MET B 11 -22.54 -5.20 2.21
CA MET B 11 -23.96 -5.03 2.47
C MET B 11 -24.76 -5.55 1.26
N ILE B 12 -24.24 -5.25 0.07
CA ILE B 12 -24.86 -5.71 -1.16
C ILE B 12 -24.81 -7.23 -1.21
N LYS B 13 -23.70 -7.78 -0.72
CA LYS B 13 -23.50 -9.23 -0.67
C LYS B 13 -24.60 -9.85 0.17
N ARG B 14 -24.96 -9.16 1.25
CA ARG B 14 -26.02 -9.61 2.13
C ARG B 14 -27.34 -9.63 1.38
N SER B 15 -27.60 -8.58 0.61
CA SER B 15 -28.81 -8.49 -0.19
C SER B 15 -28.83 -9.57 -1.26
N LYS B 16 -27.68 -9.76 -1.91
CA LYS B 16 -27.54 -10.78 -2.95
C LYS B 16 -27.71 -12.18 -2.35
N LYS B 17 -27.28 -12.33 -1.11
CA LYS B 17 -27.40 -13.60 -0.42
C LYS B 17 -28.86 -13.83 -0.03
N ASN B 18 -29.56 -12.74 0.24
CA ASN B 18 -30.97 -12.78 0.61
C ASN B 18 -31.85 -12.92 -0.63
N SER B 19 -31.23 -12.74 -1.79
CA SER B 19 -31.92 -12.85 -3.05
C SER B 19 -32.10 -14.32 -3.42
N ARG C 1 19.75 8.84 -14.72
CA ARG C 1 19.52 7.96 -13.56
C ARG C 1 19.42 8.79 -12.28
N ALA C 2 18.22 8.83 -11.70
CA ALA C 2 17.92 9.57 -10.48
C ALA C 2 18.39 8.83 -9.23
N ALA C 3 18.94 7.64 -9.40
CA ALA C 3 19.43 6.83 -8.29
C ALA C 3 20.29 7.65 -7.33
N ASN C 4 21.23 8.44 -7.86
CA ASN C 4 22.09 9.30 -7.02
C ASN C 4 21.24 10.32 -6.28
N LEU C 5 20.10 10.64 -6.86
CA LEU C 5 19.19 11.57 -6.25
C LEU C 5 18.51 10.91 -5.05
N TRP C 6 18.40 9.57 -5.06
CA TRP C 6 17.82 8.82 -3.93
C TRP C 6 18.59 9.22 -2.65
N PRO C 7 19.94 8.96 -2.60
CA PRO C 7 20.74 9.35 -1.45
C PRO C 7 20.68 10.84 -1.18
N SER C 8 20.41 11.65 -2.21
CA SER C 8 20.34 13.10 -2.01
C SER C 8 19.37 13.50 -0.88
N PRO C 9 18.00 13.37 -0.99
CA PRO C 9 17.12 13.74 0.13
C PRO C 9 17.45 12.99 1.41
N LEU C 10 17.90 11.73 1.29
CA LEU C 10 18.23 10.98 2.51
C LEU C 10 19.52 11.52 3.16
N MET C 11 20.48 11.88 2.35
CA MET C 11 21.76 12.43 2.82
C MET C 11 21.53 13.81 3.41
N ILE C 12 20.66 14.58 2.76
CA ILE C 12 20.33 15.91 3.24
C ILE C 12 19.65 15.80 4.60
N LYS C 13 18.84 14.77 4.76
CA LYS C 13 18.15 14.52 6.03
C LYS C 13 19.16 14.23 7.13
N ARG C 14 20.10 13.33 6.83
CA ARG C 14 21.15 12.96 7.78
C ARG C 14 22.00 14.17 8.12
N SER C 15 22.34 14.96 7.11
CA SER C 15 23.16 16.14 7.31
C SER C 15 22.38 17.18 8.12
N LYS C 16 21.07 17.26 7.85
CA LYS C 16 20.20 18.19 8.56
C LYS C 16 20.09 17.78 10.03
N LYS C 17 19.98 16.48 10.26
CA LYS C 17 19.88 15.94 11.62
C LYS C 17 21.18 16.16 12.36
N ASN C 18 22.28 15.96 11.64
CA ASN C 18 23.62 16.13 12.20
C ASN C 18 23.88 17.61 12.49
N SER C 19 23.15 18.48 11.82
CA SER C 19 23.28 19.91 12.02
C SER C 19 22.36 20.38 13.14
N ALA A 1 -1.54 -10.50 19.11
CA ALA A 1 -2.41 -10.77 20.27
C ALA A 1 -3.84 -10.99 19.81
N ASP A 2 -4.58 -11.80 20.56
CA ASP A 2 -5.98 -12.12 20.24
C ASP A 2 -6.07 -13.03 19.02
N GLN A 3 -6.50 -14.27 19.24
CA GLN A 3 -6.64 -15.22 18.15
C GLN A 3 -8.02 -15.11 17.53
N LEU A 4 -8.06 -15.14 16.20
CA LEU A 4 -9.33 -15.04 15.48
C LEU A 4 -10.04 -16.39 15.39
N THR A 5 -11.36 -16.35 15.47
CA THR A 5 -12.17 -17.55 15.39
C THR A 5 -12.45 -17.92 13.94
N GLU A 6 -11.84 -19.01 13.47
CA GLU A 6 -12.04 -19.46 12.10
C GLU A 6 -13.50 -19.79 11.82
N GLU A 7 -14.22 -20.23 12.85
CA GLU A 7 -15.63 -20.56 12.73
C GLU A 7 -16.45 -19.32 12.38
N GLN A 8 -15.99 -18.17 12.86
CA GLN A 8 -16.69 -16.91 12.61
C GLN A 8 -16.26 -16.29 11.30
N ILE A 9 -14.98 -16.41 10.97
CA ILE A 9 -14.46 -15.85 9.74
C ILE A 9 -14.90 -16.69 8.53
N ALA A 10 -15.41 -17.89 8.80
CA ALA A 10 -15.87 -18.79 7.76
C ALA A 10 -17.00 -18.16 6.95
N GLU A 11 -17.91 -17.48 7.64
CA GLU A 11 -19.03 -16.82 6.97
C GLU A 11 -18.55 -15.54 6.30
N PHE A 12 -17.45 -14.99 6.81
CA PHE A 12 -16.89 -13.77 6.25
C PHE A 12 -16.24 -14.07 4.90
N LYS A 13 -15.98 -15.35 4.64
CA LYS A 13 -15.39 -15.77 3.38
C LYS A 13 -16.36 -15.45 2.24
N GLU A 14 -17.64 -15.38 2.56
CA GLU A 14 -18.66 -15.04 1.58
C GLU A 14 -18.38 -13.65 1.02
N ALA A 15 -17.96 -12.76 1.92
CA ALA A 15 -17.66 -11.38 1.56
C ALA A 15 -16.38 -11.30 0.74
N PHE A 16 -15.66 -12.41 0.69
CA PHE A 16 -14.43 -12.48 -0.07
C PHE A 16 -14.68 -13.16 -1.42
N SER A 17 -15.36 -14.31 -1.38
CA SER A 17 -15.67 -15.06 -2.58
C SER A 17 -16.65 -14.32 -3.49
N LEU A 18 -17.68 -13.71 -2.89
CA LEU A 18 -18.68 -12.98 -3.67
C LEU A 18 -18.12 -11.63 -4.13
N PHE A 19 -17.03 -11.21 -3.49
CA PHE A 19 -16.36 -9.96 -3.83
C PHE A 19 -15.39 -10.22 -4.98
N ASP A 20 -14.67 -11.32 -4.84
CA ASP A 20 -13.67 -11.77 -5.81
C ASP A 20 -14.32 -12.03 -7.17
N LYS A 21 -15.48 -12.69 -7.13
CA LYS A 21 -16.29 -13.02 -8.31
C LYS A 21 -15.54 -13.61 -9.50
N ASP A 22 -14.42 -14.30 -9.28
CA ASP A 22 -13.69 -14.92 -10.39
C ASP A 22 -13.12 -16.28 -10.01
N GLY A 23 -13.12 -16.59 -8.73
CA GLY A 23 -12.67 -17.89 -8.27
C GLY A 23 -11.19 -17.94 -7.94
N ASP A 24 -10.48 -16.84 -8.14
CA ASP A 24 -9.04 -16.83 -7.85
C ASP A 24 -8.81 -16.69 -6.35
N GLY A 25 -9.72 -16.00 -5.67
CA GLY A 25 -9.61 -15.83 -4.23
C GLY A 25 -8.81 -14.62 -3.81
N THR A 26 -8.58 -13.69 -4.73
CA THR A 26 -7.83 -12.49 -4.43
C THR A 26 -8.58 -11.25 -4.89
N ILE A 27 -8.36 -10.13 -4.22
CA ILE A 27 -9.00 -8.87 -4.57
C ILE A 27 -7.96 -7.83 -4.98
N THR A 28 -8.10 -7.33 -6.19
CA THR A 28 -7.20 -6.32 -6.74
C THR A 28 -8.03 -5.25 -7.44
N THR A 29 -7.39 -4.42 -8.24
CA THR A 29 -8.08 -3.35 -8.96
C THR A 29 -8.96 -3.90 -10.10
N LYS A 30 -8.98 -5.22 -10.25
CA LYS A 30 -9.76 -5.87 -11.28
C LYS A 30 -11.20 -6.12 -10.82
N GLU A 31 -11.36 -7.00 -9.84
CA GLU A 31 -12.67 -7.35 -9.31
C GLU A 31 -13.23 -6.23 -8.44
N LEU A 32 -12.37 -5.61 -7.65
CA LEU A 32 -12.80 -4.51 -6.78
C LEU A 32 -13.32 -3.37 -7.64
N GLY A 33 -12.64 -3.12 -8.76
CA GLY A 33 -13.06 -2.08 -9.66
C GLY A 33 -14.38 -2.43 -10.32
N THR A 34 -14.54 -3.71 -10.66
CA THR A 34 -15.76 -4.20 -11.28
C THR A 34 -16.96 -4.01 -10.36
N VAL A 35 -16.82 -4.45 -9.12
CA VAL A 35 -17.89 -4.35 -8.14
C VAL A 35 -18.23 -2.88 -7.84
N MET A 36 -17.20 -2.07 -7.63
CA MET A 36 -17.41 -0.65 -7.33
C MET A 36 -17.99 0.11 -8.52
N ARG A 37 -17.69 -0.34 -9.72
CA ARG A 37 -18.19 0.30 -10.93
C ARG A 37 -19.66 0.00 -11.15
N SER A 38 -20.05 -1.25 -10.93
CA SER A 38 -21.44 -1.66 -11.11
C SER A 38 -22.29 -1.33 -9.89
N LEU A 39 -21.83 -1.74 -8.72
CA LEU A 39 -22.57 -1.50 -7.49
C LEU A 39 -22.07 -0.24 -6.79
N GLY A 40 -22.02 0.86 -7.54
CA GLY A 40 -21.56 2.11 -6.98
C GLY A 40 -21.42 3.20 -8.03
N GLN A 41 -20.45 3.01 -8.92
CA GLN A 41 -20.14 3.95 -10.03
C GLN A 41 -19.76 5.34 -9.51
N ASN A 42 -19.37 5.40 -8.24
CA ASN A 42 -18.98 6.66 -7.63
C ASN A 42 -17.45 6.83 -7.56
N PRO A 43 -16.69 5.82 -7.06
CA PRO A 43 -15.22 5.93 -6.97
C PRO A 43 -14.55 6.08 -8.33
N THR A 44 -13.49 6.87 -8.38
CA THR A 44 -12.75 7.09 -9.61
C THR A 44 -11.70 6.00 -9.84
N GLU A 45 -10.95 6.14 -10.92
CA GLU A 45 -9.91 5.17 -11.27
C GLU A 45 -8.84 5.10 -10.19
N ALA A 46 -8.31 6.26 -9.80
CA ALA A 46 -7.28 6.32 -8.77
C ALA A 46 -7.84 5.87 -7.42
N GLU A 47 -9.13 6.14 -7.22
CA GLU A 47 -9.80 5.77 -5.99
C GLU A 47 -9.80 4.26 -5.81
N LEU A 48 -9.93 3.54 -6.92
CA LEU A 48 -9.95 2.09 -6.90
C LEU A 48 -8.62 1.55 -6.38
N GLN A 49 -7.53 2.18 -6.80
CA GLN A 49 -6.20 1.76 -6.37
C GLN A 49 -6.00 2.14 -4.91
N ASP A 50 -6.49 3.32 -4.54
CA ASP A 50 -6.39 3.79 -3.16
C ASP A 50 -7.25 2.92 -2.26
N MET A 51 -8.31 2.37 -2.85
CA MET A 51 -9.23 1.50 -2.15
C MET A 51 -8.58 0.13 -1.90
N ILE A 52 -7.40 -0.05 -2.46
CA ILE A 52 -6.64 -1.28 -2.28
C ILE A 52 -5.47 -1.04 -1.33
N ASN A 53 -4.88 0.14 -1.43
CA ASN A 53 -3.76 0.50 -0.56
C ASN A 53 -4.24 0.82 0.85
N GLU A 54 -5.55 1.00 0.98
CA GLU A 54 -6.15 1.30 2.26
C GLU A 54 -6.53 0.00 2.99
N VAL A 55 -6.44 -1.11 2.27
CA VAL A 55 -6.78 -2.42 2.83
C VAL A 55 -5.54 -3.29 3.03
N ASP A 56 -4.59 -3.18 2.10
CA ASP A 56 -3.34 -3.95 2.20
C ASP A 56 -2.51 -3.43 3.36
N ALA A 57 -2.67 -4.06 4.51
CA ALA A 57 -1.99 -3.66 5.73
C ALA A 57 -0.59 -4.26 5.82
N ASP A 58 -0.42 -5.44 5.25
CA ASP A 58 0.88 -6.10 5.28
C ASP A 58 1.73 -5.63 4.11
N GLY A 59 1.08 -5.09 3.09
CA GLY A 59 1.77 -4.56 1.93
C GLY A 59 2.41 -5.62 1.06
N ASN A 60 1.77 -6.77 0.92
CA ASN A 60 2.32 -7.83 0.09
C ASN A 60 1.88 -7.62 -1.37
N GLY A 61 1.01 -6.64 -1.59
CA GLY A 61 0.56 -6.33 -2.93
C GLY A 61 -0.85 -6.81 -3.23
N THR A 62 -1.42 -7.61 -2.34
CA THR A 62 -2.77 -8.14 -2.56
C THR A 62 -3.53 -8.26 -1.24
N ILE A 63 -4.85 -8.31 -1.31
CA ILE A 63 -5.66 -8.46 -0.11
C ILE A 63 -5.77 -9.93 0.25
N ASP A 64 -5.22 -10.27 1.40
CA ASP A 64 -5.23 -11.65 1.87
C ASP A 64 -6.29 -11.81 2.95
N PHE A 65 -6.81 -13.02 3.07
CA PHE A 65 -7.85 -13.34 4.04
C PHE A 65 -7.46 -12.93 5.48
N PRO A 66 -6.27 -13.30 5.98
CA PRO A 66 -5.84 -12.94 7.34
C PRO A 66 -5.88 -11.44 7.61
N GLU A 67 -5.36 -10.63 6.70
CA GLU A 67 -5.33 -9.18 6.89
C GLU A 67 -6.72 -8.58 6.72
N PHE A 68 -7.58 -9.24 5.95
CA PHE A 68 -8.94 -8.77 5.72
C PHE A 68 -9.68 -8.62 7.05
N LEU A 69 -9.34 -9.51 7.98
CA LEU A 69 -9.94 -9.49 9.31
C LEU A 69 -9.61 -8.20 10.04
N THR A 70 -8.36 -7.76 9.93
CA THR A 70 -7.90 -6.54 10.57
C THR A 70 -8.72 -5.33 10.12
N MET A 71 -9.04 -5.28 8.83
CA MET A 71 -9.80 -4.16 8.28
C MET A 71 -11.22 -4.15 8.84
N MET A 72 -11.83 -5.31 8.90
CA MET A 72 -13.20 -5.44 9.38
C MET A 72 -13.26 -5.54 10.90
N ALA A 73 -12.15 -5.26 11.58
CA ALA A 73 -12.12 -5.33 13.03
C ALA A 73 -11.51 -4.07 13.66
N ARG A 74 -10.23 -3.84 13.39
CA ARG A 74 -9.52 -2.69 13.95
C ARG A 74 -8.34 -2.29 13.07
N LYS A 75 -8.49 -1.19 12.34
CA LYS A 75 -7.41 -0.73 11.46
C LYS A 75 -6.37 0.04 12.25
N MET A 76 -5.55 -0.68 12.98
CA MET A 76 -4.49 -0.08 13.78
C MET A 76 -3.14 -0.58 13.32
N LYS A 77 -2.12 0.25 13.45
CA LYS A 77 -0.78 -0.11 13.02
C LYS A 77 0.27 0.42 14.00
N ASP A 78 1.34 -0.33 14.17
CA ASP A 78 2.44 0.06 15.07
C ASP A 78 3.51 0.85 14.33
N THR A 79 4.42 1.44 15.10
CA THR A 79 5.53 2.24 14.56
C THR A 79 6.50 2.60 15.70
N ASP A 80 7.83 2.52 15.45
CA ASP A 80 8.81 2.83 16.49
C ASP A 80 10.27 2.62 16.05
N SER A 81 10.53 1.53 15.33
CA SER A 81 11.88 1.20 14.92
C SER A 81 12.41 2.08 13.80
N GLU A 82 11.54 2.81 13.14
CA GLU A 82 11.96 3.65 12.02
C GLU A 82 12.61 4.98 12.46
N GLU A 83 13.54 4.95 13.43
CA GLU A 83 14.21 6.17 13.99
C GLU A 83 14.34 7.42 13.04
N GLU A 84 15.58 7.78 12.67
CA GLU A 84 15.82 8.95 11.81
C GLU A 84 15.25 8.73 10.43
N ILE A 85 15.23 7.49 9.98
CA ILE A 85 14.69 7.23 8.68
C ILE A 85 13.19 7.52 8.66
N ARG A 86 12.54 7.57 9.83
CA ARG A 86 11.11 7.94 9.91
C ARG A 86 10.99 9.39 9.57
N GLU A 87 11.93 10.14 10.15
CA GLU A 87 12.00 11.57 9.91
C GLU A 87 11.99 11.85 8.41
N ALA A 88 12.60 10.95 7.64
CA ALA A 88 12.63 11.06 6.18
C ALA A 88 11.47 10.30 5.53
N PHE A 89 11.28 9.06 5.98
CA PHE A 89 10.25 8.13 5.48
C PHE A 89 8.84 8.72 5.50
N ARG A 90 8.53 9.53 6.51
CA ARG A 90 7.20 10.13 6.60
C ARG A 90 6.93 11.06 5.42
N VAL A 91 7.99 11.49 4.75
CA VAL A 91 7.86 12.35 3.59
C VAL A 91 8.31 11.58 2.34
N PHE A 92 8.66 10.32 2.54
CA PHE A 92 9.13 9.47 1.45
C PHE A 92 8.06 8.46 1.04
N ASP A 93 7.34 7.91 2.00
CA ASP A 93 6.31 6.92 1.71
C ASP A 93 5.07 7.57 1.09
N LYS A 94 4.85 8.83 1.44
CA LYS A 94 3.73 9.65 0.92
C LYS A 94 2.34 9.10 1.31
N ASP A 95 1.98 7.94 0.77
CA ASP A 95 0.67 7.33 1.01
C ASP A 95 0.50 6.89 2.46
N GLY A 96 1.25 5.90 2.88
CA GLY A 96 1.14 5.41 4.24
C GLY A 96 0.93 3.91 4.25
N ASN A 97 1.90 3.19 3.70
CA ASN A 97 1.84 1.75 3.64
C ASN A 97 3.18 1.12 4.02
N GLY A 98 4.26 1.91 3.92
CA GLY A 98 5.57 1.42 4.30
C GLY A 98 6.38 0.87 3.13
N TYR A 99 5.92 1.07 1.90
CA TYR A 99 6.63 0.57 0.73
C TYR A 99 6.65 1.60 -0.38
N ILE A 100 7.78 1.67 -1.09
CA ILE A 100 7.91 2.59 -2.22
C ILE A 100 7.25 1.99 -3.44
N SER A 101 6.21 2.65 -3.94
CA SER A 101 5.50 2.18 -5.12
C SER A 101 6.09 2.81 -6.38
N ALA A 102 5.96 4.13 -6.49
CA ALA A 102 6.45 4.88 -7.66
C ALA A 102 6.05 6.34 -7.57
N ALA A 103 4.76 6.58 -7.34
CA ALA A 103 4.21 7.93 -7.26
C ALA A 103 4.85 8.76 -6.15
N GLU A 104 5.26 8.10 -5.07
CA GLU A 104 5.88 8.78 -3.94
C GLU A 104 7.19 9.45 -4.33
N LEU A 105 7.95 8.79 -5.16
CA LEU A 105 9.23 9.32 -5.62
C LEU A 105 9.00 10.53 -6.51
N ARG A 106 7.84 10.53 -7.18
CA ARG A 106 7.45 11.63 -8.06
C ARG A 106 7.01 12.83 -7.24
N HIS A 107 6.98 12.64 -5.92
CA HIS A 107 6.60 13.70 -4.99
C HIS A 107 7.85 14.30 -4.34
N VAL A 108 8.72 13.44 -3.83
CA VAL A 108 9.95 13.88 -3.17
C VAL A 108 10.92 14.50 -4.17
N MET A 109 11.15 13.82 -5.29
CA MET A 109 12.10 14.31 -6.29
C MET A 109 11.54 15.50 -7.06
N THR A 110 10.22 15.69 -7.03
CA THR A 110 9.61 16.81 -7.74
C THR A 110 9.87 18.12 -7.01
N ASN A 111 10.27 18.01 -5.74
CA ASN A 111 10.56 19.19 -4.92
C ASN A 111 12.03 19.18 -4.50
N LEU A 112 12.72 18.09 -4.81
CA LEU A 112 14.13 17.94 -4.47
C LEU A 112 14.98 18.94 -5.25
N GLY A 113 14.77 18.99 -6.56
CA GLY A 113 15.51 19.90 -7.39
C GLY A 113 14.94 19.97 -8.79
N GLU A 114 15.36 19.03 -9.63
CA GLU A 114 14.88 18.96 -11.00
C GLU A 114 13.68 18.02 -11.10
N LYS A 115 12.88 18.20 -12.14
CA LYS A 115 11.69 17.39 -12.34
C LYS A 115 11.99 16.18 -13.23
N LEU A 116 11.96 14.99 -12.64
CA LEU A 116 12.22 13.77 -13.38
C LEU A 116 10.96 13.29 -14.08
N THR A 117 11.13 12.76 -15.29
CA THR A 117 10.01 12.25 -16.06
C THR A 117 9.56 10.90 -15.48
N ASP A 118 8.35 10.46 -15.84
CA ASP A 118 7.81 9.20 -15.33
C ASP A 118 8.70 8.02 -15.72
N GLU A 119 9.45 8.16 -16.81
CA GLU A 119 10.36 7.11 -17.25
C GLU A 119 11.52 7.00 -16.27
N GLU A 120 12.01 8.14 -15.82
CA GLU A 120 13.12 8.20 -14.88
C GLU A 120 12.69 7.74 -13.49
N VAL A 121 11.46 8.12 -13.11
CA VAL A 121 10.93 7.75 -11.80
C VAL A 121 10.83 6.24 -11.66
N ASP A 122 10.83 5.53 -12.78
CA ASP A 122 10.78 4.08 -12.78
C ASP A 122 12.20 3.52 -12.70
N GLU A 123 13.09 4.13 -13.47
CA GLU A 123 14.49 3.71 -13.51
C GLU A 123 15.16 3.86 -12.15
N MET A 124 14.90 4.99 -11.50
CA MET A 124 15.48 5.28 -10.19
C MET A 124 15.07 4.27 -9.12
N ILE A 125 13.77 3.99 -9.03
CA ILE A 125 13.25 3.04 -8.04
C ILE A 125 13.79 1.63 -8.32
N ARG A 126 13.92 1.30 -9.60
CA ARG A 126 14.41 -0.01 -9.99
C ARG A 126 15.89 -0.15 -9.62
N GLU A 127 16.61 0.96 -9.70
CA GLU A 127 18.03 0.97 -9.34
C GLU A 127 18.16 0.93 -7.82
N ALA A 128 17.15 1.49 -7.15
CA ALA A 128 17.08 1.54 -5.71
C ALA A 128 16.85 0.15 -5.15
N ASP A 129 15.98 -0.59 -5.83
CA ASP A 129 15.65 -1.95 -5.43
C ASP A 129 16.87 -2.86 -5.50
N ILE A 130 17.29 -3.39 -4.36
CA ILE A 130 18.44 -4.26 -4.29
C ILE A 130 18.02 -5.71 -4.55
N ASP A 131 16.81 -6.06 -4.14
CA ASP A 131 16.30 -7.41 -4.33
C ASP A 131 15.81 -7.60 -5.75
N GLY A 132 15.25 -6.54 -6.32
CA GLY A 132 14.76 -6.61 -7.69
C GLY A 132 13.34 -7.11 -7.75
N ASP A 133 12.63 -7.01 -6.64
CA ASP A 133 11.25 -7.46 -6.56
C ASP A 133 10.30 -6.50 -7.27
N GLY A 134 10.62 -5.22 -7.22
CA GLY A 134 9.81 -4.22 -7.87
C GLY A 134 9.50 -3.04 -6.97
N GLN A 135 9.61 -3.25 -5.66
CA GLN A 135 9.33 -2.19 -4.69
C GLN A 135 10.51 -1.99 -3.75
N VAL A 136 10.70 -0.76 -3.30
CA VAL A 136 11.78 -0.44 -2.38
C VAL A 136 11.24 -0.51 -0.95
N ASN A 137 11.73 -1.48 -0.19
CA ASN A 137 11.29 -1.69 1.17
C ASN A 137 12.19 -0.95 2.15
N TYR A 138 11.83 -0.99 3.43
CA TYR A 138 12.56 -0.28 4.47
C TYR A 138 13.94 -0.88 4.78
N GLU A 139 14.07 -2.19 4.73
CA GLU A 139 15.35 -2.82 5.06
C GLU A 139 16.41 -2.51 4.00
N GLU A 140 16.09 -2.74 2.73
CA GLU A 140 17.03 -2.47 1.66
C GLU A 140 17.32 -0.97 1.57
N PHE A 141 16.37 -0.17 2.02
CA PHE A 141 16.52 1.28 2.01
C PHE A 141 17.63 1.71 2.97
N VAL A 142 17.58 1.20 4.18
CA VAL A 142 18.58 1.55 5.18
C VAL A 142 19.90 0.81 4.90
N GLN A 143 19.80 -0.36 4.30
CA GLN A 143 20.99 -1.15 3.98
C GLN A 143 21.60 -0.73 2.65
N MET A 144 21.15 0.41 2.13
CA MET A 144 21.66 0.92 0.87
C MET A 144 22.62 2.08 1.11
N MET A 145 22.22 2.99 2.00
CA MET A 145 23.05 4.15 2.29
C MET A 145 23.64 4.07 3.69
N THR A 146 22.93 3.40 4.60
CA THR A 146 23.41 3.24 5.96
C THR A 146 24.07 1.87 6.11
N ALA A 147 24.94 1.56 5.17
CA ALA A 147 25.64 0.29 5.16
C ALA A 147 26.96 0.41 4.41
N LYS A 148 27.68 -0.69 4.29
CA LYS A 148 28.96 -0.72 3.60
C LYS A 148 29.00 -1.89 2.64
N ARG B 1 -10.21 5.50 -0.66
CA ARG B 1 -10.24 4.85 0.68
C ARG B 1 -10.94 3.51 0.57
N ALA B 2 -10.86 2.70 1.62
CA ALA B 2 -11.49 1.39 1.60
C ALA B 2 -12.40 1.16 2.82
N ALA B 3 -12.09 1.84 3.93
CA ALA B 3 -12.81 1.70 5.21
C ALA B 3 -14.29 1.30 5.10
N ASN B 4 -15.16 2.20 4.66
CA ASN B 4 -16.59 1.88 4.51
C ASN B 4 -16.90 1.37 3.12
N LEU B 5 -15.93 1.50 2.23
CA LEU B 5 -16.10 1.07 0.86
C LEU B 5 -16.21 -0.46 0.78
N TRP B 6 -15.26 -1.20 1.36
CA TRP B 6 -15.34 -2.67 1.35
C TRP B 6 -16.66 -3.13 2.00
N PRO B 7 -16.98 -2.60 3.22
CA PRO B 7 -18.27 -2.88 3.89
C PRO B 7 -19.47 -2.63 2.99
N SER B 8 -19.33 -1.74 2.01
CA SER B 8 -20.42 -1.44 1.08
C SER B 8 -20.80 -2.70 0.27
N PRO B 9 -19.92 -3.25 -0.61
CA PRO B 9 -20.24 -4.50 -1.32
C PRO B 9 -20.62 -5.62 -0.36
N LEU B 10 -20.07 -5.57 0.85
CA LEU B 10 -20.37 -6.56 1.89
C LEU B 10 -21.85 -6.45 2.27
N MET B 11 -22.34 -5.22 2.32
CA MET B 11 -23.73 -4.93 2.64
C MET B 11 -24.62 -5.49 1.52
N ILE B 12 -24.17 -5.33 0.28
CA ILE B 12 -24.89 -5.86 -0.86
C ILE B 12 -24.82 -7.38 -0.82
N LYS B 13 -23.65 -7.90 -0.44
CA LYS B 13 -23.43 -9.33 -0.31
C LYS B 13 -24.42 -9.91 0.68
N ARG B 14 -24.64 -9.18 1.76
CA ARG B 14 -25.57 -9.59 2.80
C ARG B 14 -26.98 -9.67 2.23
N SER B 15 -27.33 -8.68 1.42
CA SER B 15 -28.63 -8.63 0.79
C SER B 15 -28.78 -9.79 -0.21
N LYS B 16 -27.70 -10.08 -0.92
CA LYS B 16 -27.69 -11.17 -1.90
C LYS B 16 -27.76 -12.52 -1.19
N LYS B 17 -27.06 -12.64 -0.07
CA LYS B 17 -27.07 -13.87 0.72
C LYS B 17 -28.45 -14.10 1.31
N ASN B 18 -29.11 -12.99 1.65
CA ASN B 18 -30.45 -13.02 2.23
C ASN B 18 -31.48 -13.40 1.18
N SER B 19 -31.19 -13.03 -0.07
CA SER B 19 -32.09 -13.34 -1.17
C SER B 19 -31.94 -14.80 -1.58
N ARG C 1 19.74 8.97 -14.40
CA ARG C 1 19.02 8.22 -13.36
C ARG C 1 18.98 8.99 -12.05
N ALA C 2 17.77 9.17 -11.53
CA ALA C 2 17.53 9.87 -10.26
C ALA C 2 18.11 9.13 -9.05
N ALA C 3 18.69 7.95 -9.28
CA ALA C 3 19.28 7.15 -8.22
C ALA C 3 20.12 8.01 -7.25
N ASN C 4 20.99 8.87 -7.78
CA ASN C 4 21.81 9.76 -6.94
C ASN C 4 20.93 10.72 -6.15
N LEU C 5 19.76 10.98 -6.69
CA LEU C 5 18.81 11.85 -6.03
C LEU C 5 18.21 11.13 -4.83
N TRP C 6 18.16 9.78 -4.88
CA TRP C 6 17.66 8.97 -3.75
C TRP C 6 18.46 9.35 -2.48
N PRO C 7 19.82 9.15 -2.49
CA PRO C 7 20.64 9.52 -1.34
C PRO C 7 20.55 11.00 -1.02
N SER C 8 20.21 11.84 -2.00
CA SER C 8 20.11 13.27 -1.73
C SER C 8 19.17 13.57 -0.53
N PRO C 9 17.82 13.38 -0.61
CA PRO C 9 16.95 13.63 0.55
C PRO C 9 17.36 12.85 1.78
N LEU C 10 17.84 11.61 1.61
CA LEU C 10 18.25 10.83 2.78
C LEU C 10 19.54 11.40 3.39
N MET C 11 20.43 11.88 2.55
CA MET C 11 21.70 12.47 2.99
C MET C 11 21.41 13.79 3.69
N ILE C 12 20.49 14.56 3.11
CA ILE C 12 20.10 15.83 3.68
C ILE C 12 19.55 15.60 5.08
N LYS C 13 18.89 14.47 5.27
CA LYS C 13 18.34 14.12 6.57
C LYS C 13 19.49 13.90 7.54
N ARG C 14 20.46 13.10 7.12
CA ARG C 14 21.64 12.79 7.92
C ARG C 14 22.39 14.07 8.28
N SER C 15 22.58 14.93 7.28
CA SER C 15 23.27 16.19 7.47
C SER C 15 22.47 17.12 8.38
N LYS C 16 21.16 17.15 8.20
CA LYS C 16 20.30 17.99 9.01
C LYS C 16 20.26 17.46 10.45
N LYS C 17 20.25 16.15 10.59
CA LYS C 17 20.23 15.51 11.89
C LYS C 17 21.53 15.82 12.62
N ASN C 18 22.61 15.92 11.85
CA ASN C 18 23.93 16.22 12.39
C ASN C 18 24.01 17.70 12.76
N SER C 19 23.40 18.54 11.92
CA SER C 19 23.38 19.97 12.15
C SER C 19 22.14 20.38 12.95
N ALA A 1 -0.52 -11.90 18.82
CA ALA A 1 -1.46 -11.85 19.97
C ALA A 1 -2.89 -12.02 19.49
N ASP A 2 -3.76 -12.47 20.39
CA ASP A 2 -5.18 -12.68 20.11
C ASP A 2 -5.40 -13.88 19.19
N GLN A 3 -6.39 -14.69 19.50
CA GLN A 3 -6.70 -15.87 18.71
C GLN A 3 -8.07 -15.74 18.07
N LEU A 4 -8.09 -15.70 16.75
CA LEU A 4 -9.34 -15.58 16.01
C LEU A 4 -9.95 -16.97 15.76
N THR A 5 -11.26 -17.02 15.64
CA THR A 5 -11.96 -18.27 15.40
C THR A 5 -12.14 -18.49 13.91
N GLU A 6 -11.42 -19.47 13.37
CA GLU A 6 -11.48 -19.79 11.94
C GLU A 6 -12.88 -20.21 11.52
N GLU A 7 -13.62 -20.81 12.44
CA GLU A 7 -14.98 -21.26 12.14
C GLU A 7 -15.95 -20.09 12.04
N GLN A 8 -15.65 -19.00 12.75
CA GLN A 8 -16.51 -17.83 12.72
C GLN A 8 -16.16 -16.93 11.55
N ILE A 9 -14.88 -16.82 11.26
CA ILE A 9 -14.41 -15.99 10.15
C ILE A 9 -14.78 -16.64 8.81
N ALA A 10 -15.20 -17.90 8.87
CA ALA A 10 -15.60 -18.64 7.68
C ALA A 10 -16.83 -18.01 7.03
N GLU A 11 -17.66 -17.35 7.85
CA GLU A 11 -18.86 -16.69 7.33
C GLU A 11 -18.46 -15.44 6.56
N PHE A 12 -17.40 -14.80 7.02
CA PHE A 12 -16.89 -13.59 6.38
C PHE A 12 -16.13 -13.94 5.11
N LYS A 13 -15.81 -15.22 4.97
CA LYS A 13 -15.09 -15.71 3.79
C LYS A 13 -15.95 -15.56 2.54
N GLU A 14 -17.25 -15.40 2.73
CA GLU A 14 -18.17 -15.22 1.62
C GLU A 14 -17.84 -13.92 0.87
N ALA A 15 -17.07 -13.05 1.51
CA ALA A 15 -16.66 -11.79 0.91
C ALA A 15 -15.50 -12.00 -0.04
N PHE A 16 -14.95 -13.21 -0.04
CA PHE A 16 -13.84 -13.56 -0.91
C PHE A 16 -14.34 -14.43 -2.05
N SER A 17 -15.64 -14.65 -2.07
CA SER A 17 -16.25 -15.48 -3.12
C SER A 17 -17.29 -14.68 -3.90
N LEU A 18 -18.36 -14.26 -3.21
CA LEU A 18 -19.43 -13.50 -3.84
C LEU A 18 -18.96 -12.11 -4.26
N PHE A 19 -18.12 -11.50 -3.44
CA PHE A 19 -17.60 -10.18 -3.76
C PHE A 19 -16.55 -10.28 -4.86
N ASP A 20 -15.72 -11.32 -4.76
CA ASP A 20 -14.66 -11.58 -5.73
C ASP A 20 -15.26 -11.89 -7.10
N LYS A 21 -16.27 -12.74 -7.11
CA LYS A 21 -16.99 -13.16 -8.33
C LYS A 21 -16.20 -14.18 -9.13
N ASP A 22 -14.94 -13.89 -9.44
CA ASP A 22 -14.12 -14.82 -10.22
C ASP A 22 -13.77 -16.02 -9.33
N GLY A 23 -13.91 -15.83 -8.03
CA GLY A 23 -13.67 -16.89 -7.07
C GLY A 23 -12.26 -17.45 -7.09
N ASP A 24 -11.27 -16.57 -7.18
CA ASP A 24 -9.89 -17.02 -7.19
C ASP A 24 -9.30 -16.92 -5.80
N GLY A 25 -9.94 -16.12 -4.95
CA GLY A 25 -9.48 -15.96 -3.58
C GLY A 25 -8.57 -14.77 -3.39
N THR A 26 -8.49 -13.92 -4.40
CA THR A 26 -7.65 -12.73 -4.32
C THR A 26 -8.34 -11.53 -4.96
N ILE A 27 -8.46 -10.45 -4.20
CA ILE A 27 -9.10 -9.23 -4.70
C ILE A 27 -8.07 -8.32 -5.37
N THR A 28 -8.39 -7.88 -6.57
CA THR A 28 -7.52 -7.00 -7.34
C THR A 28 -8.28 -5.76 -7.80
N THR A 29 -7.67 -4.97 -8.66
CA THR A 29 -8.28 -3.74 -9.17
C THR A 29 -9.41 -4.05 -10.15
N LYS A 30 -9.40 -5.24 -10.72
CA LYS A 30 -10.41 -5.63 -11.69
C LYS A 30 -11.77 -5.86 -11.03
N GLU A 31 -11.84 -6.84 -10.14
CA GLU A 31 -13.09 -7.16 -9.46
C GLU A 31 -13.59 -5.98 -8.63
N LEU A 32 -12.70 -5.40 -7.84
CA LEU A 32 -13.05 -4.25 -7.00
C LEU A 32 -13.55 -3.12 -7.88
N GLY A 33 -12.84 -2.87 -8.98
CA GLY A 33 -13.21 -1.82 -9.89
C GLY A 33 -14.57 -2.06 -10.52
N THR A 34 -14.87 -3.32 -10.82
CA THR A 34 -16.14 -3.68 -11.43
C THR A 34 -17.30 -3.48 -10.44
N VAL A 35 -17.11 -3.94 -9.21
CA VAL A 35 -18.15 -3.82 -8.20
C VAL A 35 -18.33 -2.36 -7.79
N MET A 36 -17.21 -1.66 -7.62
CA MET A 36 -17.23 -0.26 -7.22
C MET A 36 -17.72 0.63 -8.37
N ARG A 37 -17.87 0.06 -9.55
CA ARG A 37 -18.36 0.80 -10.70
C ARG A 37 -19.87 0.69 -10.80
N SER A 38 -20.39 -0.48 -10.44
CA SER A 38 -21.82 -0.74 -10.50
C SER A 38 -22.51 -0.31 -9.19
N LEU A 39 -22.01 -0.81 -8.07
CA LEU A 39 -22.58 -0.50 -6.77
C LEU A 39 -22.13 0.88 -6.30
N GLY A 40 -20.83 1.12 -6.36
CA GLY A 40 -20.28 2.39 -5.91
C GLY A 40 -20.55 3.51 -6.89
N GLN A 41 -20.29 3.23 -8.18
CA GLN A 41 -20.47 4.19 -9.28
C GLN A 41 -19.96 5.59 -8.90
N ASN A 42 -18.77 5.61 -8.32
CA ASN A 42 -18.14 6.86 -7.90
C ASN A 42 -16.60 6.77 -7.98
N PRO A 43 -15.97 5.70 -7.46
CA PRO A 43 -14.51 5.54 -7.52
C PRO A 43 -13.97 5.55 -8.96
N THR A 44 -12.94 6.35 -9.18
CA THR A 44 -12.32 6.46 -10.49
C THR A 44 -11.26 5.38 -10.68
N GLU A 45 -10.64 5.35 -11.87
CA GLU A 45 -9.60 4.37 -12.17
C GLU A 45 -8.46 4.46 -11.16
N ALA A 46 -8.12 5.68 -10.79
CA ALA A 46 -7.04 5.91 -9.82
C ALA A 46 -7.51 5.61 -8.41
N GLU A 47 -8.79 5.84 -8.16
CA GLU A 47 -9.36 5.61 -6.83
C GLU A 47 -9.39 4.13 -6.50
N LEU A 48 -9.81 3.29 -7.46
CA LEU A 48 -9.86 1.85 -7.21
C LEU A 48 -8.45 1.30 -6.95
N GLN A 49 -7.46 1.91 -7.59
CA GLN A 49 -6.07 1.52 -7.40
C GLN A 49 -5.59 1.99 -6.03
N ASP A 50 -5.99 3.21 -5.68
CA ASP A 50 -5.64 3.81 -4.40
C ASP A 50 -6.26 3.00 -3.27
N MET A 51 -7.49 2.57 -3.50
CA MET A 51 -8.23 1.76 -2.54
C MET A 51 -7.46 0.50 -2.21
N ILE A 52 -6.95 -0.16 -3.26
CA ILE A 52 -6.19 -1.39 -3.09
C ILE A 52 -4.96 -1.16 -2.21
N ASN A 53 -4.40 0.05 -2.28
CA ASN A 53 -3.23 0.39 -1.49
C ASN A 53 -3.60 0.56 -0.01
N GLU A 54 -4.90 0.60 0.27
CA GLU A 54 -5.38 0.74 1.64
C GLU A 54 -5.80 -0.61 2.20
N VAL A 55 -5.92 -1.60 1.33
CA VAL A 55 -6.34 -2.93 1.75
C VAL A 55 -5.15 -3.90 1.79
N ASP A 56 -4.20 -3.75 0.87
CA ASP A 56 -3.01 -4.61 0.85
C ASP A 56 -2.01 -4.11 1.89
N ALA A 57 -2.01 -4.75 3.05
CA ALA A 57 -1.12 -4.36 4.15
C ALA A 57 0.24 -5.02 4.06
N ASP A 58 0.26 -6.27 3.61
CA ASP A 58 1.53 -7.00 3.50
C ASP A 58 2.31 -6.55 2.27
N GLY A 59 1.63 -5.86 1.37
CA GLY A 59 2.26 -5.35 0.16
C GLY A 59 2.80 -6.43 -0.76
N ASN A 60 1.97 -7.41 -1.08
CA ASN A 60 2.40 -8.47 -1.98
C ASN A 60 1.85 -8.23 -3.38
N GLY A 61 0.91 -7.29 -3.50
CA GLY A 61 0.34 -6.96 -4.79
C GLY A 61 -1.08 -7.48 -4.95
N THR A 62 -1.65 -7.99 -3.87
CA THR A 62 -3.02 -8.52 -3.89
C THR A 62 -3.59 -8.61 -2.48
N ILE A 63 -4.90 -8.71 -2.36
CA ILE A 63 -5.50 -8.81 -1.05
C ILE A 63 -5.67 -10.27 -0.66
N ASP A 64 -5.07 -10.61 0.46
CA ASP A 64 -5.12 -11.96 0.99
C ASP A 64 -6.01 -12.02 2.21
N PHE A 65 -6.44 -13.23 2.57
CA PHE A 65 -7.32 -13.43 3.71
C PHE A 65 -6.71 -12.92 5.04
N PRO A 66 -5.46 -13.29 5.37
CA PRO A 66 -4.81 -12.84 6.61
C PRO A 66 -4.88 -11.32 6.82
N GLU A 67 -4.52 -10.53 5.81
CA GLU A 67 -4.54 -9.08 5.95
C GLU A 67 -5.96 -8.52 5.93
N PHE A 68 -6.91 -9.29 5.39
CA PHE A 68 -8.30 -8.87 5.35
C PHE A 68 -8.80 -8.58 6.77
N LEU A 69 -8.35 -9.39 7.71
CA LEU A 69 -8.71 -9.22 9.10
C LEU A 69 -8.04 -7.97 9.66
N THR A 70 -6.85 -7.69 9.17
CA THR A 70 -6.10 -6.52 9.61
C THR A 70 -6.52 -5.27 8.83
N MET A 71 -7.71 -5.33 8.24
CA MET A 71 -8.25 -4.21 7.48
C MET A 71 -9.71 -3.97 7.85
N MET A 72 -10.50 -5.03 7.81
CA MET A 72 -11.92 -4.93 8.13
C MET A 72 -12.15 -4.88 9.64
N ALA A 73 -11.37 -5.65 10.38
CA ALA A 73 -11.50 -5.69 11.83
C ALA A 73 -10.73 -4.56 12.49
N ARG A 74 -9.40 -4.61 12.42
CA ARG A 74 -8.57 -3.58 13.02
C ARG A 74 -7.86 -2.75 11.95
N LYS A 75 -7.63 -1.49 12.26
CA LYS A 75 -6.94 -0.59 11.33
C LYS A 75 -5.90 0.24 12.09
N MET A 76 -4.81 -0.41 12.48
CA MET A 76 -3.74 0.24 13.22
C MET A 76 -2.38 -0.13 12.66
N LYS A 77 -1.47 0.84 12.61
CA LYS A 77 -0.13 0.60 12.11
C LYS A 77 0.92 0.95 13.17
N ASP A 78 1.76 -0.02 13.49
CA ASP A 78 2.84 0.17 14.47
C ASP A 78 3.99 0.96 13.85
N THR A 79 4.70 1.72 14.67
CA THR A 79 5.83 2.53 14.23
C THR A 79 6.71 2.88 15.44
N ASP A 80 8.03 2.69 15.32
CA ASP A 80 8.93 2.99 16.46
C ASP A 80 10.42 2.79 16.13
N SER A 81 10.74 1.98 15.13
CA SER A 81 12.14 1.69 14.81
C SER A 81 12.70 2.66 13.77
N GLU A 82 11.80 3.33 13.06
CA GLU A 82 12.19 4.28 12.03
C GLU A 82 12.34 5.68 12.61
N GLU A 83 13.35 5.90 13.44
CA GLU A 83 13.55 7.21 14.07
C GLU A 83 14.10 8.26 13.09
N GLU A 84 15.38 8.14 12.70
CA GLU A 84 15.97 9.10 11.76
C GLU A 84 15.21 9.09 10.45
N ILE A 85 14.84 7.90 10.02
CA ILE A 85 14.10 7.76 8.79
C ILE A 85 12.70 8.36 8.97
N ARG A 86 12.23 8.49 10.21
CA ARG A 86 10.93 9.13 10.46
C ARG A 86 11.01 10.57 10.02
N GLU A 87 12.13 11.19 10.36
CA GLU A 87 12.39 12.58 9.98
C GLU A 87 12.34 12.71 8.47
N ALA A 88 12.86 11.70 7.78
CA ALA A 88 12.84 11.67 6.32
C ALA A 88 11.46 11.26 5.80
N PHE A 89 10.87 10.27 6.47
CA PHE A 89 9.57 9.70 6.10
C PHE A 89 8.44 10.73 6.15
N ARG A 90 8.59 11.76 6.98
CA ARG A 90 7.56 12.80 7.08
C ARG A 90 7.35 13.46 5.71
N VAL A 91 8.36 13.35 4.86
CA VAL A 91 8.29 13.91 3.51
C VAL A 91 8.35 12.78 2.48
N PHE A 92 9.21 11.80 2.75
CA PHE A 92 9.42 10.66 1.86
C PHE A 92 8.15 9.83 1.67
N ASP A 93 7.40 9.62 2.73
CA ASP A 93 6.17 8.83 2.65
C ASP A 93 5.11 9.56 1.85
N LYS A 94 5.00 10.87 2.09
CA LYS A 94 4.03 11.73 1.42
C LYS A 94 2.59 11.40 1.80
N ASP A 95 2.14 10.20 1.44
CA ASP A 95 0.78 9.76 1.72
C ASP A 95 0.66 9.26 3.17
N GLY A 96 1.32 8.16 3.48
CA GLY A 96 1.25 7.61 4.83
C GLY A 96 1.01 6.11 4.81
N ASN A 97 2.08 5.35 4.67
CA ASN A 97 2.01 3.90 4.62
C ASN A 97 3.38 3.26 4.84
N GLY A 98 4.42 4.09 4.89
CA GLY A 98 5.77 3.60 5.09
C GLY A 98 6.45 3.22 3.79
N TYR A 99 5.71 2.63 2.87
CA TYR A 99 6.27 2.21 1.58
C TYR A 99 6.30 3.37 0.58
N ILE A 100 7.28 3.33 -0.32
CA ILE A 100 7.40 4.34 -1.37
C ILE A 100 6.75 3.79 -2.64
N SER A 101 5.47 4.10 -2.82
CA SER A 101 4.72 3.61 -3.97
C SER A 101 5.35 4.05 -5.28
N ALA A 102 5.32 5.37 -5.55
CA ALA A 102 5.89 5.95 -6.77
C ALA A 102 5.53 7.42 -6.87
N ALA A 103 4.28 7.74 -6.54
CA ALA A 103 3.79 9.12 -6.60
C ALA A 103 4.58 10.05 -5.68
N GLU A 104 5.09 9.49 -4.60
CA GLU A 104 5.86 10.26 -3.62
C GLU A 104 7.13 10.83 -4.24
N LEU A 105 7.85 10.00 -4.98
CA LEU A 105 9.09 10.43 -5.62
C LEU A 105 8.80 11.46 -6.70
N ARG A 106 7.64 11.33 -7.33
CA ARG A 106 7.24 12.28 -8.38
C ARG A 106 6.86 13.63 -7.75
N HIS A 107 6.97 13.70 -6.43
CA HIS A 107 6.63 14.91 -5.69
C HIS A 107 7.85 15.42 -4.91
N VAL A 108 8.51 14.54 -4.17
CA VAL A 108 9.66 14.94 -3.36
C VAL A 108 10.96 15.04 -4.16
N MET A 109 11.15 14.17 -5.16
CA MET A 109 12.37 14.20 -5.95
C MET A 109 12.41 15.43 -6.86
N THR A 110 11.23 15.92 -7.23
CA THR A 110 11.16 17.10 -8.08
C THR A 110 11.43 18.36 -7.27
N ASN A 111 11.40 18.22 -5.95
CA ASN A 111 11.67 19.34 -5.05
C ASN A 111 13.10 19.23 -4.54
N LEU A 112 13.75 18.13 -4.90
CA LEU A 112 15.13 17.88 -4.51
C LEU A 112 16.05 18.78 -5.32
N GLY A 113 16.00 18.62 -6.63
CA GLY A 113 16.81 19.42 -7.52
C GLY A 113 15.98 19.89 -8.69
N GLU A 114 16.05 19.14 -9.78
CA GLU A 114 15.28 19.45 -10.98
C GLU A 114 14.04 18.56 -11.02
N LYS A 115 13.31 18.62 -12.13
CA LYS A 115 12.12 17.81 -12.28
C LYS A 115 12.46 16.43 -12.82
N LEU A 116 11.93 15.39 -12.21
CA LEU A 116 12.17 14.03 -12.64
C LEU A 116 10.92 13.47 -13.32
N THR A 117 11.12 12.81 -14.45
CA THR A 117 10.02 12.23 -15.21
C THR A 117 9.56 10.91 -14.61
N ASP A 118 8.46 10.39 -15.13
CA ASP A 118 7.89 9.13 -14.67
C ASP A 118 8.88 7.99 -14.89
N GLU A 119 9.63 8.08 -15.97
CA GLU A 119 10.62 7.08 -16.32
C GLU A 119 11.75 7.06 -15.29
N GLU A 120 12.25 8.23 -14.94
CA GLU A 120 13.33 8.34 -13.97
C GLU A 120 12.93 7.77 -12.62
N VAL A 121 11.68 8.01 -12.23
CA VAL A 121 11.16 7.53 -10.95
C VAL A 121 11.11 6.00 -10.92
N ASP A 122 10.58 5.40 -11.98
CA ASP A 122 10.49 3.94 -12.05
C ASP A 122 11.88 3.31 -12.11
N GLU A 123 12.73 3.90 -12.94
CA GLU A 123 14.10 3.41 -13.11
C GLU A 123 14.92 3.56 -11.83
N MET A 124 14.47 4.43 -10.93
CA MET A 124 15.18 4.64 -9.68
C MET A 124 14.69 3.70 -8.59
N ILE A 125 13.38 3.53 -8.48
CA ILE A 125 12.84 2.67 -7.45
C ILE A 125 13.21 1.20 -7.69
N ARG A 126 13.30 0.81 -8.95
CA ARG A 126 13.67 -0.56 -9.29
C ARG A 126 15.09 -0.87 -8.80
N GLU A 127 15.84 0.18 -8.49
CA GLU A 127 17.19 0.05 -7.98
C GLU A 127 17.17 -0.22 -6.48
N ALA A 128 16.09 0.23 -5.83
CA ALA A 128 15.92 0.06 -4.40
C ALA A 128 15.37 -1.31 -4.06
N ASP A 129 14.71 -1.93 -5.02
CA ASP A 129 14.11 -3.24 -4.81
C ASP A 129 15.18 -4.33 -4.85
N ILE A 130 15.80 -4.54 -3.70
CA ILE A 130 16.87 -5.53 -3.55
C ILE A 130 16.27 -6.91 -3.31
N ASP A 131 15.06 -6.93 -2.78
CA ASP A 131 14.37 -8.17 -2.47
C ASP A 131 13.64 -8.72 -3.70
N GLY A 132 12.93 -7.86 -4.39
CA GLY A 132 12.20 -8.26 -5.57
C GLY A 132 10.72 -8.45 -5.28
N ASP A 133 10.14 -7.49 -4.57
CA ASP A 133 8.73 -7.56 -4.22
C ASP A 133 7.93 -6.49 -4.97
N GLY A 134 8.65 -5.51 -5.52
CA GLY A 134 8.00 -4.45 -6.29
C GLY A 134 7.67 -3.23 -5.46
N GLN A 135 8.26 -3.11 -4.27
CA GLN A 135 7.99 -1.97 -3.41
C GLN A 135 9.21 -1.56 -2.58
N VAL A 136 9.36 -0.26 -2.37
CA VAL A 136 10.46 0.29 -1.59
C VAL A 136 10.13 0.22 -0.11
N ASN A 137 10.58 -0.83 0.53
CA ASN A 137 10.32 -1.03 1.95
C ASN A 137 11.43 -0.39 2.78
N TYR A 138 11.06 0.12 3.95
CA TYR A 138 12.01 0.78 4.85
C TYR A 138 13.16 -0.16 5.21
N GLU A 139 12.87 -1.45 5.27
CA GLU A 139 13.87 -2.46 5.61
C GLU A 139 15.05 -2.43 4.63
N GLU A 140 14.75 -2.52 3.34
CA GLU A 140 15.79 -2.51 2.31
C GLU A 140 16.28 -1.09 2.03
N PHE A 141 15.49 -0.11 2.43
CA PHE A 141 15.83 1.29 2.23
C PHE A 141 17.01 1.70 3.11
N VAL A 142 16.90 1.39 4.40
CA VAL A 142 17.96 1.73 5.34
C VAL A 142 19.20 0.88 5.13
N GLN A 143 19.04 -0.29 4.54
CA GLN A 143 20.17 -1.18 4.29
C GLN A 143 20.85 -0.85 2.97
N MET A 144 20.33 0.15 2.28
CA MET A 144 20.91 0.56 1.01
C MET A 144 21.75 1.81 1.17
N MET A 145 21.41 2.65 2.16
CA MET A 145 22.14 3.89 2.37
C MET A 145 22.64 4.05 3.80
N THR A 146 21.71 3.99 4.76
CA THR A 146 22.05 4.15 6.17
C THR A 146 23.06 3.11 6.64
N ALA A 147 22.72 1.84 6.49
CA ALA A 147 23.61 0.76 6.91
C ALA A 147 24.67 0.51 5.85
N LYS A 148 25.87 0.20 6.30
CA LYS A 148 26.98 -0.05 5.39
C LYS A 148 27.81 -1.23 5.88
N ARG B 1 -12.38 5.64 0.97
CA ARG B 1 -11.70 4.68 1.86
C ARG B 1 -12.09 3.24 1.49
N ALA B 2 -11.09 2.39 1.30
CA ALA B 2 -11.34 1.00 0.92
C ALA B 2 -12.12 0.27 2.00
N ALA B 3 -11.79 0.53 3.26
CA ALA B 3 -12.45 -0.14 4.37
C ALA B 3 -13.91 0.26 4.57
N ASN B 4 -14.39 1.33 3.94
CA ASN B 4 -15.82 1.68 4.01
C ASN B 4 -16.51 1.16 2.76
N LEU B 5 -15.84 1.37 1.65
CA LEU B 5 -16.35 0.93 0.36
C LEU B 5 -16.47 -0.59 0.33
N TRP B 6 -15.40 -1.32 0.67
CA TRP B 6 -15.45 -2.79 0.69
C TRP B 6 -16.69 -3.26 1.49
N PRO B 7 -16.87 -2.80 2.76
CA PRO B 7 -18.08 -3.09 3.56
C PRO B 7 -19.39 -2.88 2.81
N SER B 8 -19.43 -1.93 1.87
CA SER B 8 -20.64 -1.69 1.08
C SER B 8 -21.03 -2.96 0.28
N PRO B 9 -20.22 -3.45 -0.71
CA PRO B 9 -20.53 -4.71 -1.41
C PRO B 9 -20.70 -5.87 -0.44
N LEU B 10 -20.03 -5.78 0.71
CA LEU B 10 -20.13 -6.80 1.76
C LEU B 10 -21.56 -6.84 2.30
N MET B 11 -22.14 -5.65 2.43
CA MET B 11 -23.51 -5.50 2.90
C MET B 11 -24.46 -6.08 1.86
N ILE B 12 -24.15 -5.82 0.60
CA ILE B 12 -24.93 -6.34 -0.52
C ILE B 12 -24.80 -7.87 -0.53
N LYS B 13 -23.61 -8.34 -0.19
CA LYS B 13 -23.32 -9.75 -0.14
C LYS B 13 -24.18 -10.40 0.94
N ARG B 14 -24.37 -9.68 2.04
CA ARG B 14 -25.19 -10.17 3.14
C ARG B 14 -26.62 -10.37 2.64
N SER B 15 -27.08 -9.43 1.83
CA SER B 15 -28.41 -9.49 1.27
C SER B 15 -28.54 -10.69 0.32
N LYS B 16 -27.51 -10.93 -0.48
CA LYS B 16 -27.52 -12.06 -1.41
C LYS B 16 -27.46 -13.38 -0.64
N LYS B 17 -26.75 -13.38 0.47
CA LYS B 17 -26.65 -14.58 1.31
C LYS B 17 -27.99 -14.89 1.95
N ASN B 18 -28.79 -13.85 2.11
CA ASN B 18 -30.12 -13.96 2.70
C ASN B 18 -31.15 -14.30 1.62
N SER B 19 -31.06 -13.62 0.49
CA SER B 19 -31.98 -13.84 -0.61
C SER B 19 -31.55 -15.06 -1.44
N ARG C 1 19.47 9.47 -14.49
CA ARG C 1 18.76 8.47 -13.65
C ARG C 1 18.56 9.01 -12.24
N ALA C 2 17.32 8.96 -11.78
CA ALA C 2 16.95 9.44 -10.45
C ALA C 2 17.52 8.57 -9.33
N ALA C 3 18.14 7.45 -9.68
CA ALA C 3 18.74 6.55 -8.69
C ALA C 3 19.70 7.32 -7.78
N ASN C 4 20.43 8.27 -8.35
CA ASN C 4 21.36 9.09 -7.57
C ASN C 4 20.56 10.03 -6.66
N LEU C 5 19.33 10.28 -7.06
CA LEU C 5 18.44 11.16 -6.30
C LEU C 5 17.74 10.37 -5.19
N TRP C 6 17.91 9.05 -5.20
CA TRP C 6 17.39 8.18 -4.13
C TRP C 6 18.17 8.53 -2.83
N PRO C 7 19.53 8.32 -2.84
CA PRO C 7 20.36 8.57 -1.67
C PRO C 7 20.56 10.04 -1.38
N SER C 8 20.57 10.89 -2.40
CA SER C 8 20.78 12.33 -2.17
C SER C 8 19.88 12.87 -1.05
N PRO C 9 18.53 12.74 -1.12
CA PRO C 9 17.66 13.24 -0.06
C PRO C 9 17.83 12.45 1.23
N LEU C 10 17.96 11.11 1.15
CA LEU C 10 18.12 10.33 2.39
C LEU C 10 19.50 10.61 3.02
N MET C 11 20.48 10.97 2.19
CA MET C 11 21.83 11.26 2.65
C MET C 11 21.88 12.67 3.22
N ILE C 12 21.26 13.61 2.50
CA ILE C 12 21.21 15.00 2.96
C ILE C 12 20.54 15.06 4.31
N LYS C 13 19.54 14.20 4.49
CA LYS C 13 18.83 14.12 5.76
C LYS C 13 19.81 13.67 6.85
N ARG C 14 20.56 12.63 6.54
CA ARG C 14 21.55 12.09 7.45
C ARG C 14 22.60 13.16 7.80
N SER C 15 23.10 13.84 6.77
CA SER C 15 24.08 14.89 6.96
C SER C 15 23.50 16.04 7.78
N LYS C 16 22.24 16.37 7.51
CA LYS C 16 21.54 17.43 8.24
C LYS C 16 21.41 17.05 9.72
N LYS C 17 21.15 15.77 9.96
CA LYS C 17 21.03 15.26 11.32
C LYS C 17 22.39 15.30 12.01
N ASN C 18 23.43 15.03 11.24
CA ASN C 18 24.80 15.03 11.75
C ASN C 18 25.30 16.45 11.95
N SER C 19 24.58 17.40 11.38
CA SER C 19 24.94 18.80 11.48
C SER C 19 24.26 19.44 12.69
N ALA A 1 -0.49 -12.62 19.47
CA ALA A 1 -1.41 -12.39 20.60
C ALA A 1 -2.83 -12.81 20.23
N ASP A 2 -3.41 -13.66 21.07
CA ASP A 2 -4.78 -14.16 20.89
C ASP A 2 -4.89 -15.09 19.68
N GLN A 3 -5.98 -15.85 19.63
CA GLN A 3 -6.22 -16.76 18.54
C GLN A 3 -7.64 -16.58 18.00
N LEU A 4 -7.78 -16.54 16.70
CA LEU A 4 -9.08 -16.34 16.08
C LEU A 4 -9.77 -17.67 15.79
N THR A 5 -11.09 -17.67 15.80
CA THR A 5 -11.88 -18.85 15.53
C THR A 5 -11.97 -19.12 14.03
N GLU A 6 -11.21 -20.11 13.57
CA GLU A 6 -11.18 -20.46 12.16
C GLU A 6 -12.55 -20.94 11.68
N GLU A 7 -13.20 -21.75 12.51
CA GLU A 7 -14.52 -22.28 12.17
C GLU A 7 -15.55 -21.17 12.08
N GLN A 8 -15.30 -20.08 12.79
CA GLN A 8 -16.22 -18.95 12.79
C GLN A 8 -15.99 -18.08 11.56
N ILE A 9 -14.73 -17.77 11.28
CA ILE A 9 -14.38 -16.94 10.13
C ILE A 9 -14.69 -17.67 8.81
N ALA A 10 -14.79 -19.00 8.89
CA ALA A 10 -15.10 -19.81 7.72
C ALA A 10 -16.48 -19.47 7.19
N GLU A 11 -17.35 -19.00 8.07
CA GLU A 11 -18.70 -18.62 7.69
C GLU A 11 -18.70 -17.24 7.06
N PHE A 12 -17.60 -16.51 7.27
CA PHE A 12 -17.46 -15.17 6.73
C PHE A 12 -16.84 -15.21 5.34
N LYS A 13 -16.61 -16.42 4.83
CA LYS A 13 -16.03 -16.59 3.49
C LYS A 13 -16.93 -15.93 2.44
N GLU A 14 -18.20 -15.77 2.78
CA GLU A 14 -19.19 -15.15 1.91
C GLU A 14 -18.74 -13.75 1.50
N ALA A 15 -18.23 -12.99 2.47
CA ALA A 15 -17.79 -11.62 2.24
C ALA A 15 -16.58 -11.58 1.32
N PHE A 16 -15.92 -12.71 1.16
CA PHE A 16 -14.75 -12.77 0.30
C PHE A 16 -15.12 -13.32 -1.08
N SER A 17 -15.93 -14.37 -1.12
CA SER A 17 -16.32 -14.99 -2.38
C SER A 17 -17.32 -14.15 -3.16
N LEU A 18 -18.35 -13.65 -2.50
CA LEU A 18 -19.37 -12.83 -3.17
C LEU A 18 -18.81 -11.48 -3.61
N PHE A 19 -17.75 -11.04 -2.97
CA PHE A 19 -17.12 -9.77 -3.30
C PHE A 19 -16.04 -10.02 -4.35
N ASP A 20 -15.45 -11.21 -4.31
CA ASP A 20 -14.41 -11.60 -5.25
C ASP A 20 -14.96 -11.65 -6.67
N LYS A 21 -16.18 -12.18 -6.78
CA LYS A 21 -16.89 -12.32 -8.06
C LYS A 21 -16.30 -13.43 -8.93
N ASP A 22 -14.98 -13.47 -9.05
CA ASP A 22 -14.31 -14.51 -9.84
C ASP A 22 -14.22 -15.79 -9.02
N GLY A 23 -13.97 -15.62 -7.72
CA GLY A 23 -13.88 -16.76 -6.83
C GLY A 23 -12.53 -17.43 -6.89
N ASP A 24 -11.47 -16.64 -6.77
CA ASP A 24 -10.12 -17.18 -6.79
C ASP A 24 -9.51 -17.14 -5.39
N GLY A 25 -10.15 -16.38 -4.51
CA GLY A 25 -9.69 -16.30 -3.14
C GLY A 25 -8.76 -15.12 -2.90
N THR A 26 -8.67 -14.22 -3.86
CA THR A 26 -7.82 -13.05 -3.72
C THR A 26 -8.43 -11.82 -4.39
N ILE A 27 -8.52 -10.74 -3.64
CA ILE A 27 -9.08 -9.50 -4.15
C ILE A 27 -7.98 -8.56 -4.64
N THR A 28 -8.11 -8.12 -5.88
CA THR A 28 -7.15 -7.21 -6.47
C THR A 28 -7.89 -6.02 -7.09
N THR A 29 -7.16 -5.15 -7.77
CA THR A 29 -7.74 -3.97 -8.40
C THR A 29 -8.71 -4.33 -9.53
N LYS A 30 -8.60 -5.55 -10.06
CA LYS A 30 -9.47 -5.98 -11.15
C LYS A 30 -10.90 -6.18 -10.68
N GLU A 31 -11.10 -7.16 -9.80
CA GLU A 31 -12.44 -7.46 -9.28
C GLU A 31 -13.00 -6.29 -8.48
N LEU A 32 -12.15 -5.64 -7.70
CA LEU A 32 -12.56 -4.50 -6.91
C LEU A 32 -13.08 -3.39 -7.81
N GLY A 33 -12.32 -3.11 -8.87
CA GLY A 33 -12.70 -2.08 -9.82
C GLY A 33 -13.99 -2.42 -10.54
N THR A 34 -14.28 -3.71 -10.64
CA THR A 34 -15.49 -4.17 -11.29
C THR A 34 -16.71 -3.91 -10.41
N VAL A 35 -16.62 -4.32 -9.15
CA VAL A 35 -17.71 -4.13 -8.20
C VAL A 35 -17.90 -2.65 -7.90
N MET A 36 -16.78 -1.94 -7.72
CA MET A 36 -16.82 -0.51 -7.42
C MET A 36 -17.28 0.30 -8.62
N ARG A 37 -17.30 -0.33 -9.80
CA ARG A 37 -17.74 0.34 -11.00
C ARG A 37 -19.26 0.32 -11.10
N SER A 38 -19.84 -0.86 -10.93
CA SER A 38 -21.29 -1.01 -11.01
C SER A 38 -21.97 -0.62 -9.69
N LEU A 39 -21.60 -1.29 -8.61
CA LEU A 39 -22.19 -1.02 -7.31
C LEU A 39 -21.71 0.32 -6.75
N GLY A 40 -20.41 0.58 -6.92
CA GLY A 40 -19.85 1.82 -6.43
C GLY A 40 -20.31 3.01 -7.25
N GLN A 41 -20.08 2.92 -8.57
CA GLN A 41 -20.46 3.95 -9.55
C GLN A 41 -20.13 5.38 -9.07
N ASN A 42 -19.01 5.50 -8.37
CA ASN A 42 -18.58 6.79 -7.84
C ASN A 42 -17.05 6.85 -7.70
N PRO A 43 -16.40 5.86 -7.06
CA PRO A 43 -14.93 5.86 -6.91
C PRO A 43 -14.22 5.82 -8.25
N THR A 44 -13.18 6.63 -8.36
CA THR A 44 -12.40 6.69 -9.59
C THR A 44 -11.31 5.63 -9.57
N GLU A 45 -10.72 5.35 -10.73
CA GLU A 45 -9.66 4.36 -10.83
C GLU A 45 -8.48 4.76 -9.96
N ALA A 46 -8.23 6.05 -9.86
CA ALA A 46 -7.13 6.57 -9.04
C ALA A 46 -7.41 6.27 -7.58
N GLU A 47 -8.69 6.31 -7.21
CA GLU A 47 -9.10 6.02 -5.84
C GLU A 47 -8.94 4.55 -5.51
N LEU A 48 -9.50 3.69 -6.37
CA LEU A 48 -9.43 2.24 -6.15
C LEU A 48 -8.01 1.70 -6.36
N GLN A 49 -7.12 2.54 -6.86
CA GLN A 49 -5.74 2.15 -7.11
C GLN A 49 -5.00 1.97 -5.79
N ASP A 50 -4.91 3.04 -5.01
CA ASP A 50 -4.24 3.00 -3.71
C ASP A 50 -5.14 2.31 -2.69
N MET A 51 -6.43 2.29 -3.01
CA MET A 51 -7.45 1.67 -2.18
C MET A 51 -7.07 0.23 -1.83
N ILE A 52 -6.51 -0.49 -2.81
CA ILE A 52 -6.12 -1.88 -2.60
C ILE A 52 -4.97 -1.98 -1.60
N ASN A 53 -4.11 -0.97 -1.57
CA ASN A 53 -2.98 -0.96 -0.64
C ASN A 53 -3.46 -0.59 0.76
N GLU A 54 -4.63 0.04 0.82
CA GLU A 54 -5.23 0.43 2.10
C GLU A 54 -5.76 -0.81 2.81
N VAL A 55 -6.13 -1.82 2.03
CA VAL A 55 -6.66 -3.05 2.57
C VAL A 55 -5.57 -4.13 2.66
N ASP A 56 -4.43 -3.87 2.00
CA ASP A 56 -3.29 -4.78 2.02
C ASP A 56 -2.32 -4.32 3.10
N ALA A 57 -2.19 -5.10 4.16
CA ALA A 57 -1.32 -4.73 5.27
C ALA A 57 0.05 -5.41 5.20
N ASP A 58 0.08 -6.64 4.71
CA ASP A 58 1.34 -7.38 4.62
C ASP A 58 2.13 -6.96 3.38
N GLY A 59 1.42 -6.44 2.39
CA GLY A 59 2.05 -5.98 1.17
C GLY A 59 2.51 -7.12 0.29
N ASN A 60 1.58 -7.97 -0.10
CA ASN A 60 1.89 -9.10 -0.97
C ASN A 60 1.35 -8.85 -2.36
N GLY A 61 0.71 -7.68 -2.52
CA GLY A 61 0.16 -7.29 -3.80
C GLY A 61 -1.26 -7.80 -4.02
N THR A 62 -1.99 -7.98 -2.92
CA THR A 62 -3.36 -8.46 -2.99
C THR A 62 -3.93 -8.60 -1.58
N ILE A 63 -5.23 -8.81 -1.49
CA ILE A 63 -5.89 -8.97 -0.20
C ILE A 63 -6.09 -10.44 0.12
N ASP A 64 -5.52 -10.85 1.24
CA ASP A 64 -5.60 -12.22 1.70
C ASP A 64 -6.54 -12.33 2.89
N PHE A 65 -7.06 -13.53 3.11
CA PHE A 65 -8.01 -13.82 4.19
C PHE A 65 -7.52 -13.32 5.57
N PRO A 66 -6.30 -13.70 6.02
CA PRO A 66 -5.78 -13.27 7.33
C PRO A 66 -5.87 -11.75 7.58
N GLU A 67 -5.47 -10.95 6.61
CA GLU A 67 -5.50 -9.50 6.78
C GLU A 67 -6.91 -8.95 6.57
N PHE A 68 -7.71 -9.66 5.79
CA PHE A 68 -9.09 -9.25 5.50
C PHE A 68 -9.90 -9.10 6.79
N LEU A 69 -9.70 -10.02 7.72
CA LEU A 69 -10.43 -9.99 8.98
C LEU A 69 -9.96 -8.85 9.88
N THR A 70 -8.71 -8.41 9.70
CA THR A 70 -8.17 -7.35 10.53
C THR A 70 -8.75 -5.98 10.17
N MET A 71 -8.96 -5.73 8.89
CA MET A 71 -9.50 -4.43 8.46
C MET A 71 -10.93 -4.26 8.94
N MET A 72 -11.67 -5.37 8.99
CA MET A 72 -13.07 -5.33 9.42
C MET A 72 -13.20 -5.44 10.94
N ALA A 73 -12.07 -5.47 11.65
CA ALA A 73 -12.11 -5.61 13.10
C ALA A 73 -11.33 -4.49 13.80
N ARG A 74 -10.17 -4.13 13.26
CA ARG A 74 -9.35 -3.10 13.87
C ARG A 74 -9.07 -1.96 12.89
N LYS A 75 -8.67 -0.82 13.44
CA LYS A 75 -8.35 0.34 12.62
C LYS A 75 -7.10 1.05 13.17
N MET A 76 -6.34 0.34 13.99
CA MET A 76 -5.13 0.90 14.59
C MET A 76 -3.87 0.35 13.90
N LYS A 77 -2.82 1.17 13.87
CA LYS A 77 -1.56 0.79 13.26
C LYS A 77 -0.38 1.44 13.99
N ASP A 78 0.63 0.65 14.32
CA ASP A 78 1.81 1.13 15.04
C ASP A 78 2.90 1.62 14.08
N THR A 79 3.83 2.43 14.63
CA THR A 79 4.96 3.00 13.90
C THR A 79 5.77 3.89 14.86
N ASP A 80 7.12 3.87 14.73
CA ASP A 80 8.00 4.67 15.63
C ASP A 80 9.48 4.28 15.53
N SER A 81 9.75 3.02 15.19
CA SER A 81 11.12 2.53 15.15
C SER A 81 11.95 3.06 13.98
N GLU A 82 11.33 3.79 13.06
CA GLU A 82 12.09 4.33 11.93
C GLU A 82 12.61 5.75 12.21
N GLU A 83 13.37 5.94 13.30
CA GLU A 83 13.88 7.29 13.71
C GLU A 83 14.13 8.32 12.57
N GLU A 84 15.39 8.42 12.13
CA GLU A 84 15.77 9.39 11.08
C GLU A 84 14.99 9.16 9.80
N ILE A 85 14.86 7.91 9.41
CA ILE A 85 14.15 7.56 8.20
C ILE A 85 12.65 7.85 8.34
N ARG A 86 12.21 8.23 9.54
CA ARG A 86 10.80 8.58 9.80
C ARG A 86 10.59 9.98 9.30
N GLU A 87 11.54 10.84 9.68
CA GLU A 87 11.53 12.23 9.23
C GLU A 87 11.50 12.25 7.70
N ALA A 88 12.18 11.27 7.09
CA ALA A 88 12.21 11.13 5.64
C ALA A 88 10.97 10.39 5.13
N PHE A 89 10.60 9.32 5.84
CA PHE A 89 9.46 8.46 5.49
C PHE A 89 8.17 9.24 5.35
N ARG A 90 7.91 10.13 6.30
CA ARG A 90 6.68 10.93 6.29
C ARG A 90 6.63 11.83 5.05
N VAL A 91 7.76 11.98 4.38
CA VAL A 91 7.84 12.79 3.17
C VAL A 91 7.92 11.88 1.94
N PHE A 92 8.63 10.76 2.10
CA PHE A 92 8.82 9.79 1.02
C PHE A 92 7.58 8.97 0.75
N ASP A 93 6.77 8.74 1.78
CA ASP A 93 5.55 7.96 1.61
C ASP A 93 4.49 8.74 0.87
N LYS A 94 4.33 10.01 1.22
CA LYS A 94 3.35 10.92 0.58
C LYS A 94 1.90 10.52 0.86
N ASP A 95 1.51 9.36 0.35
CA ASP A 95 0.15 8.86 0.51
C ASP A 95 -0.08 8.31 1.91
N GLY A 96 0.54 7.19 2.21
CA GLY A 96 0.39 6.58 3.52
C GLY A 96 0.33 5.07 3.46
N ASN A 97 0.81 4.50 2.36
CA ASN A 97 0.81 3.04 2.20
C ASN A 97 2.18 2.47 2.54
N GLY A 98 3.06 3.32 3.06
CA GLY A 98 4.38 2.89 3.45
C GLY A 98 5.37 2.84 2.31
N TYR A 99 5.28 1.79 1.51
CA TYR A 99 6.20 1.57 0.39
C TYR A 99 6.16 2.71 -0.63
N ILE A 100 7.24 2.83 -1.39
CA ILE A 100 7.34 3.82 -2.45
C ILE A 100 6.78 3.21 -3.73
N SER A 101 5.83 3.90 -4.36
CA SER A 101 5.24 3.41 -5.58
C SER A 101 5.88 4.08 -6.78
N ALA A 102 5.71 5.40 -6.88
CA ALA A 102 6.27 6.18 -7.99
C ALA A 102 5.90 7.66 -7.86
N ALA A 103 4.61 7.92 -7.66
CA ALA A 103 4.10 9.28 -7.52
C ALA A 103 4.77 10.04 -6.39
N GLU A 104 5.21 9.32 -5.39
CA GLU A 104 5.88 9.92 -4.23
C GLU A 104 7.23 10.53 -4.62
N LEU A 105 7.93 9.86 -5.53
CA LEU A 105 9.23 10.33 -5.97
C LEU A 105 9.10 11.58 -6.82
N ARG A 106 7.92 11.77 -7.38
CA ARG A 106 7.64 12.93 -8.21
C ARG A 106 7.52 14.19 -7.35
N HIS A 107 7.63 14.01 -6.03
CA HIS A 107 7.54 15.13 -5.11
C HIS A 107 8.89 15.38 -4.41
N VAL A 108 9.46 14.33 -3.83
CA VAL A 108 10.74 14.46 -3.13
C VAL A 108 11.88 14.86 -4.07
N MET A 109 11.93 14.23 -5.25
CA MET A 109 12.99 14.52 -6.20
C MET A 109 12.76 15.84 -6.91
N THR A 110 11.50 16.28 -6.94
CA THR A 110 11.17 17.56 -7.56
C THR A 110 11.59 18.69 -6.63
N ASN A 111 11.83 18.36 -5.37
CA ASN A 111 12.26 19.35 -4.38
C ASN A 111 13.75 19.14 -4.07
N LEU A 112 14.37 18.26 -4.84
CA LEU A 112 15.80 17.96 -4.68
C LEU A 112 16.64 18.97 -5.44
N GLY A 113 16.10 19.44 -6.56
CA GLY A 113 16.79 20.41 -7.38
C GLY A 113 16.32 20.36 -8.82
N GLU A 114 16.64 19.27 -9.49
CA GLU A 114 16.23 19.07 -10.86
C GLU A 114 14.81 18.53 -10.91
N LYS A 115 14.36 18.13 -12.08
CA LYS A 115 13.01 17.58 -12.21
C LYS A 115 13.10 16.13 -12.64
N LEU A 116 12.29 15.29 -12.03
CA LEU A 116 12.29 13.88 -12.35
C LEU A 116 11.05 13.50 -13.14
N THR A 117 11.25 13.18 -14.41
CA THR A 117 10.17 12.78 -15.29
C THR A 117 9.69 11.38 -14.91
N ASP A 118 8.44 11.08 -15.22
CA ASP A 118 7.86 9.77 -14.88
C ASP A 118 8.67 8.62 -15.48
N GLU A 119 9.32 8.87 -16.61
CA GLU A 119 10.12 7.86 -17.27
C GLU A 119 11.41 7.61 -16.48
N GLU A 120 11.90 8.64 -15.81
CA GLU A 120 13.12 8.53 -15.02
C GLU A 120 12.77 7.93 -13.66
N VAL A 121 11.61 8.32 -13.13
CA VAL A 121 11.14 7.83 -11.83
C VAL A 121 11.07 6.29 -11.83
N ASP A 122 10.51 5.74 -12.90
CA ASP A 122 10.38 4.29 -13.04
C ASP A 122 11.76 3.62 -13.01
N GLU A 123 12.69 4.16 -13.79
CA GLU A 123 14.04 3.62 -13.88
C GLU A 123 14.80 3.76 -12.56
N MET A 124 14.72 4.93 -11.95
CA MET A 124 15.45 5.21 -10.72
C MET A 124 15.00 4.32 -9.56
N ILE A 125 13.70 4.12 -9.38
CA ILE A 125 13.24 3.28 -8.27
C ILE A 125 13.44 1.80 -8.60
N ARG A 126 13.44 1.46 -9.89
CA ARG A 126 13.67 0.08 -10.30
C ARG A 126 15.11 -0.30 -9.98
N GLU A 127 15.98 0.69 -10.04
CA GLU A 127 17.39 0.55 -9.73
C GLU A 127 17.59 0.66 -8.23
N ALA A 128 16.60 1.28 -7.60
CA ALA A 128 16.59 1.49 -6.16
C ALA A 128 16.27 0.20 -5.44
N ASP A 129 15.21 -0.44 -5.90
CA ASP A 129 14.75 -1.70 -5.32
C ASP A 129 15.86 -2.74 -5.34
N ILE A 130 16.11 -3.36 -4.20
CA ILE A 130 17.16 -4.36 -4.09
C ILE A 130 16.60 -5.76 -4.29
N ASP A 131 15.44 -6.02 -3.72
CA ASP A 131 14.80 -7.33 -3.85
C ASP A 131 14.20 -7.50 -5.23
N GLY A 132 13.45 -6.51 -5.68
CA GLY A 132 12.85 -6.58 -7.00
C GLY A 132 11.39 -6.95 -6.94
N ASP A 133 10.67 -6.30 -6.03
CA ASP A 133 9.24 -6.57 -5.86
C ASP A 133 8.41 -5.51 -6.61
N GLY A 134 8.93 -4.29 -6.66
CA GLY A 134 8.25 -3.21 -7.34
C GLY A 134 7.88 -2.08 -6.40
N GLN A 135 8.21 -2.27 -5.12
CA GLN A 135 7.91 -1.27 -4.09
C GLN A 135 9.08 -1.12 -3.13
N VAL A 136 9.53 0.11 -2.93
CA VAL A 136 10.64 0.39 -2.02
C VAL A 136 10.21 0.16 -0.58
N ASN A 137 10.82 -0.83 0.04
CA ASN A 137 10.53 -1.18 1.42
C ASN A 137 11.49 -0.48 2.37
N TYR A 138 11.00 -0.13 3.54
CA TYR A 138 11.80 0.56 4.55
C TYR A 138 13.05 -0.26 4.91
N GLU A 139 12.91 -1.58 4.90
CA GLU A 139 14.01 -2.47 5.24
C GLU A 139 15.16 -2.32 4.26
N GLU A 140 14.91 -2.57 2.98
CA GLU A 140 15.94 -2.46 1.95
C GLU A 140 16.45 -1.02 1.84
N PHE A 141 15.62 -0.07 2.28
CA PHE A 141 15.96 1.34 2.25
C PHE A 141 17.11 1.63 3.22
N VAL A 142 16.96 1.18 4.47
CA VAL A 142 17.97 1.40 5.48
C VAL A 142 19.17 0.47 5.27
N GLN A 143 18.91 -0.71 4.71
CA GLN A 143 19.97 -1.67 4.46
C GLN A 143 20.75 -1.31 3.19
N MET A 144 20.50 -0.12 2.68
CA MET A 144 21.16 0.36 1.48
C MET A 144 22.07 1.55 1.80
N MET A 145 21.47 2.60 2.35
CA MET A 145 22.24 3.82 2.66
C MET A 145 22.69 3.86 4.11
N THR A 146 21.89 3.32 5.01
CA THR A 146 22.26 3.31 6.44
C THR A 146 23.30 2.23 6.72
N ALA A 147 23.57 1.42 5.70
CA ALA A 147 24.55 0.35 5.80
C ALA A 147 25.91 0.83 5.33
N LYS A 148 26.91 -0.03 5.45
CA LYS A 148 28.26 0.32 5.04
C LYS A 148 28.61 -0.39 3.73
N ARG B 1 -10.65 5.77 -0.24
CA ARG B 1 -10.39 4.91 0.94
C ARG B 1 -11.08 3.56 0.79
N ALA B 2 -10.58 2.56 1.51
CA ALA B 2 -11.14 1.22 1.47
C ALA B 2 -11.91 0.91 2.74
N ALA B 3 -11.56 1.63 3.81
CA ALA B 3 -12.18 1.46 5.14
C ALA B 3 -13.68 1.15 5.12
N ASN B 4 -14.52 2.12 4.74
CA ASN B 4 -15.98 1.91 4.70
C ASN B 4 -16.43 1.45 3.32
N LEU B 5 -15.61 1.69 2.32
CA LEU B 5 -15.95 1.29 0.97
C LEU B 5 -16.06 -0.22 0.86
N TRP B 6 -15.05 -0.95 1.32
CA TRP B 6 -15.11 -2.42 1.27
C TRP B 6 -16.39 -2.91 1.97
N PRO B 7 -16.66 -2.45 3.21
CA PRO B 7 -17.91 -2.78 3.92
C PRO B 7 -19.17 -2.55 3.08
N SER B 8 -19.12 -1.58 2.16
CA SER B 8 -20.27 -1.28 1.30
C SER B 8 -20.63 -2.50 0.41
N PRO B 9 -19.80 -2.92 -0.58
CA PRO B 9 -20.11 -4.12 -1.38
C PRO B 9 -20.36 -5.34 -0.50
N LEU B 10 -19.73 -5.36 0.67
CA LEU B 10 -19.90 -6.45 1.62
C LEU B 10 -21.35 -6.49 2.09
N MET B 11 -21.91 -5.30 2.27
CA MET B 11 -23.31 -5.15 2.68
C MET B 11 -24.21 -5.64 1.54
N ILE B 12 -23.76 -5.39 0.32
CA ILE B 12 -24.49 -5.82 -0.87
C ILE B 12 -24.46 -7.34 -0.97
N LYS B 13 -23.32 -7.94 -0.62
CA LYS B 13 -23.17 -9.38 -0.65
C LYS B 13 -24.16 -10.01 0.32
N ARG B 14 -24.39 -9.33 1.44
CA ARG B 14 -25.32 -9.80 2.45
C ARG B 14 -26.74 -9.78 1.88
N SER B 15 -27.07 -8.72 1.18
CA SER B 15 -28.38 -8.57 0.57
C SER B 15 -28.56 -9.60 -0.53
N LYS B 16 -27.52 -9.79 -1.35
CA LYS B 16 -27.58 -10.75 -2.45
C LYS B 16 -27.60 -12.17 -1.91
N LYS B 17 -26.95 -12.39 -0.77
CA LYS B 17 -26.92 -13.70 -0.15
C LYS B 17 -28.31 -14.03 0.37
N ASN B 18 -28.97 -13.01 0.90
CA ASN B 18 -30.32 -13.15 1.43
C ASN B 18 -31.32 -13.27 0.28
N SER B 19 -31.10 -12.48 -0.75
CA SER B 19 -31.94 -12.47 -1.92
C SER B 19 -31.42 -13.46 -2.96
N ARG C 1 20.87 7.90 -14.41
CA ARG C 1 19.67 7.63 -13.60
C ARG C 1 19.68 8.46 -12.31
N ALA C 2 18.54 8.49 -11.64
CA ALA C 2 18.36 9.24 -10.40
C ALA C 2 18.78 8.46 -9.15
N ALA C 3 19.23 7.22 -9.32
CA ALA C 3 19.67 6.39 -8.18
C ALA C 3 20.52 7.18 -7.17
N ASN C 4 21.53 7.90 -7.65
CA ASN C 4 22.39 8.69 -6.75
C ASN C 4 21.58 9.79 -6.06
N LEU C 5 20.47 10.14 -6.67
CA LEU C 5 19.60 11.15 -6.13
C LEU C 5 18.82 10.54 -4.96
N TRP C 6 18.62 9.21 -4.98
CA TRP C 6 17.95 8.48 -3.87
C TRP C 6 18.70 8.83 -2.56
N PRO C 7 20.03 8.52 -2.47
CA PRO C 7 20.80 8.85 -1.28
C PRO C 7 20.86 10.36 -1.04
N SER C 8 20.68 11.17 -2.07
CA SER C 8 20.71 12.62 -1.87
C SER C 8 19.76 13.06 -0.73
N PRO C 9 18.41 13.01 -0.87
CA PRO C 9 17.51 13.38 0.23
C PRO C 9 17.80 12.61 1.51
N LEU C 10 18.13 11.31 1.42
CA LEU C 10 18.40 10.55 2.64
C LEU C 10 19.72 11.00 3.28
N MET C 11 20.70 11.37 2.45
CA MET C 11 21.99 11.84 2.94
C MET C 11 21.80 13.21 3.55
N ILE C 12 20.85 13.96 3.00
CA ILE C 12 20.52 15.28 3.49
C ILE C 12 20.02 15.16 4.93
N LYS C 13 19.27 14.09 5.20
CA LYS C 13 18.76 13.84 6.55
C LYS C 13 19.92 13.61 7.50
N ARG C 14 20.84 12.76 7.07
CA ARG C 14 22.02 12.44 7.87
C ARG C 14 22.90 13.67 8.07
N SER C 15 23.03 14.48 7.02
CA SER C 15 23.83 15.69 7.08
C SER C 15 23.14 16.74 7.95
N LYS C 16 21.82 16.81 7.84
CA LYS C 16 21.03 17.75 8.63
C LYS C 16 21.11 17.37 10.11
N LYS C 17 21.04 16.08 10.37
CA LYS C 17 21.12 15.57 11.73
C LYS C 17 22.52 15.83 12.29
N ASN C 18 23.51 15.71 11.41
CA ASN C 18 24.90 15.93 11.79
C ASN C 18 25.18 17.42 11.96
N SER C 19 24.40 18.24 11.29
CA SER C 19 24.55 19.69 11.38
C SER C 19 23.66 20.26 12.48
N ALA A 1 -1.52 -12.07 18.84
CA ALA A 1 -2.39 -12.02 20.04
C ALA A 1 -3.81 -12.42 19.66
N ASP A 2 -4.43 -13.23 20.51
CA ASP A 2 -5.80 -13.71 20.31
C ASP A 2 -5.87 -14.67 19.13
N GLN A 3 -7.01 -15.34 18.98
CA GLN A 3 -7.21 -16.27 17.88
C GLN A 3 -8.53 -16.00 17.18
N LEU A 4 -8.54 -16.16 15.87
CA LEU A 4 -9.74 -15.93 15.08
C LEU A 4 -10.59 -17.18 14.98
N THR A 5 -11.88 -17.03 15.25
CA THR A 5 -12.82 -18.14 15.18
C THR A 5 -13.11 -18.51 13.73
N GLU A 6 -12.66 -19.68 13.32
CA GLU A 6 -12.85 -20.17 11.95
C GLU A 6 -14.34 -20.32 11.64
N GLU A 7 -15.12 -20.69 12.64
CA GLU A 7 -16.56 -20.86 12.47
C GLU A 7 -17.25 -19.51 12.36
N GLN A 8 -16.63 -18.48 12.92
CA GLN A 8 -17.20 -17.15 12.90
C GLN A 8 -16.86 -16.46 11.57
N ILE A 9 -15.64 -16.67 11.11
CA ILE A 9 -15.19 -16.07 9.85
C ILE A 9 -15.73 -16.87 8.66
N ALA A 10 -16.43 -17.96 8.94
CA ALA A 10 -17.00 -18.81 7.90
C ALA A 10 -17.97 -18.04 7.01
N GLU A 11 -18.86 -17.26 7.62
CA GLU A 11 -19.82 -16.47 6.85
C GLU A 11 -19.12 -15.27 6.24
N PHE A 12 -18.07 -14.82 6.89
CA PHE A 12 -17.29 -13.67 6.41
C PHE A 12 -16.56 -14.08 5.13
N LYS A 13 -16.38 -15.39 4.97
CA LYS A 13 -15.71 -15.95 3.80
C LYS A 13 -16.60 -15.78 2.57
N GLU A 14 -17.91 -15.63 2.80
CA GLU A 14 -18.86 -15.43 1.71
C GLU A 14 -18.56 -14.09 1.04
N ALA A 15 -17.96 -13.19 1.81
CA ALA A 15 -17.59 -11.86 1.32
C ALA A 15 -16.26 -11.94 0.59
N PHE A 16 -15.76 -13.15 0.45
CA PHE A 16 -14.50 -13.40 -0.25
C PHE A 16 -14.77 -14.25 -1.48
N SER A 17 -15.94 -14.88 -1.49
CA SER A 17 -16.34 -15.73 -2.60
C SER A 17 -17.31 -14.99 -3.53
N LEU A 18 -18.43 -14.55 -2.97
CA LEU A 18 -19.45 -13.83 -3.72
C LEU A 18 -18.88 -12.51 -4.21
N PHE A 19 -18.11 -11.85 -3.36
CA PHE A 19 -17.47 -10.58 -3.70
C PHE A 19 -16.48 -10.80 -4.83
N ASP A 20 -15.75 -11.90 -4.74
CA ASP A 20 -14.75 -12.25 -5.74
C ASP A 20 -15.38 -12.45 -7.11
N LYS A 21 -16.64 -12.90 -7.10
CA LYS A 21 -17.42 -13.14 -8.32
C LYS A 21 -16.92 -14.36 -9.09
N ASP A 22 -15.67 -14.33 -9.52
CA ASP A 22 -15.08 -15.42 -10.26
C ASP A 22 -14.83 -16.62 -9.35
N GLY A 23 -14.61 -16.33 -8.07
CA GLY A 23 -14.39 -17.39 -7.10
C GLY A 23 -13.03 -18.03 -7.17
N ASP A 24 -11.99 -17.22 -7.31
CA ASP A 24 -10.64 -17.75 -7.36
C ASP A 24 -9.99 -17.64 -5.98
N GLY A 25 -10.50 -16.72 -5.17
CA GLY A 25 -9.99 -16.55 -3.83
C GLY A 25 -9.05 -15.36 -3.67
N THR A 26 -8.95 -14.55 -4.71
CA THR A 26 -8.08 -13.39 -4.65
C THR A 26 -8.77 -12.16 -5.24
N ILE A 27 -8.86 -11.10 -4.43
CA ILE A 27 -9.47 -9.86 -4.86
C ILE A 27 -8.44 -8.97 -5.54
N THR A 28 -8.68 -8.69 -6.82
CA THR A 28 -7.79 -7.84 -7.59
C THR A 28 -8.59 -6.66 -8.13
N THR A 29 -7.97 -5.84 -8.96
CA THR A 29 -8.64 -4.67 -9.53
C THR A 29 -9.75 -5.07 -10.50
N LYS A 30 -9.66 -6.29 -11.03
CA LYS A 30 -10.64 -6.79 -11.99
C LYS A 30 -12.00 -7.00 -11.33
N GLU A 31 -12.06 -7.90 -10.36
CA GLU A 31 -13.30 -8.21 -9.66
C GLU A 31 -13.75 -7.03 -8.82
N LEU A 32 -12.83 -6.43 -8.07
CA LEU A 32 -13.15 -5.28 -7.24
C LEU A 32 -13.72 -4.15 -8.09
N GLY A 33 -13.08 -3.92 -9.23
CA GLY A 33 -13.54 -2.87 -10.13
C GLY A 33 -14.92 -3.16 -10.67
N THR A 34 -15.20 -4.43 -10.93
CA THR A 34 -16.50 -4.84 -11.45
C THR A 34 -17.59 -4.60 -10.41
N VAL A 35 -17.34 -5.03 -9.17
CA VAL A 35 -18.33 -4.85 -8.10
C VAL A 35 -18.47 -3.38 -7.75
N MET A 36 -17.36 -2.68 -7.63
CA MET A 36 -17.37 -1.26 -7.29
C MET A 36 -17.98 -0.42 -8.40
N ARG A 37 -18.05 -0.98 -9.61
CA ARG A 37 -18.64 -0.27 -10.73
C ARG A 37 -20.14 -0.51 -10.77
N SER A 38 -20.55 -1.74 -10.49
CA SER A 38 -21.96 -2.12 -10.50
C SER A 38 -22.67 -1.70 -9.22
N LEU A 39 -21.96 -1.72 -8.10
CA LEU A 39 -22.52 -1.35 -6.81
C LEU A 39 -21.86 -0.10 -6.26
N GLY A 40 -21.37 0.76 -7.15
CA GLY A 40 -20.71 1.98 -6.72
C GLY A 40 -20.72 3.05 -7.78
N GLN A 41 -20.21 2.70 -8.97
CA GLN A 41 -20.13 3.60 -10.12
C GLN A 41 -19.66 5.00 -9.72
N ASN A 42 -18.63 5.03 -8.88
CA ASN A 42 -18.06 6.30 -8.39
C ASN A 42 -16.53 6.26 -8.41
N PRO A 43 -15.88 5.20 -7.88
CA PRO A 43 -14.41 5.11 -7.87
C PRO A 43 -13.82 5.08 -9.28
N THR A 44 -12.82 5.92 -9.50
CA THR A 44 -12.16 6.01 -10.79
C THR A 44 -11.11 4.91 -10.96
N GLU A 45 -10.43 4.92 -12.09
CA GLU A 45 -9.40 3.94 -12.39
C GLU A 45 -8.29 4.00 -11.36
N ALA A 46 -7.81 5.21 -11.09
CA ALA A 46 -6.75 5.41 -10.11
C ALA A 46 -7.25 5.10 -8.71
N GLU A 47 -8.54 5.37 -8.48
CA GLU A 47 -9.16 5.13 -7.19
C GLU A 47 -9.10 3.66 -6.81
N LEU A 48 -9.58 2.78 -7.70
CA LEU A 48 -9.59 1.34 -7.42
C LEU A 48 -8.15 0.80 -7.31
N GLN A 49 -7.20 1.48 -7.95
CA GLN A 49 -5.81 1.06 -7.89
C GLN A 49 -5.24 1.36 -6.51
N ASP A 50 -5.44 2.58 -6.03
CA ASP A 50 -4.97 2.99 -4.71
C ASP A 50 -5.77 2.28 -3.64
N MET A 51 -7.04 2.07 -3.93
CA MET A 51 -7.98 1.40 -3.05
C MET A 51 -7.46 0.04 -2.59
N ILE A 52 -6.82 -0.68 -3.50
CA ILE A 52 -6.28 -2.00 -3.18
C ILE A 52 -5.21 -1.90 -2.09
N ASN A 53 -4.49 -0.79 -2.04
CA ASN A 53 -3.46 -0.61 -1.02
C ASN A 53 -4.11 -0.29 0.33
N GLU A 54 -5.36 0.17 0.27
CA GLU A 54 -6.11 0.49 1.48
C GLU A 54 -6.56 -0.81 2.14
N VAL A 55 -6.55 -1.89 1.36
CA VAL A 55 -6.95 -3.20 1.86
C VAL A 55 -5.73 -4.11 2.05
N ASP A 56 -4.84 -4.14 1.05
CA ASP A 56 -3.63 -4.95 1.11
C ASP A 56 -2.64 -4.30 2.07
N ALA A 57 -2.57 -4.83 3.29
CA ALA A 57 -1.69 -4.28 4.31
C ALA A 57 -0.41 -5.08 4.45
N ASP A 58 -0.43 -6.33 3.99
CA ASP A 58 0.76 -7.17 4.09
C ASP A 58 1.77 -6.79 3.01
N GLY A 59 1.26 -6.36 1.86
CA GLY A 59 2.13 -5.92 0.78
C GLY A 59 2.57 -7.03 -0.15
N ASN A 60 1.86 -8.15 -0.15
CA ASN A 60 2.21 -9.27 -1.02
C ASN A 60 1.87 -8.93 -2.47
N GLY A 61 0.99 -7.95 -2.67
CA GLY A 61 0.63 -7.54 -4.00
C GLY A 61 -0.78 -7.99 -4.38
N THR A 62 -1.52 -8.49 -3.42
CA THR A 62 -2.89 -8.94 -3.66
C THR A 62 -3.66 -9.05 -2.36
N ILE A 63 -4.96 -9.34 -2.46
CA ILE A 63 -5.80 -9.48 -1.29
C ILE A 63 -5.85 -10.92 -0.83
N ASP A 64 -5.39 -11.15 0.39
CA ASP A 64 -5.40 -12.48 0.96
C ASP A 64 -6.47 -12.58 2.03
N PHE A 65 -6.83 -13.81 2.38
CA PHE A 65 -7.88 -14.06 3.36
C PHE A 65 -7.55 -13.49 4.76
N PRO A 66 -6.35 -13.76 5.33
CA PRO A 66 -5.98 -13.25 6.66
C PRO A 66 -6.12 -11.72 6.80
N GLU A 67 -5.53 -10.96 5.88
CA GLU A 67 -5.57 -9.50 5.95
C GLU A 67 -6.99 -8.96 5.76
N PHE A 68 -7.83 -9.73 5.07
CA PHE A 68 -9.22 -9.33 4.83
C PHE A 68 -9.93 -9.10 6.15
N LEU A 69 -9.60 -9.92 7.14
CA LEU A 69 -10.20 -9.80 8.46
C LEU A 69 -9.59 -8.64 9.23
N THR A 70 -8.26 -8.52 9.15
CA THR A 70 -7.54 -7.46 9.85
C THR A 70 -7.97 -6.08 9.35
N MET A 71 -8.15 -5.95 8.04
CA MET A 71 -8.56 -4.70 7.43
C MET A 71 -9.89 -4.20 8.00
N MET A 72 -10.81 -5.11 8.24
CA MET A 72 -12.11 -4.74 8.77
C MET A 72 -12.09 -4.69 10.30
N ALA A 73 -10.94 -5.01 10.88
CA ALA A 73 -10.78 -4.99 12.32
C ALA A 73 -10.00 -3.77 12.80
N ARG A 74 -8.68 -3.80 12.61
CA ARG A 74 -7.83 -2.69 13.05
C ARG A 74 -7.13 -2.03 11.88
N LYS A 75 -7.07 -0.70 11.89
CA LYS A 75 -6.43 0.05 10.82
C LYS A 75 -5.30 0.91 11.37
N MET A 76 -4.95 0.67 12.62
CA MET A 76 -3.88 1.42 13.27
C MET A 76 -2.54 0.74 13.00
N LYS A 77 -1.58 1.51 12.53
CA LYS A 77 -0.26 0.97 12.23
C LYS A 77 0.75 1.41 13.27
N ASP A 78 1.28 0.44 14.00
CA ASP A 78 2.27 0.70 15.03
C ASP A 78 3.67 0.72 14.45
N THR A 79 4.47 1.69 14.90
CA THR A 79 5.84 1.84 14.42
C THR A 79 6.56 2.91 15.26
N ASP A 80 7.85 2.69 15.55
CA ASP A 80 8.64 3.65 16.35
C ASP A 80 10.12 3.27 16.41
N SER A 81 10.73 2.97 15.27
CA SER A 81 12.14 2.61 15.26
C SER A 81 12.85 3.14 14.02
N GLU A 82 12.26 4.14 13.39
CA GLU A 82 12.82 4.72 12.20
C GLU A 82 13.70 5.94 12.48
N GLU A 83 14.37 5.99 13.63
CA GLU A 83 15.16 7.18 14.08
C GLU A 83 15.64 8.19 12.99
N GLU A 84 16.91 8.12 12.56
CA GLU A 84 17.45 9.08 11.57
C GLU A 84 16.62 9.11 10.28
N ILE A 85 16.36 7.94 9.73
CA ILE A 85 15.60 7.85 8.51
C ILE A 85 14.14 8.25 8.73
N ARG A 86 13.79 8.59 9.98
CA ARG A 86 12.44 9.05 10.33
C ARG A 86 12.37 10.50 9.96
N GLU A 87 13.46 11.21 10.28
CA GLU A 87 13.55 12.61 9.92
C GLU A 87 13.42 12.71 8.40
N ALA A 88 13.94 11.69 7.73
CA ALA A 88 13.84 11.60 6.28
C ALA A 88 12.44 11.11 5.87
N PHE A 89 11.99 10.05 6.52
CA PHE A 89 10.69 9.41 6.28
C PHE A 89 9.52 10.40 6.36
N ARG A 90 9.64 11.38 7.26
CA ARG A 90 8.60 12.39 7.44
C ARG A 90 8.28 13.09 6.11
N VAL A 91 9.24 13.10 5.20
CA VAL A 91 9.07 13.72 3.90
C VAL A 91 9.04 12.66 2.81
N PHE A 92 9.91 11.67 2.93
CA PHE A 92 10.03 10.60 1.94
C PHE A 92 8.76 9.76 1.80
N ASP A 93 7.99 9.61 2.87
CA ASP A 93 6.77 8.81 2.78
C ASP A 93 5.63 9.60 2.14
N LYS A 94 5.56 10.90 2.46
CA LYS A 94 4.54 11.81 1.93
C LYS A 94 3.12 11.44 2.41
N ASP A 95 2.61 10.32 1.92
CA ASP A 95 1.27 9.85 2.27
C ASP A 95 1.22 9.30 3.69
N GLY A 96 2.18 8.47 4.04
CA GLY A 96 2.21 7.89 5.37
C GLY A 96 1.72 6.46 5.38
N ASN A 97 2.37 5.61 4.60
CA ASN A 97 1.99 4.21 4.53
C ASN A 97 3.17 3.31 4.91
N GLY A 98 4.33 3.93 5.18
CA GLY A 98 5.50 3.18 5.59
C GLY A 98 6.51 2.92 4.48
N TYR A 99 6.07 2.99 3.23
CA TYR A 99 6.98 2.71 2.11
C TYR A 99 6.88 3.77 1.01
N ILE A 100 7.95 3.93 0.27
CA ILE A 100 7.98 4.85 -0.85
C ILE A 100 7.31 4.16 -2.03
N SER A 101 6.38 4.83 -2.70
CA SER A 101 5.68 4.20 -3.80
C SER A 101 6.07 4.78 -5.16
N ALA A 102 5.85 6.08 -5.36
CA ALA A 102 6.18 6.73 -6.63
C ALA A 102 5.97 8.23 -6.57
N ALA A 103 4.77 8.63 -6.16
CA ALA A 103 4.41 10.03 -6.06
C ALA A 103 5.38 10.78 -5.14
N GLU A 104 5.94 10.06 -4.19
CA GLU A 104 6.87 10.62 -3.23
C GLU A 104 8.11 11.17 -3.92
N LEU A 105 8.67 10.41 -4.86
CA LEU A 105 9.86 10.85 -5.58
C LEU A 105 9.53 12.04 -6.46
N ARG A 106 8.29 12.05 -6.95
CA ARG A 106 7.82 13.13 -7.81
C ARG A 106 7.45 14.35 -6.96
N HIS A 107 7.73 14.24 -5.67
CA HIS A 107 7.43 15.31 -4.73
C HIS A 107 8.70 15.77 -4.00
N VAL A 108 9.48 14.81 -3.50
CA VAL A 108 10.70 15.13 -2.76
C VAL A 108 11.91 15.37 -3.68
N MET A 109 11.98 14.66 -4.79
CA MET A 109 13.11 14.82 -5.71
C MET A 109 12.94 16.08 -6.54
N THR A 110 11.72 16.58 -6.61
CA THR A 110 11.45 17.81 -7.35
C THR A 110 12.02 19.00 -6.60
N ASN A 111 12.20 18.81 -5.30
CA ASN A 111 12.75 19.83 -4.42
C ASN A 111 14.27 19.67 -4.31
N LEU A 112 14.80 18.71 -5.06
CA LEU A 112 16.23 18.43 -5.08
C LEU A 112 16.96 19.42 -5.98
N GLY A 113 16.18 20.29 -6.62
CA GLY A 113 16.74 21.28 -7.51
C GLY A 113 16.50 20.94 -8.96
N GLU A 114 16.37 19.65 -9.22
CA GLU A 114 16.13 19.16 -10.57
C GLU A 114 14.69 18.68 -10.67
N LYS A 115 14.10 18.82 -11.85
CA LYS A 115 12.73 18.38 -12.06
C LYS A 115 12.72 16.87 -12.31
N LEU A 116 11.86 16.17 -11.59
CA LEU A 116 11.76 14.73 -11.71
C LEU A 116 10.56 14.33 -12.55
N THR A 117 10.83 13.67 -13.67
CA THR A 117 9.79 13.22 -14.57
C THR A 117 9.23 11.88 -14.09
N ASP A 118 8.12 11.46 -14.67
CA ASP A 118 7.47 10.21 -14.29
C ASP A 118 8.36 9.00 -14.59
N GLU A 119 8.96 9.01 -15.77
CA GLU A 119 9.83 7.91 -16.19
C GLU A 119 11.08 7.83 -15.32
N GLU A 120 11.56 8.98 -14.86
CA GLU A 120 12.74 9.02 -14.02
C GLU A 120 12.44 8.44 -12.64
N VAL A 121 11.19 8.59 -12.21
CA VAL A 121 10.77 8.06 -10.91
C VAL A 121 10.77 6.53 -10.93
N ASP A 122 10.21 5.97 -11.99
CA ASP A 122 10.13 4.51 -12.13
C ASP A 122 11.52 3.90 -12.20
N GLU A 123 12.36 4.45 -13.07
CA GLU A 123 13.72 3.96 -13.26
C GLU A 123 14.62 4.24 -12.06
N MET A 124 14.12 5.00 -11.09
CA MET A 124 14.92 5.31 -9.91
C MET A 124 14.53 4.46 -8.71
N ILE A 125 13.24 4.29 -8.48
CA ILE A 125 12.79 3.51 -7.32
C ILE A 125 13.22 2.05 -7.41
N ARG A 126 13.20 1.50 -8.61
CA ARG A 126 13.59 0.10 -8.80
C ARG A 126 15.05 -0.13 -8.41
N GLU A 127 15.77 0.95 -8.20
CA GLU A 127 17.16 0.91 -7.78
C GLU A 127 17.22 0.58 -6.27
N ALA A 128 16.19 0.99 -5.54
CA ALA A 128 16.13 0.77 -4.10
C ALA A 128 15.53 -0.58 -3.80
N ASP A 129 14.68 -1.05 -4.71
CA ASP A 129 14.03 -2.34 -4.55
C ASP A 129 15.04 -3.46 -4.69
N ILE A 130 15.52 -3.95 -3.56
CA ILE A 130 16.53 -5.01 -3.57
C ILE A 130 15.87 -6.38 -3.70
N ASP A 131 14.71 -6.55 -3.09
CA ASP A 131 14.00 -7.80 -3.16
C ASP A 131 13.10 -7.86 -4.38
N GLY A 132 12.70 -6.70 -4.87
CA GLY A 132 11.85 -6.65 -6.04
C GLY A 132 10.41 -6.95 -5.68
N ASP A 133 9.94 -6.33 -4.61
CA ASP A 133 8.58 -6.52 -4.14
C ASP A 133 7.64 -5.49 -4.75
N GLY A 134 8.22 -4.42 -5.29
CA GLY A 134 7.43 -3.38 -5.91
C GLY A 134 7.24 -2.19 -4.99
N GLN A 135 7.96 -2.17 -3.87
CA GLN A 135 7.85 -1.09 -2.90
C GLN A 135 9.21 -0.79 -2.25
N VAL A 136 9.42 0.48 -1.94
CA VAL A 136 10.64 0.93 -1.29
C VAL A 136 10.44 0.88 0.22
N ASN A 137 10.72 -0.28 0.82
CA ASN A 137 10.53 -0.49 2.24
C ASN A 137 11.67 0.12 3.05
N TYR A 138 11.38 0.39 4.31
CA TYR A 138 12.35 0.98 5.23
C TYR A 138 13.55 0.05 5.46
N GLU A 139 13.26 -1.24 5.60
CA GLU A 139 14.29 -2.23 5.87
C GLU A 139 15.36 -2.28 4.77
N GLU A 140 14.96 -2.13 3.52
CA GLU A 140 15.92 -2.17 2.42
C GLU A 140 16.54 -0.80 2.19
N PHE A 141 15.83 0.24 2.61
CA PHE A 141 16.31 1.61 2.46
C PHE A 141 17.52 1.86 3.36
N VAL A 142 17.47 1.34 4.58
CA VAL A 142 18.58 1.53 5.51
C VAL A 142 19.79 0.71 5.09
N GLN A 143 19.54 -0.37 4.35
CA GLN A 143 20.61 -1.23 3.88
C GLN A 143 21.17 -0.72 2.55
N MET A 144 20.65 0.42 2.12
CA MET A 144 21.07 1.01 0.86
C MET A 144 22.14 2.08 1.09
N MET A 145 21.80 3.13 1.82
CA MET A 145 22.77 4.21 2.07
C MET A 145 22.87 4.58 3.55
N THR A 146 22.34 3.74 4.42
CA THR A 146 22.42 3.99 5.86
C THR A 146 23.44 3.05 6.50
N ALA A 147 23.53 1.85 5.95
CA ALA A 147 24.45 0.85 6.45
C ALA A 147 25.77 0.92 5.68
N LYS A 148 26.72 0.09 6.07
CA LYS A 148 28.02 0.07 5.42
C LYS A 148 28.31 -1.33 4.88
N ARG B 1 -12.14 5.17 0.17
CA ARG B 1 -11.37 4.12 0.88
C ARG B 1 -12.00 2.76 0.66
N ALA B 2 -11.31 1.71 1.07
CA ALA B 2 -11.79 0.35 0.92
C ALA B 2 -12.50 -0.10 2.20
N ALA B 3 -12.07 0.48 3.31
CA ALA B 3 -12.60 0.15 4.64
C ALA B 3 -14.13 0.24 4.70
N ASN B 4 -14.73 1.27 4.12
CA ASN B 4 -16.20 1.41 4.12
C ASN B 4 -16.81 0.84 2.85
N LEU B 5 -16.10 0.99 1.73
CA LEU B 5 -16.62 0.50 0.47
C LEU B 5 -16.75 -1.00 0.44
N TRP B 6 -15.70 -1.75 0.80
CA TRP B 6 -15.82 -3.22 0.81
C TRP B 6 -17.05 -3.63 1.64
N PRO B 7 -17.19 -3.12 2.89
CA PRO B 7 -18.40 -3.35 3.72
C PRO B 7 -19.71 -3.13 2.97
N SER B 8 -19.71 -2.20 1.99
CA SER B 8 -20.91 -1.95 1.20
C SER B 8 -21.29 -3.24 0.41
N PRO B 9 -20.51 -3.68 -0.62
CA PRO B 9 -20.80 -4.97 -1.29
C PRO B 9 -21.01 -6.10 -0.29
N LEU B 10 -20.32 -6.04 0.85
CA LEU B 10 -20.47 -7.03 1.90
C LEU B 10 -21.90 -7.01 2.44
N MET B 11 -22.44 -5.80 2.60
CA MET B 11 -23.80 -5.61 3.06
C MET B 11 -24.77 -6.15 2.01
N ILE B 12 -24.46 -5.87 0.76
CA ILE B 12 -25.27 -6.35 -0.36
C ILE B 12 -25.21 -7.87 -0.40
N LYS B 13 -24.03 -8.40 -0.08
CA LYS B 13 -23.80 -9.84 -0.04
C LYS B 13 -24.71 -10.46 0.99
N ARG B 14 -24.87 -9.77 2.12
CA ARG B 14 -25.74 -10.23 3.19
C ARG B 14 -27.17 -10.32 2.68
N SER B 15 -27.56 -9.30 1.91
CA SER B 15 -28.89 -9.24 1.33
C SER B 15 -29.05 -10.36 0.30
N LYS B 16 -27.99 -10.63 -0.46
CA LYS B 16 -28.02 -11.68 -1.47
C LYS B 16 -28.05 -13.06 -0.81
N LYS B 17 -27.31 -13.20 0.28
CA LYS B 17 -27.28 -14.46 1.02
C LYS B 17 -28.64 -14.73 1.65
N ASN B 18 -29.40 -13.66 1.87
CA ASN B 18 -30.74 -13.75 2.43
C ASN B 18 -31.74 -14.04 1.32
N SER B 19 -31.42 -13.60 0.12
CA SER B 19 -32.27 -13.81 -1.04
C SER B 19 -31.88 -15.10 -1.76
N ARG C 1 18.74 8.97 -15.05
CA ARG C 1 18.29 8.04 -14.00
C ARG C 1 18.44 8.67 -12.62
N ALA C 2 17.31 8.96 -11.98
CA ALA C 2 17.28 9.57 -10.65
C ALA C 2 17.88 8.71 -9.54
N ALA C 3 18.31 7.49 -9.87
CA ALA C 3 18.90 6.58 -8.89
C ALA C 3 19.94 7.27 -8.00
N ASN C 4 20.88 8.00 -8.62
CA ASN C 4 21.91 8.71 -7.86
C ASN C 4 21.26 9.77 -6.97
N LEU C 5 20.08 10.21 -7.39
CA LEU C 5 19.34 11.20 -6.64
C LEU C 5 18.71 10.53 -5.42
N TRP C 6 18.39 9.23 -5.52
CA TRP C 6 17.84 8.46 -4.38
C TRP C 6 18.72 8.75 -3.13
N PRO C 7 20.05 8.41 -3.20
CA PRO C 7 20.97 8.63 -2.08
C PRO C 7 21.22 10.09 -1.78
N SER C 8 21.16 10.96 -2.77
CA SER C 8 21.43 12.38 -2.52
C SER C 8 20.54 12.95 -1.39
N PRO C 9 19.21 13.19 -1.56
CA PRO C 9 18.37 13.67 -0.47
C PRO C 9 18.53 12.84 0.80
N LEU C 10 18.64 11.50 0.68
CA LEU C 10 18.80 10.70 1.90
C LEU C 10 20.14 11.00 2.59
N MET C 11 21.19 11.16 1.79
CA MET C 11 22.52 11.47 2.31
C MET C 11 22.54 12.89 2.85
N ILE C 12 21.91 13.80 2.11
CA ILE C 12 21.83 15.20 2.53
C ILE C 12 21.12 15.28 3.87
N LYS C 13 20.09 14.47 4.04
CA LYS C 13 19.34 14.41 5.28
C LYS C 13 20.28 14.00 6.41
N ARG C 14 21.06 12.95 6.17
CA ARG C 14 22.01 12.44 7.14
C ARG C 14 23.08 13.49 7.46
N SER C 15 23.55 14.17 6.42
CA SER C 15 24.56 15.21 6.59
C SER C 15 23.99 16.41 7.31
N LYS C 16 22.73 16.73 7.01
CA LYS C 16 22.03 17.85 7.65
C LYS C 16 21.79 17.54 9.12
N LYS C 17 21.44 16.29 9.41
CA LYS C 17 21.21 15.84 10.76
C LYS C 17 22.54 15.76 11.51
N ASN C 18 23.61 15.59 10.73
CA ASN C 18 24.96 15.52 11.30
C ASN C 18 25.47 16.93 11.55
N SER C 19 24.94 17.88 10.78
CA SER C 19 25.30 19.28 10.91
C SER C 19 24.34 19.98 11.86
#